data_8OM6
# 
_entry.id   8OM6 
# 
_audit_conform.dict_name       mmcif_pdbx.dic 
_audit_conform.dict_version    5.402 
_audit_conform.dict_location   http://mmcif.pdb.org/dictionaries/ascii/mmcif_pdbx.dic 
# 
loop_
_database_2.database_id 
_database_2.database_code 
_database_2.pdbx_database_accession 
_database_2.pdbx_DOI 
PDB   8OM6         pdb_00008om6 10.2210/pdb8om6/pdb 
WWPDB D_1292129425 ?            ?                   
# 
loop_
_pdbx_audit_revision_history.ordinal 
_pdbx_audit_revision_history.data_content_type 
_pdbx_audit_revision_history.major_revision 
_pdbx_audit_revision_history.minor_revision 
_pdbx_audit_revision_history.revision_date 
_pdbx_audit_revision_history.part_number 
1 'Structure model' 1 0 2024-03-06 ? 
2 'Structure model' 2 0 2024-09-04 ? 
3 'Structure model' 2 1 2024-11-13 ? 
4 'Structure model' 2 2 2025-03-19 ? 
# 
_pdbx_audit_revision_details.ordinal             1 
_pdbx_audit_revision_details.revision_ordinal    1 
_pdbx_audit_revision_details.data_content_type   'Structure model' 
_pdbx_audit_revision_details.provider            repository 
_pdbx_audit_revision_details.type                'Initial release' 
_pdbx_audit_revision_details.description         ? 
_pdbx_audit_revision_details.details             ? 
# 
loop_
_pdbx_audit_revision_group.ordinal 
_pdbx_audit_revision_group.revision_ordinal 
_pdbx_audit_revision_group.data_content_type 
_pdbx_audit_revision_group.group 
1 2 'Structure model' Advisory                 
2 2 'Structure model' 'Atomic model'           
3 2 'Structure model' 'Data collection'        
4 2 'Structure model' 'Database references'    
5 2 'Structure model' 'Derived calculations'   
6 2 'Structure model' 'Refinement description' 
7 2 'Structure model' 'Structure summary'      
8 3 'Structure model' 'Structure summary'      
9 4 'Structure model' 'Database references'    
# 
loop_
_pdbx_audit_revision_category.ordinal 
_pdbx_audit_revision_category.revision_ordinal 
_pdbx_audit_revision_category.data_content_type 
_pdbx_audit_revision_category.category 
1  2 'Structure model' atom_site                       
2  2 'Structure model' pdbx_initial_refinement_model   
3  2 'Structure model' pdbx_poly_seq_scheme            
4  2 'Structure model' pdbx_struct_sheet_hbond         
5  2 'Structure model' pdbx_unobs_or_zero_occ_residues 
6  2 'Structure model' pdbx_validate_torsion           
7  2 'Structure model' refine                          
8  2 'Structure model' struct_conf                     
9  2 'Structure model' struct_conn                     
10 2 'Structure model' struct_keywords                 
11 2 'Structure model' struct_ref_seq                  
12 2 'Structure model' struct_ref_seq_dif              
13 2 'Structure model' struct_sheet_range              
14 3 'Structure model' pdbx_entry_details              
15 3 'Structure model' pdbx_modification_feature       
16 4 'Structure model' citation                        
17 4 'Structure model' citation_author                 
# 
loop_
_pdbx_audit_revision_item.ordinal 
_pdbx_audit_revision_item.revision_ordinal 
_pdbx_audit_revision_item.data_content_type 
_pdbx_audit_revision_item.item 
1  2 'Structure model' '_atom_site.auth_seq_id'                       
2  2 'Structure model' '_pdbx_poly_seq_scheme.pdb_seq_num'            
3  2 'Structure model' '_pdbx_struct_sheet_hbond.range_1_auth_seq_id' 
4  2 'Structure model' '_pdbx_struct_sheet_hbond.range_2_auth_seq_id' 
5  2 'Structure model' '_pdbx_unobs_or_zero_occ_residues.auth_seq_id' 
6  2 'Structure model' '_pdbx_validate_torsion.auth_seq_id'           
7  2 'Structure model' '_refine.pdbx_starting_model'                  
8  2 'Structure model' '_struct_conf.beg_auth_seq_id'                 
9  2 'Structure model' '_struct_conf.end_auth_seq_id'                 
10 2 'Structure model' '_struct_conn.ptnr1_auth_seq_id'               
11 2 'Structure model' '_struct_conn.ptnr2_auth_seq_id'               
12 2 'Structure model' '_struct_keywords.pdbx_keywords'               
13 2 'Structure model' '_struct_keywords.text'                        
14 2 'Structure model' '_struct_ref_seq.pdbx_auth_seq_align_beg'      
15 2 'Structure model' '_struct_ref_seq.pdbx_auth_seq_align_end'      
16 2 'Structure model' '_struct_ref_seq_dif.pdbx_auth_seq_num'        
17 2 'Structure model' '_struct_sheet_range.beg_auth_seq_id'          
18 2 'Structure model' '_struct_sheet_range.end_auth_seq_id'          
19 4 'Structure model' '_citation.country'                            
20 4 'Structure model' '_citation.journal_abbrev'                     
21 4 'Structure model' '_citation.journal_id_CSD'                     
22 4 'Structure model' '_citation.journal_id_ISSN'                    
23 4 'Structure model' '_citation.journal_volume'                     
24 4 'Structure model' '_citation.page_first'                         
25 4 'Structure model' '_citation.page_last'                          
26 4 'Structure model' '_citation.pdbx_database_id_DOI'               
27 4 'Structure model' '_citation.pdbx_database_id_PubMed'            
28 4 'Structure model' '_citation.title'                              
29 4 'Structure model' '_citation.year'                               
# 
_pdbx_database_status.status_code                     REL 
_pdbx_database_status.status_code_sf                  REL 
_pdbx_database_status.status_code_mr                  ? 
_pdbx_database_status.entry_id                        8OM6 
_pdbx_database_status.recvd_initial_deposition_date   2023-03-31 
_pdbx_database_status.SG_entry                        N 
_pdbx_database_status.deposit_site                    PDBE 
_pdbx_database_status.process_site                    PDBE 
_pdbx_database_status.status_code_cs                  ? 
_pdbx_database_status.status_code_nmr_data            ? 
_pdbx_database_status.methods_development_category    ? 
_pdbx_database_status.pdb_format_compatible           Y 
# 
loop_
_pdbx_contact_author.id 
_pdbx_contact_author.email 
_pdbx_contact_author.name_first 
_pdbx_contact_author.name_last 
_pdbx_contact_author.name_mi 
_pdbx_contact_author.role 
_pdbx_contact_author.identifier_ORCID 
2 martin.marek@recetox.muni.cz Martin Marek               ? 'principal investigator/group leader' 0000-0001-7220-5644 
3 Chaloupkova@enantis.com      Radka  Chaloupkova         ? 'principal investigator/group leader' 0000-0002-3539-7445 
4 delabourdonnaye@enantis.com  Gabin  'de La Bourdonnaye' ? 'principal investigator/group leader' 0009-0009-2864-9884 
# 
loop_
_audit_author.name 
_audit_author.pdbx_ordinal 
_audit_author.identifier_ORCID 
'Marek, M.'             1 0000-0001-7220-5644 
'Chaloupkova, R.'       2 0000-0002-3539-7445 
'de La Bourdonnaye, G.' 3 0009-0009-2864-9884 
# 
_citation.abstract                  ? 
_citation.abstract_id_CAS           ? 
_citation.book_id_ISBN              ? 
_citation.book_publisher            ? 
_citation.book_publisher_city       ? 
_citation.book_title                ? 
_citation.coordinate_linkage        ? 
_citation.country                   NE 
_citation.database_id_Medline       ? 
_citation.details                   ? 
_citation.id                        primary 
_citation.journal_abbrev            'J Struct Biol X' 
_citation.journal_id_ASTM           ? 
_citation.journal_id_CSD            ? 
_citation.journal_id_ISSN           2590-1524 
_citation.journal_full              ? 
_citation.journal_issue             ? 
_citation.journal_volume            10 
_citation.language                  ? 
_citation.page_first                100112 
_citation.page_last                 100112 
_citation.title                     'Structural analysis of the stable form of fibroblast growth factor 2 - FGF2-STAB.' 
_citation.year                      2024 
_citation.database_id_CSD           ? 
_citation.pdbx_database_id_DOI      10.1016/j.yjsbx.2024.100112 
_citation.pdbx_database_id_PubMed   39512606 
_citation.pdbx_database_id_patent   ? 
_citation.unpublished_flag          ? 
# 
loop_
_citation_author.citation_id 
_citation_author.name 
_citation_author.ordinal 
_citation_author.identifier_ORCID 
primary 'de La Bourdonnaye, G.' 1 ? 
primary 'Marek, M.'             2 ? 
primary 'Ghazalova, T.'         3 ? 
primary 'Damborsky, J.'         4 ? 
primary 'Pachl, P.'             5 ? 
primary 'Brynda, J.'            6 ? 
primary 'Stepankova, V.'        7 ? 
primary 'Chaloupkova, R.'       8 ? 
# 
loop_
_entity.id 
_entity.type 
_entity.src_method 
_entity.pdbx_description 
_entity.formula_weight 
_entity.pdbx_number_of_molecules 
_entity.pdbx_ec 
_entity.pdbx_mutation 
_entity.pdbx_fragment 
_entity.details 
1 polymer man 'Fibroblast growth factor 2' 19531.270 1   ? ? ? ? 
2 water   nat water                        18.015    128 ? ? ? ? 
# 
_entity_name_com.entity_id   1 
_entity_name_com.name        'FGF-2,Basic fibroblast growth factor,bFGF,Heparin-binding growth factor 2,HBGF-2' 
# 
_entity_poly.entity_id                      1 
_entity_poly.type                           'polypeptide(L)' 
_entity_poly.nstd_linkage                   no 
_entity_poly.nstd_monomer                   no 
_entity_poly.pdbx_seq_one_letter_code       
;MGSSHHHHHHSSGLVPRGSHMAAGSITTLPALPEDGGSGAFPPGHFKDPKLLYCKNGGFFLRIHPDGRVDGTRDKSDPFI
KLQLQAEERGVVSIKGVCANRYLAMKEDGRLYAIKNVTDECFFFERLEENNYNTYRSRKYPSWYVALKRTGQYKLGSKTG
PGQKAILFLPMSAKS
;
_entity_poly.pdbx_seq_one_letter_code_can   
;MGSSHHHHHHSSGLVPRGSHMAAGSITTLPALPEDGGSGAFPPGHFKDPKLLYCKNGGFFLRIHPDGRVDGTRDKSDPFI
KLQLQAEERGVVSIKGVCANRYLAMKEDGRLYAIKNVTDECFFFERLEENNYNTYRSRKYPSWYVALKRTGQYKLGSKTG
PGQKAILFLPMSAKS
;
_entity_poly.pdbx_strand_id                 A 
_entity_poly.pdbx_target_identifier         ? 
# 
_pdbx_entity_nonpoly.entity_id   2 
_pdbx_entity_nonpoly.name        water 
_pdbx_entity_nonpoly.comp_id     HOH 
# 
loop_
_entity_poly_seq.entity_id 
_entity_poly_seq.num 
_entity_poly_seq.mon_id 
_entity_poly_seq.hetero 
1 1   MET n 
1 2   GLY n 
1 3   SER n 
1 4   SER n 
1 5   HIS n 
1 6   HIS n 
1 7   HIS n 
1 8   HIS n 
1 9   HIS n 
1 10  HIS n 
1 11  SER n 
1 12  SER n 
1 13  GLY n 
1 14  LEU n 
1 15  VAL n 
1 16  PRO n 
1 17  ARG n 
1 18  GLY n 
1 19  SER n 
1 20  HIS n 
1 21  MET n 
1 22  ALA n 
1 23  ALA n 
1 24  GLY n 
1 25  SER n 
1 26  ILE n 
1 27  THR n 
1 28  THR n 
1 29  LEU n 
1 30  PRO n 
1 31  ALA n 
1 32  LEU n 
1 33  PRO n 
1 34  GLU n 
1 35  ASP n 
1 36  GLY n 
1 37  GLY n 
1 38  SER n 
1 39  GLY n 
1 40  ALA n 
1 41  PHE n 
1 42  PRO n 
1 43  PRO n 
1 44  GLY n 
1 45  HIS n 
1 46  PHE n 
1 47  LYS n 
1 48  ASP n 
1 49  PRO n 
1 50  LYS n 
1 51  LEU n 
1 52  LEU n 
1 53  TYR n 
1 54  CYS n 
1 55  LYS n 
1 56  ASN n 
1 57  GLY n 
1 58  GLY n 
1 59  PHE n 
1 60  PHE n 
1 61  LEU n 
1 62  ARG n 
1 63  ILE n 
1 64  HIS n 
1 65  PRO n 
1 66  ASP n 
1 67  GLY n 
1 68  ARG n 
1 69  VAL n 
1 70  ASP n 
1 71  GLY n 
1 72  THR n 
1 73  ARG n 
1 74  ASP n 
1 75  LYS n 
1 76  SER n 
1 77  ASP n 
1 78  PRO n 
1 79  PHE n 
1 80  ILE n 
1 81  LYS n 
1 82  LEU n 
1 83  GLN n 
1 84  LEU n 
1 85  GLN n 
1 86  ALA n 
1 87  GLU n 
1 88  GLU n 
1 89  ARG n 
1 90  GLY n 
1 91  VAL n 
1 92  VAL n 
1 93  SER n 
1 94  ILE n 
1 95  LYS n 
1 96  GLY n 
1 97  VAL n 
1 98  CYS n 
1 99  ALA n 
1 100 ASN n 
1 101 ARG n 
1 102 TYR n 
1 103 LEU n 
1 104 ALA n 
1 105 MET n 
1 106 LYS n 
1 107 GLU n 
1 108 ASP n 
1 109 GLY n 
1 110 ARG n 
1 111 LEU n 
1 112 TYR n 
1 113 ALA n 
1 114 ILE n 
1 115 LYS n 
1 116 ASN n 
1 117 VAL n 
1 118 THR n 
1 119 ASP n 
1 120 GLU n 
1 121 CYS n 
1 122 PHE n 
1 123 PHE n 
1 124 PHE n 
1 125 GLU n 
1 126 ARG n 
1 127 LEU n 
1 128 GLU n 
1 129 GLU n 
1 130 ASN n 
1 131 ASN n 
1 132 TYR n 
1 133 ASN n 
1 134 THR n 
1 135 TYR n 
1 136 ARG n 
1 137 SER n 
1 138 ARG n 
1 139 LYS n 
1 140 TYR n 
1 141 PRO n 
1 142 SER n 
1 143 TRP n 
1 144 TYR n 
1 145 VAL n 
1 146 ALA n 
1 147 LEU n 
1 148 LYS n 
1 149 ARG n 
1 150 THR n 
1 151 GLY n 
1 152 GLN n 
1 153 TYR n 
1 154 LYS n 
1 155 LEU n 
1 156 GLY n 
1 157 SER n 
1 158 LYS n 
1 159 THR n 
1 160 GLY n 
1 161 PRO n 
1 162 GLY n 
1 163 GLN n 
1 164 LYS n 
1 165 ALA n 
1 166 ILE n 
1 167 LEU n 
1 168 PHE n 
1 169 LEU n 
1 170 PRO n 
1 171 MET n 
1 172 SER n 
1 173 ALA n 
1 174 LYS n 
1 175 SER n 
# 
_entity_src_gen.entity_id                          1 
_entity_src_gen.pdbx_src_id                        1 
_entity_src_gen.pdbx_alt_source_flag               sample 
_entity_src_gen.pdbx_seq_type                      'Biological sequence' 
_entity_src_gen.pdbx_beg_seq_num                   1 
_entity_src_gen.pdbx_end_seq_num                   175 
_entity_src_gen.gene_src_common_name               human 
_entity_src_gen.gene_src_genus                     ? 
_entity_src_gen.pdbx_gene_src_gene                 'FGF2, FGFB' 
_entity_src_gen.gene_src_species                   ? 
_entity_src_gen.gene_src_strain                    ? 
_entity_src_gen.gene_src_tissue                    ? 
_entity_src_gen.gene_src_tissue_fraction           ? 
_entity_src_gen.gene_src_details                   ? 
_entity_src_gen.pdbx_gene_src_fragment             ? 
_entity_src_gen.pdbx_gene_src_scientific_name      'Homo sapiens' 
_entity_src_gen.pdbx_gene_src_ncbi_taxonomy_id     9606 
_entity_src_gen.pdbx_gene_src_variant              ? 
_entity_src_gen.pdbx_gene_src_cell_line            ? 
_entity_src_gen.pdbx_gene_src_atcc                 ? 
_entity_src_gen.pdbx_gene_src_organ                ? 
_entity_src_gen.pdbx_gene_src_organelle            ? 
_entity_src_gen.pdbx_gene_src_cell                 ? 
_entity_src_gen.pdbx_gene_src_cellular_location    ? 
_entity_src_gen.host_org_common_name               ? 
_entity_src_gen.pdbx_host_org_scientific_name      'Escherichia coli' 
_entity_src_gen.pdbx_host_org_ncbi_taxonomy_id     562 
_entity_src_gen.host_org_genus                     ? 
_entity_src_gen.pdbx_host_org_gene                 ? 
_entity_src_gen.pdbx_host_org_organ                ? 
_entity_src_gen.host_org_species                   ? 
_entity_src_gen.pdbx_host_org_tissue               ? 
_entity_src_gen.pdbx_host_org_tissue_fraction      ? 
_entity_src_gen.pdbx_host_org_strain               ? 
_entity_src_gen.pdbx_host_org_variant              ? 
_entity_src_gen.pdbx_host_org_cell_line            ? 
_entity_src_gen.pdbx_host_org_atcc                 ? 
_entity_src_gen.pdbx_host_org_culture_collection   ? 
_entity_src_gen.pdbx_host_org_cell                 ? 
_entity_src_gen.pdbx_host_org_organelle            ? 
_entity_src_gen.pdbx_host_org_cellular_location    ? 
_entity_src_gen.pdbx_host_org_vector_type          ? 
_entity_src_gen.pdbx_host_org_vector               ? 
_entity_src_gen.host_org_details                   ? 
_entity_src_gen.expression_system_id               ? 
_entity_src_gen.plasmid_name                       ? 
_entity_src_gen.plasmid_details                    ? 
_entity_src_gen.pdbx_description                   ? 
# 
loop_
_chem_comp.id 
_chem_comp.type 
_chem_comp.mon_nstd_flag 
_chem_comp.name 
_chem_comp.pdbx_synonyms 
_chem_comp.formula 
_chem_comp.formula_weight 
ALA 'L-peptide linking' y ALANINE         ? 'C3 H7 N O2'     89.093  
ARG 'L-peptide linking' y ARGININE        ? 'C6 H15 N4 O2 1' 175.209 
ASN 'L-peptide linking' y ASPARAGINE      ? 'C4 H8 N2 O3'    132.118 
ASP 'L-peptide linking' y 'ASPARTIC ACID' ? 'C4 H7 N O4'     133.103 
CYS 'L-peptide linking' y CYSTEINE        ? 'C3 H7 N O2 S'   121.158 
GLN 'L-peptide linking' y GLUTAMINE       ? 'C5 H10 N2 O3'   146.144 
GLU 'L-peptide linking' y 'GLUTAMIC ACID' ? 'C5 H9 N O4'     147.129 
GLY 'peptide linking'   y GLYCINE         ? 'C2 H5 N O2'     75.067  
HIS 'L-peptide linking' y HISTIDINE       ? 'C6 H10 N3 O2 1' 156.162 
HOH non-polymer         . WATER           ? 'H2 O'           18.015  
ILE 'L-peptide linking' y ISOLEUCINE      ? 'C6 H13 N O2'    131.173 
LEU 'L-peptide linking' y LEUCINE         ? 'C6 H13 N O2'    131.173 
LYS 'L-peptide linking' y LYSINE          ? 'C6 H15 N2 O2 1' 147.195 
MET 'L-peptide linking' y METHIONINE      ? 'C5 H11 N O2 S'  149.211 
PHE 'L-peptide linking' y PHENYLALANINE   ? 'C9 H11 N O2'    165.189 
PRO 'L-peptide linking' y PROLINE         ? 'C5 H9 N O2'     115.130 
SER 'L-peptide linking' y SERINE          ? 'C3 H7 N O3'     105.093 
THR 'L-peptide linking' y THREONINE       ? 'C4 H9 N O3'     119.119 
TRP 'L-peptide linking' y TRYPTOPHAN      ? 'C11 H12 N2 O2'  204.225 
TYR 'L-peptide linking' y TYROSINE        ? 'C9 H11 N O3'    181.189 
VAL 'L-peptide linking' y VALINE          ? 'C5 H11 N O2'    117.146 
# 
loop_
_pdbx_poly_seq_scheme.asym_id 
_pdbx_poly_seq_scheme.entity_id 
_pdbx_poly_seq_scheme.seq_id 
_pdbx_poly_seq_scheme.mon_id 
_pdbx_poly_seq_scheme.ndb_seq_num 
_pdbx_poly_seq_scheme.pdb_seq_num 
_pdbx_poly_seq_scheme.auth_seq_num 
_pdbx_poly_seq_scheme.pdb_mon_id 
_pdbx_poly_seq_scheme.auth_mon_id 
_pdbx_poly_seq_scheme.pdb_strand_id 
_pdbx_poly_seq_scheme.pdb_ins_code 
_pdbx_poly_seq_scheme.hetero 
A 1 1   MET 1   -19 ?   ?   ?   A . n 
A 1 2   GLY 2   -18 ?   ?   ?   A . n 
A 1 3   SER 3   -17 ?   ?   ?   A . n 
A 1 4   SER 4   -16 ?   ?   ?   A . n 
A 1 5   HIS 5   -15 ?   ?   ?   A . n 
A 1 6   HIS 6   -14 ?   ?   ?   A . n 
A 1 7   HIS 7   -13 ?   ?   ?   A . n 
A 1 8   HIS 8   -12 ?   ?   ?   A . n 
A 1 9   HIS 9   -11 ?   ?   ?   A . n 
A 1 10  HIS 10  -10 ?   ?   ?   A . n 
A 1 11  SER 11  -9  ?   ?   ?   A . n 
A 1 12  SER 12  -8  ?   ?   ?   A . n 
A 1 13  GLY 13  -7  ?   ?   ?   A . n 
A 1 14  LEU 14  -6  ?   ?   ?   A . n 
A 1 15  VAL 15  -5  ?   ?   ?   A . n 
A 1 16  PRO 16  -4  ?   ?   ?   A . n 
A 1 17  ARG 17  -3  ?   ?   ?   A . n 
A 1 18  GLY 18  -2  ?   ?   ?   A . n 
A 1 19  SER 19  -1  ?   ?   ?   A . n 
A 1 20  HIS 20  0   ?   ?   ?   A . n 
A 1 21  MET 21  1   ?   ?   ?   A . n 
A 1 22  ALA 22  2   ?   ?   ?   A . n 
A 1 23  ALA 23  3   ?   ?   ?   A . n 
A 1 24  GLY 24  4   ?   ?   ?   A . n 
A 1 25  SER 25  5   ?   ?   ?   A . n 
A 1 26  ILE 26  6   ?   ?   ?   A . n 
A 1 27  THR 27  7   ?   ?   ?   A . n 
A 1 28  THR 28  8   ?   ?   ?   A . n 
A 1 29  LEU 29  9   ?   ?   ?   A . n 
A 1 30  PRO 30  10  ?   ?   ?   A . n 
A 1 31  ALA 31  11  ?   ?   ?   A . n 
A 1 32  LEU 32  12  ?   ?   ?   A . n 
A 1 33  PRO 33  13  ?   ?   ?   A . n 
A 1 34  GLU 34  14  ?   ?   ?   A . n 
A 1 35  ASP 35  15  ?   ?   ?   A . n 
A 1 36  GLY 36  16  ?   ?   ?   A . n 
A 1 37  GLY 37  17  ?   ?   ?   A . n 
A 1 38  SER 38  18  ?   ?   ?   A . n 
A 1 39  GLY 39  19  ?   ?   ?   A . n 
A 1 40  ALA 40  20  ?   ?   ?   A . n 
A 1 41  PHE 41  21  41  PHE PHE A . n 
A 1 42  PRO 42  22  42  PRO PRO A . n 
A 1 43  PRO 43  23  43  PRO PRO A . n 
A 1 44  GLY 44  24  44  GLY GLY A . n 
A 1 45  HIS 45  25  45  HIS HIS A . n 
A 1 46  PHE 46  26  46  PHE PHE A . n 
A 1 47  LYS 47  27  47  LYS LYS A . n 
A 1 48  ASP 48  28  48  ASP ASP A . n 
A 1 49  PRO 49  29  49  PRO PRO A . n 
A 1 50  LYS 50  30  50  LYS LYS A . n 
A 1 51  LEU 51  31  51  LEU LEU A . n 
A 1 52  LEU 52  32  52  LEU LEU A . n 
A 1 53  TYR 53  33  53  TYR TYR A . n 
A 1 54  CYS 54  34  54  CYS CYS A . n 
A 1 55  LYS 55  35  55  LYS LYS A . n 
A 1 56  ASN 56  36  56  ASN ASN A . n 
A 1 57  GLY 57  37  57  GLY GLY A . n 
A 1 58  GLY 58  38  58  GLY GLY A . n 
A 1 59  PHE 59  39  59  PHE PHE A . n 
A 1 60  PHE 60  40  60  PHE PHE A . n 
A 1 61  LEU 61  41  61  LEU LEU A . n 
A 1 62  ARG 62  42  62  ARG ARG A . n 
A 1 63  ILE 63  43  63  ILE ILE A . n 
A 1 64  HIS 64  44  64  HIS HIS A . n 
A 1 65  PRO 65  45  65  PRO PRO A . n 
A 1 66  ASP 66  46  66  ASP ASP A . n 
A 1 67  GLY 67  47  67  GLY GLY A . n 
A 1 68  ARG 68  48  68  ARG ARG A . n 
A 1 69  VAL 69  49  69  VAL VAL A . n 
A 1 70  ASP 70  50  70  ASP ASP A . n 
A 1 71  GLY 71  51  71  GLY GLY A . n 
A 1 72  THR 72  52  72  THR THR A . n 
A 1 73  ARG 73  53  73  ARG ARG A . n 
A 1 74  ASP 74  54  74  ASP ASP A . n 
A 1 75  LYS 75  55  75  LYS LYS A . n 
A 1 76  SER 76  56  76  SER SER A . n 
A 1 77  ASP 77  57  77  ASP ASP A . n 
A 1 78  PRO 78  58  78  PRO PRO A . n 
A 1 79  PHE 79  59  79  PHE PHE A . n 
A 1 80  ILE 80  60  80  ILE ILE A . n 
A 1 81  LYS 81  61  81  LYS LYS A . n 
A 1 82  LEU 82  62  82  LEU LEU A . n 
A 1 83  GLN 83  63  83  GLN GLN A . n 
A 1 84  LEU 84  64  84  LEU LEU A . n 
A 1 85  GLN 85  65  85  GLN GLN A . n 
A 1 86  ALA 86  66  86  ALA ALA A . n 
A 1 87  GLU 87  67  87  GLU GLU A . n 
A 1 88  GLU 88  68  88  GLU GLU A . n 
A 1 89  ARG 89  69  89  ARG ARG A . n 
A 1 90  GLY 90  70  90  GLY GLY A . n 
A 1 91  VAL 91  71  91  VAL VAL A . n 
A 1 92  VAL 92  72  92  VAL VAL A . n 
A 1 93  SER 93  73  93  SER SER A . n 
A 1 94  ILE 94  74  94  ILE ILE A . n 
A 1 95  LYS 95  75  95  LYS LYS A . n 
A 1 96  GLY 96  76  96  GLY GLY A . n 
A 1 97  VAL 97  77  97  VAL VAL A . n 
A 1 98  CYS 98  78  98  CYS CYS A . n 
A 1 99  ALA 99  79  99  ALA ALA A . n 
A 1 100 ASN 100 80  100 ASN ASN A . n 
A 1 101 ARG 101 81  101 ARG ARG A . n 
A 1 102 TYR 102 82  102 TYR TYR A . n 
A 1 103 LEU 103 83  103 LEU LEU A . n 
A 1 104 ALA 104 84  104 ALA ALA A . n 
A 1 105 MET 105 85  105 MET MET A . n 
A 1 106 LYS 106 86  106 LYS LYS A . n 
A 1 107 GLU 107 87  107 GLU GLU A . n 
A 1 108 ASP 108 88  108 ASP ASP A . n 
A 1 109 GLY 109 89  109 GLY GLY A . n 
A 1 110 ARG 110 90  110 ARG ARG A . n 
A 1 111 LEU 111 91  111 LEU LEU A . n 
A 1 112 TYR 112 92  112 TYR TYR A . n 
A 1 113 ALA 113 93  113 ALA ALA A . n 
A 1 114 ILE 114 94  114 ILE ILE A . n 
A 1 115 LYS 115 95  115 LYS LYS A . n 
A 1 116 ASN 116 96  116 ASN ASN A . n 
A 1 117 VAL 117 97  117 VAL VAL A . n 
A 1 118 THR 118 98  118 THR THR A . n 
A 1 119 ASP 119 99  119 ASP ASP A . n 
A 1 120 GLU 120 100 120 GLU GLU A . n 
A 1 121 CYS 121 101 121 CYS CYS A . n 
A 1 122 PHE 122 102 122 PHE PHE A . n 
A 1 123 PHE 123 103 123 PHE PHE A . n 
A 1 124 PHE 124 104 124 PHE PHE A . n 
A 1 125 GLU 125 105 125 GLU GLU A . n 
A 1 126 ARG 126 106 126 ARG ARG A . n 
A 1 127 LEU 127 107 127 LEU LEU A . n 
A 1 128 GLU 128 108 128 GLU GLU A . n 
A 1 129 GLU 129 109 129 GLU GLU A . n 
A 1 130 ASN 130 110 130 ASN ASN A . n 
A 1 131 ASN 131 111 131 ASN ASN A . n 
A 1 132 TYR 132 112 132 TYR TYR A . n 
A 1 133 ASN 133 113 133 ASN ASN A . n 
A 1 134 THR 134 114 134 THR THR A . n 
A 1 135 TYR 135 115 135 TYR TYR A . n 
A 1 136 ARG 136 116 136 ARG ARG A . n 
A 1 137 SER 137 117 137 SER SER A . n 
A 1 138 ARG 138 118 138 ARG ARG A . n 
A 1 139 LYS 139 119 139 LYS LYS A . n 
A 1 140 TYR 140 120 140 TYR TYR A . n 
A 1 141 PRO 141 121 141 PRO PRO A . n 
A 1 142 SER 142 122 142 SER SER A . n 
A 1 143 TRP 143 123 143 TRP TRP A . n 
A 1 144 TYR 144 124 144 TYR TYR A . n 
A 1 145 VAL 145 125 145 VAL VAL A . n 
A 1 146 ALA 146 126 146 ALA ALA A . n 
A 1 147 LEU 147 127 147 LEU LEU A . n 
A 1 148 LYS 148 128 148 LYS LYS A . n 
A 1 149 ARG 149 129 149 ARG ARG A . n 
A 1 150 THR 150 130 150 THR THR A . n 
A 1 151 GLY 151 131 151 GLY GLY A . n 
A 1 152 GLN 152 132 152 GLN GLN A . n 
A 1 153 TYR 153 133 153 TYR TYR A . n 
A 1 154 LYS 154 134 154 LYS LYS A . n 
A 1 155 LEU 155 135 155 LEU LEU A . n 
A 1 156 GLY 156 136 156 GLY GLY A . n 
A 1 157 SER 157 137 157 SER SER A . n 
A 1 158 LYS 158 138 158 LYS LYS A . n 
A 1 159 THR 159 139 159 THR THR A . n 
A 1 160 GLY 160 140 160 GLY GLY A . n 
A 1 161 PRO 161 141 161 PRO PRO A . n 
A 1 162 GLY 162 142 162 GLY GLY A . n 
A 1 163 GLN 163 143 163 GLN GLN A . n 
A 1 164 LYS 164 144 164 LYS LYS A . n 
A 1 165 ALA 165 145 165 ALA ALA A . n 
A 1 166 ILE 166 146 166 ILE ILE A . n 
A 1 167 LEU 167 147 167 LEU LEU A . n 
A 1 168 PHE 168 148 168 PHE PHE A . n 
A 1 169 LEU 169 149 169 LEU LEU A . n 
A 1 170 PRO 170 150 170 PRO PRO A . n 
A 1 171 MET 171 151 171 MET MET A . n 
A 1 172 SER 172 152 172 SER SER A . n 
A 1 173 ALA 173 153 173 ALA ALA A . n 
A 1 174 LYS 174 154 174 LYS LYS A . n 
A 1 175 SER 175 155 ?   ?   ?   A . n 
# 
loop_
_pdbx_nonpoly_scheme.asym_id 
_pdbx_nonpoly_scheme.entity_id 
_pdbx_nonpoly_scheme.mon_id 
_pdbx_nonpoly_scheme.ndb_seq_num 
_pdbx_nonpoly_scheme.pdb_seq_num 
_pdbx_nonpoly_scheme.auth_seq_num 
_pdbx_nonpoly_scheme.pdb_mon_id 
_pdbx_nonpoly_scheme.auth_mon_id 
_pdbx_nonpoly_scheme.pdb_strand_id 
_pdbx_nonpoly_scheme.pdb_ins_code 
B 2 HOH 1   201 45  HOH HOH A . 
B 2 HOH 2   202 125 HOH HOH A . 
B 2 HOH 3   203 21  HOH HOH A . 
B 2 HOH 4   204 116 HOH HOH A . 
B 2 HOH 5   205 123 HOH HOH A . 
B 2 HOH 6   206 35  HOH HOH A . 
B 2 HOH 7   207 99  HOH HOH A . 
B 2 HOH 8   208 13  HOH HOH A . 
B 2 HOH 9   209 76  HOH HOH A . 
B 2 HOH 10  210 48  HOH HOH A . 
B 2 HOH 11  211 44  HOH HOH A . 
B 2 HOH 12  212 14  HOH HOH A . 
B 2 HOH 13  213 43  HOH HOH A . 
B 2 HOH 14  214 124 HOH HOH A . 
B 2 HOH 15  215 77  HOH HOH A . 
B 2 HOH 16  216 23  HOH HOH A . 
B 2 HOH 17  217 52  HOH HOH A . 
B 2 HOH 18  218 94  HOH HOH A . 
B 2 HOH 19  219 79  HOH HOH A . 
B 2 HOH 20  220 4   HOH HOH A . 
B 2 HOH 21  221 16  HOH HOH A . 
B 2 HOH 22  222 88  HOH HOH A . 
B 2 HOH 23  223 89  HOH HOH A . 
B 2 HOH 24  224 86  HOH HOH A . 
B 2 HOH 25  225 19  HOH HOH A . 
B 2 HOH 26  226 68  HOH HOH A . 
B 2 HOH 27  227 102 HOH HOH A . 
B 2 HOH 28  228 17  HOH HOH A . 
B 2 HOH 29  229 27  HOH HOH A . 
B 2 HOH 30  230 2   HOH HOH A . 
B 2 HOH 31  231 39  HOH HOH A . 
B 2 HOH 32  232 8   HOH HOH A . 
B 2 HOH 33  233 92  HOH HOH A . 
B 2 HOH 34  234 47  HOH HOH A . 
B 2 HOH 35  235 84  HOH HOH A . 
B 2 HOH 36  236 29  HOH HOH A . 
B 2 HOH 37  237 11  HOH HOH A . 
B 2 HOH 38  238 25  HOH HOH A . 
B 2 HOH 39  239 33  HOH HOH A . 
B 2 HOH 40  240 9   HOH HOH A . 
B 2 HOH 41  241 3   HOH HOH A . 
B 2 HOH 42  242 73  HOH HOH A . 
B 2 HOH 43  243 40  HOH HOH A . 
B 2 HOH 44  244 50  HOH HOH A . 
B 2 HOH 45  245 24  HOH HOH A . 
B 2 HOH 46  246 46  HOH HOH A . 
B 2 HOH 47  247 126 HOH HOH A . 
B 2 HOH 48  248 106 HOH HOH A . 
B 2 HOH 49  249 91  HOH HOH A . 
B 2 HOH 50  250 5   HOH HOH A . 
B 2 HOH 51  251 54  HOH HOH A . 
B 2 HOH 52  252 12  HOH HOH A . 
B 2 HOH 53  253 122 HOH HOH A . 
B 2 HOH 54  254 41  HOH HOH A . 
B 2 HOH 55  255 18  HOH HOH A . 
B 2 HOH 56  256 83  HOH HOH A . 
B 2 HOH 57  257 1   HOH HOH A . 
B 2 HOH 58  258 10  HOH HOH A . 
B 2 HOH 59  259 15  HOH HOH A . 
B 2 HOH 60  260 7   HOH HOH A . 
B 2 HOH 61  261 127 HOH HOH A . 
B 2 HOH 62  262 22  HOH HOH A . 
B 2 HOH 63  263 78  HOH HOH A . 
B 2 HOH 64  264 103 HOH HOH A . 
B 2 HOH 65  265 107 HOH HOH A . 
B 2 HOH 66  266 87  HOH HOH A . 
B 2 HOH 67  267 75  HOH HOH A . 
B 2 HOH 68  268 70  HOH HOH A . 
B 2 HOH 69  269 6   HOH HOH A . 
B 2 HOH 70  270 85  HOH HOH A . 
B 2 HOH 71  271 60  HOH HOH A . 
B 2 HOH 72  272 31  HOH HOH A . 
B 2 HOH 73  273 119 HOH HOH A . 
B 2 HOH 74  274 120 HOH HOH A . 
B 2 HOH 75  275 28  HOH HOH A . 
B 2 HOH 76  276 53  HOH HOH A . 
B 2 HOH 77  277 55  HOH HOH A . 
B 2 HOH 78  278 26  HOH HOH A . 
B 2 HOH 79  279 121 HOH HOH A . 
B 2 HOH 80  280 51  HOH HOH A . 
B 2 HOH 81  281 112 HOH HOH A . 
B 2 HOH 82  282 34  HOH HOH A . 
B 2 HOH 83  283 30  HOH HOH A . 
B 2 HOH 84  284 57  HOH HOH A . 
B 2 HOH 85  285 82  HOH HOH A . 
B 2 HOH 86  286 61  HOH HOH A . 
B 2 HOH 87  287 36  HOH HOH A . 
B 2 HOH 88  288 69  HOH HOH A . 
B 2 HOH 89  289 115 HOH HOH A . 
B 2 HOH 90  290 100 HOH HOH A . 
B 2 HOH 91  291 113 HOH HOH A . 
B 2 HOH 92  292 62  HOH HOH A . 
B 2 HOH 93  293 32  HOH HOH A . 
B 2 HOH 94  294 93  HOH HOH A . 
B 2 HOH 95  295 114 HOH HOH A . 
B 2 HOH 96  296 74  HOH HOH A . 
B 2 HOH 97  297 64  HOH HOH A . 
B 2 HOH 98  298 63  HOH HOH A . 
B 2 HOH 99  299 109 HOH HOH A . 
B 2 HOH 100 300 59  HOH HOH A . 
B 2 HOH 101 301 49  HOH HOH A . 
B 2 HOH 102 302 118 HOH HOH A . 
B 2 HOH 103 303 104 HOH HOH A . 
B 2 HOH 104 304 37  HOH HOH A . 
B 2 HOH 105 305 42  HOH HOH A . 
B 2 HOH 106 306 71  HOH HOH A . 
B 2 HOH 107 307 56  HOH HOH A . 
B 2 HOH 108 308 96  HOH HOH A . 
B 2 HOH 109 309 58  HOH HOH A . 
B 2 HOH 110 310 65  HOH HOH A . 
B 2 HOH 111 311 90  HOH HOH A . 
B 2 HOH 112 312 128 HOH HOH A . 
B 2 HOH 113 313 98  HOH HOH A . 
B 2 HOH 114 314 67  HOH HOH A . 
B 2 HOH 115 315 95  HOH HOH A . 
B 2 HOH 116 316 110 HOH HOH A . 
B 2 HOH 117 317 111 HOH HOH A . 
B 2 HOH 118 318 97  HOH HOH A . 
B 2 HOH 119 319 80  HOH HOH A . 
B 2 HOH 120 320 105 HOH HOH A . 
B 2 HOH 121 321 66  HOH HOH A . 
B 2 HOH 122 322 20  HOH HOH A . 
B 2 HOH 123 323 72  HOH HOH A . 
B 2 HOH 124 324 117 HOH HOH A . 
B 2 HOH 125 325 81  HOH HOH A . 
B 2 HOH 126 326 38  HOH HOH A . 
B 2 HOH 127 327 101 HOH HOH A . 
B 2 HOH 128 328 108 HOH HOH A . 
# 
loop_
_software.citation_id 
_software.classification 
_software.compiler_name 
_software.compiler_version 
_software.contact_author 
_software.contact_author_email 
_software.date 
_software.description 
_software.dependencies 
_software.hardware 
_software.language 
_software.location 
_software.mods 
_software.name 
_software.os 
_software.os_version 
_software.type 
_software.version 
_software.pdbx_ordinal 
? refinement       ? ? ? ? ? ? ? ? ? ? ? PHENIX  ? ? ? '(1.14_3260: ???)' 1 
? 'data scaling'   ? ? ? ? ? ? ? ? ? ? ? Aimless ? ? ? .                  2 
? 'data reduction' ? ? ? ? ? ? ? ? ? ? ? xia2    ? ? ? .                  3 
? phasing          ? ? ? ? ? ? ? ? ? ? ? MOLREP  ? ? ? .                  4 
# 
_cell.angle_alpha                  90.00 
_cell.angle_alpha_esd              ? 
_cell.angle_beta                   104.64 
_cell.angle_beta_esd               ? 
_cell.angle_gamma                  90.00 
_cell.angle_gamma_esd              ? 
_cell.entry_id                     8OM6 
_cell.details                      ? 
_cell.formula_units_Z              ? 
_cell.length_a                     117.510 
_cell.length_a_esd                 ? 
_cell.length_b                     38.670 
_cell.length_b_esd                 ? 
_cell.length_c                     34.260 
_cell.length_c_esd                 ? 
_cell.volume                       ? 
_cell.volume_esd                   ? 
_cell.Z_PDB                        4 
_cell.reciprocal_angle_alpha       ? 
_cell.reciprocal_angle_beta        ? 
_cell.reciprocal_angle_gamma       ? 
_cell.reciprocal_angle_alpha_esd   ? 
_cell.reciprocal_angle_beta_esd    ? 
_cell.reciprocal_angle_gamma_esd   ? 
_cell.reciprocal_length_a          ? 
_cell.reciprocal_length_b          ? 
_cell.reciprocal_length_c          ? 
_cell.reciprocal_length_a_esd      ? 
_cell.reciprocal_length_b_esd      ? 
_cell.reciprocal_length_c_esd      ? 
_cell.pdbx_unique_axis             ? 
_cell.pdbx_esd_method              ? 
# 
_symmetry.entry_id                         8OM6 
_symmetry.cell_setting                     ? 
_symmetry.Int_Tables_number                5 
_symmetry.space_group_name_Hall            ? 
_symmetry.space_group_name_H-M             'C 1 2 1' 
_symmetry.pdbx_full_space_group_name_H-M   ? 
# 
_exptl.absorpt_coefficient_mu     ? 
_exptl.absorpt_correction_T_max   ? 
_exptl.absorpt_correction_T_min   ? 
_exptl.absorpt_correction_type    ? 
_exptl.absorpt_process_details    ? 
_exptl.entry_id                   8OM6 
_exptl.crystals_number            1 
_exptl.details                    ? 
_exptl.method                     'X-RAY DIFFRACTION' 
_exptl.method_details             ? 
# 
_exptl_crystal.colour                       ? 
_exptl_crystal.density_diffrn               ? 
_exptl_crystal.density_Matthews             1.93 
_exptl_crystal.density_method               ? 
_exptl_crystal.density_percent_sol          36.20 
_exptl_crystal.description                  ? 
_exptl_crystal.F_000                        ? 
_exptl_crystal.id                           1 
_exptl_crystal.preparation                  ? 
_exptl_crystal.size_max                     ? 
_exptl_crystal.size_mid                     ? 
_exptl_crystal.size_min                     ? 
_exptl_crystal.size_rad                     ? 
_exptl_crystal.colour_lustre                ? 
_exptl_crystal.colour_modifier              ? 
_exptl_crystal.colour_primary               ? 
_exptl_crystal.density_meas                 ? 
_exptl_crystal.density_meas_esd             ? 
_exptl_crystal.density_meas_gt              ? 
_exptl_crystal.density_meas_lt              ? 
_exptl_crystal.density_meas_temp            ? 
_exptl_crystal.density_meas_temp_esd        ? 
_exptl_crystal.density_meas_temp_gt         ? 
_exptl_crystal.density_meas_temp_lt         ? 
_exptl_crystal.pdbx_crystal_image_url       ? 
_exptl_crystal.pdbx_crystal_image_format    ? 
_exptl_crystal.pdbx_mosaicity               ? 
_exptl_crystal.pdbx_mosaicity_esd           ? 
_exptl_crystal.pdbx_mosaic_method           ? 
_exptl_crystal.pdbx_mosaic_block_size       ? 
_exptl_crystal.pdbx_mosaic_block_size_esd   ? 
# 
_exptl_crystal_grow.apparatus       ? 
_exptl_crystal_grow.atmosphere      ? 
_exptl_crystal_grow.crystal_id      1 
_exptl_crystal_grow.details         ? 
_exptl_crystal_grow.method          'VAPOR DIFFUSION, HANGING DROP' 
_exptl_crystal_grow.method_ref      ? 
_exptl_crystal_grow.pH              6.3 
_exptl_crystal_grow.pressure        ? 
_exptl_crystal_grow.pressure_esd    ? 
_exptl_crystal_grow.seeding         ? 
_exptl_crystal_grow.seeding_ref     ? 
_exptl_crystal_grow.temp_details    ? 
_exptl_crystal_grow.temp_esd        ? 
_exptl_crystal_grow.time            ? 
_exptl_crystal_grow.pdbx_details    'PEG 3350, Bis-Tris' 
_exptl_crystal_grow.pdbx_pH_range   ? 
_exptl_crystal_grow.temp            292.15 
# 
_diffrn.ambient_environment              ? 
_diffrn.ambient_temp                     100 
_diffrn.ambient_temp_details             ? 
_diffrn.ambient_temp_esd                 ? 
_diffrn.crystal_id                       1 
_diffrn.crystal_support                  ? 
_diffrn.crystal_treatment                ? 
_diffrn.details                          ? 
_diffrn.id                               1 
_diffrn.ambient_pressure                 ? 
_diffrn.ambient_pressure_esd             ? 
_diffrn.ambient_pressure_gt              ? 
_diffrn.ambient_pressure_lt              ? 
_diffrn.ambient_temp_gt                  ? 
_diffrn.ambient_temp_lt                  ? 
_diffrn.pdbx_serial_crystal_experiment   N 
# 
_diffrn_detector.details                      ? 
_diffrn_detector.detector                     PIXEL 
_diffrn_detector.diffrn_id                    1 
_diffrn_detector.type                         'DECTRIS PILATUS3 2M' 
_diffrn_detector.area_resol_mean              ? 
_diffrn_detector.dtime                        ? 
_diffrn_detector.pdbx_frames_total            ? 
_diffrn_detector.pdbx_collection_time_total   ? 
_diffrn_detector.pdbx_collection_date         2017-11-06 
_diffrn_detector.pdbx_frequency               ? 
_diffrn_detector.id                           ? 
_diffrn_detector.number_of_axes               ? 
# 
_diffrn_radiation.collimation                      ? 
_diffrn_radiation.diffrn_id                        1 
_diffrn_radiation.filter_edge                      ? 
_diffrn_radiation.inhomogeneity                    ? 
_diffrn_radiation.monochromator                    ? 
_diffrn_radiation.polarisn_norm                    ? 
_diffrn_radiation.polarisn_ratio                   ? 
_diffrn_radiation.probe                            ? 
_diffrn_radiation.type                             ? 
_diffrn_radiation.xray_symbol                      ? 
_diffrn_radiation.wavelength_id                    1 
_diffrn_radiation.pdbx_monochromatic_or_laue_m_l   M 
_diffrn_radiation.pdbx_wavelength_list             ? 
_diffrn_radiation.pdbx_wavelength                  ? 
_diffrn_radiation.pdbx_diffrn_protocol             'SINGLE WAVELENGTH' 
_diffrn_radiation.pdbx_analyzer                    ? 
_diffrn_radiation.pdbx_scattering_type             x-ray 
# 
_diffrn_radiation_wavelength.id           1 
_diffrn_radiation_wavelength.wavelength   0.9184 
_diffrn_radiation_wavelength.wt           1.0 
# 
_diffrn_source.current                     ? 
_diffrn_source.details                     ? 
_diffrn_source.diffrn_id                   1 
_diffrn_source.power                       ? 
_diffrn_source.size                        ? 
_diffrn_source.source                      SYNCHROTRON 
_diffrn_source.target                      ? 
_diffrn_source.type                        'BESSY BEAMLINE 14.2' 
_diffrn_source.voltage                     ? 
_diffrn_source.take-off_angle              ? 
_diffrn_source.pdbx_wavelength_list        0.9184 
_diffrn_source.pdbx_wavelength             ? 
_diffrn_source.pdbx_synchrotron_beamline   14.2 
_diffrn_source.pdbx_synchrotron_site       BESSY 
# 
_reflns.B_iso_Wilson_estimate                          ? 
_reflns.entry_id                                       8OM6 
_reflns.data_reduction_details                         ? 
_reflns.data_reduction_method                          ? 
_reflns.d_resolution_high                              1.31 
_reflns.d_resolution_low                               33.148 
_reflns.details                                        ? 
_reflns.limit_h_max                                    ? 
_reflns.limit_h_min                                    ? 
_reflns.limit_k_max                                    ? 
_reflns.limit_k_min                                    ? 
_reflns.limit_l_max                                    ? 
_reflns.limit_l_min                                    ? 
_reflns.number_all                                     ? 
_reflns.number_obs                                     35777 
_reflns.observed_criterion                             ? 
_reflns.observed_criterion_F_max                       ? 
_reflns.observed_criterion_F_min                       ? 
_reflns.observed_criterion_I_max                       ? 
_reflns.observed_criterion_I_min                       ? 
_reflns.observed_criterion_sigma_F                     ? 
_reflns.observed_criterion_sigma_I                     ? 
_reflns.percent_possible_obs                           99.37 
_reflns.R_free_details                                 ? 
_reflns.Rmerge_F_all                                   ? 
_reflns.Rmerge_F_obs                                   ? 
_reflns.Friedel_coverage                               ? 
_reflns.number_gt                                      ? 
_reflns.threshold_expression                           ? 
_reflns.pdbx_redundancy                                3.38 
_reflns.pdbx_netI_over_av_sigmaI                       ? 
_reflns.pdbx_netI_over_sigmaI                          15.28 
_reflns.pdbx_res_netI_over_av_sigmaI_2                 ? 
_reflns.pdbx_res_netI_over_sigmaI_2                    ? 
_reflns.pdbx_chi_squared                               ? 
_reflns.pdbx_scaling_rejects                           ? 
_reflns.pdbx_d_res_high_opt                            ? 
_reflns.pdbx_d_res_low_opt                             ? 
_reflns.pdbx_d_res_opt_method                          ? 
_reflns.phase_calculation_details                      ? 
_reflns.pdbx_Rrim_I_all                                0.043 
_reflns.pdbx_Rpim_I_all                                ? 
_reflns.pdbx_d_opt                                     ? 
_reflns.pdbx_number_measured_all                       ? 
_reflns.pdbx_diffrn_id                                 1 
_reflns.pdbx_ordinal                                   1 
_reflns.pdbx_CC_half                                   ? 
_reflns.pdbx_CC_star                                   ? 
_reflns.pdbx_R_split                                   ? 
_reflns.pdbx_Rmerge_I_obs                              ? 
_reflns.pdbx_Rmerge_I_all                              ? 
_reflns.pdbx_Rsym_value                                ? 
_reflns.pdbx_CC_split_method                           ? 
_reflns.pdbx_aniso_diffraction_limit_axis_1_ortho[1]   ? 
_reflns.pdbx_aniso_diffraction_limit_axis_1_ortho[2]   ? 
_reflns.pdbx_aniso_diffraction_limit_axis_1_ortho[3]   ? 
_reflns.pdbx_aniso_diffraction_limit_axis_2_ortho[1]   ? 
_reflns.pdbx_aniso_diffraction_limit_axis_2_ortho[2]   ? 
_reflns.pdbx_aniso_diffraction_limit_axis_2_ortho[3]   ? 
_reflns.pdbx_aniso_diffraction_limit_axis_3_ortho[1]   ? 
_reflns.pdbx_aniso_diffraction_limit_axis_3_ortho[2]   ? 
_reflns.pdbx_aniso_diffraction_limit_axis_3_ortho[3]   ? 
_reflns.pdbx_aniso_diffraction_limit_1                 ? 
_reflns.pdbx_aniso_diffraction_limit_2                 ? 
_reflns.pdbx_aniso_diffraction_limit_3                 ? 
_reflns.pdbx_aniso_B_tensor_eigenvector_1_ortho[1]     ? 
_reflns.pdbx_aniso_B_tensor_eigenvector_1_ortho[2]     ? 
_reflns.pdbx_aniso_B_tensor_eigenvector_1_ortho[3]     ? 
_reflns.pdbx_aniso_B_tensor_eigenvector_2_ortho[1]     ? 
_reflns.pdbx_aniso_B_tensor_eigenvector_2_ortho[2]     ? 
_reflns.pdbx_aniso_B_tensor_eigenvector_2_ortho[3]     ? 
_reflns.pdbx_aniso_B_tensor_eigenvector_3_ortho[1]     ? 
_reflns.pdbx_aniso_B_tensor_eigenvector_3_ortho[2]     ? 
_reflns.pdbx_aniso_B_tensor_eigenvector_3_ortho[3]     ? 
_reflns.pdbx_aniso_B_tensor_eigenvalue_1               ? 
_reflns.pdbx_aniso_B_tensor_eigenvalue_2               ? 
_reflns.pdbx_aniso_B_tensor_eigenvalue_3               ? 
_reflns.pdbx_orthogonalization_convention              ? 
_reflns.pdbx_percent_possible_ellipsoidal              ? 
_reflns.pdbx_percent_possible_spherical                ? 
_reflns.pdbx_percent_possible_ellipsoidal_anomalous    ? 
_reflns.pdbx_percent_possible_spherical_anomalous      ? 
_reflns.pdbx_redundancy_anomalous                      ? 
_reflns.pdbx_CC_half_anomalous                         ? 
_reflns.pdbx_absDiff_over_sigma_anomalous              ? 
_reflns.pdbx_percent_possible_anomalous                ? 
_reflns.pdbx_observed_signal_threshold                 ? 
_reflns.pdbx_signal_type                               ? 
_reflns.pdbx_signal_details                            ? 
_reflns.pdbx_signal_software_id                        ? 
# 
_reflns_shell.d_res_high                                    1.31 
_reflns_shell.d_res_low                                     1.357 
_reflns_shell.meanI_over_sigI_all                           ? 
_reflns_shell.meanI_over_sigI_obs                           0.75 
_reflns_shell.number_measured_all                           ? 
_reflns_shell.number_measured_obs                           ? 
_reflns_shell.number_possible                               ? 
_reflns_shell.number_unique_all                             ? 
_reflns_shell.number_unique_obs                             3496 
_reflns_shell.percent_possible_obs                          ? 
_reflns_shell.Rmerge_F_all                                  ? 
_reflns_shell.Rmerge_F_obs                                  ? 
_reflns_shell.meanI_over_sigI_gt                            ? 
_reflns_shell.meanI_over_uI_all                             ? 
_reflns_shell.meanI_over_uI_gt                              ? 
_reflns_shell.number_measured_gt                            ? 
_reflns_shell.number_unique_gt                              ? 
_reflns_shell.percent_possible_gt                           ? 
_reflns_shell.Rmerge_F_gt                                   ? 
_reflns_shell.Rmerge_I_gt                                   ? 
_reflns_shell.pdbx_redundancy                               ? 
_reflns_shell.pdbx_chi_squared                              ? 
_reflns_shell.pdbx_netI_over_sigmaI_all                     ? 
_reflns_shell.pdbx_netI_over_sigmaI_obs                     ? 
_reflns_shell.pdbx_Rrim_I_all                               1.216 
_reflns_shell.pdbx_Rpim_I_all                               ? 
_reflns_shell.pdbx_rejects                                  ? 
_reflns_shell.pdbx_ordinal                                  1 
_reflns_shell.pdbx_diffrn_id                                1 
_reflns_shell.pdbx_CC_half                                  ? 
_reflns_shell.pdbx_CC_star                                  ? 
_reflns_shell.pdbx_R_split                                  ? 
_reflns_shell.percent_possible_all                          ? 
_reflns_shell.Rmerge_I_all                                  ? 
_reflns_shell.Rmerge_I_obs                                  ? 
_reflns_shell.pdbx_Rsym_value                               ? 
_reflns_shell.pdbx_percent_possible_ellipsoidal             ? 
_reflns_shell.pdbx_percent_possible_spherical               ? 
_reflns_shell.pdbx_percent_possible_ellipsoidal_anomalous   ? 
_reflns_shell.pdbx_percent_possible_spherical_anomalous     ? 
_reflns_shell.pdbx_redundancy_anomalous                     ? 
_reflns_shell.pdbx_CC_half_anomalous                        ? 
_reflns_shell.pdbx_absDiff_over_sigma_anomalous             ? 
_reflns_shell.pdbx_percent_possible_anomalous               ? 
# 
_refine.aniso_B[1][1]                            ? 
_refine.aniso_B[1][2]                            ? 
_refine.aniso_B[1][3]                            ? 
_refine.aniso_B[2][2]                            ? 
_refine.aniso_B[2][3]                            ? 
_refine.aniso_B[3][3]                            ? 
_refine.B_iso_max                                ? 
_refine.B_iso_mean                               ? 
_refine.B_iso_min                                ? 
_refine.correlation_coeff_Fo_to_Fc               ? 
_refine.correlation_coeff_Fo_to_Fc_free          ? 
_refine.details                                  ? 
_refine.diff_density_max                         ? 
_refine.diff_density_max_esd                     ? 
_refine.diff_density_min                         ? 
_refine.diff_density_min_esd                     ? 
_refine.diff_density_rms                         ? 
_refine.diff_density_rms_esd                     ? 
_refine.entry_id                                 8OM6 
_refine.pdbx_refine_id                           'X-RAY DIFFRACTION' 
_refine.ls_abs_structure_details                 ? 
_refine.ls_abs_structure_Flack                   ? 
_refine.ls_abs_structure_Flack_esd               ? 
_refine.ls_abs_structure_Rogers                  ? 
_refine.ls_abs_structure_Rogers_esd              ? 
_refine.ls_d_res_high                            1.310 
_refine.ls_d_res_low                             33.148 
_refine.ls_extinction_coef                       ? 
_refine.ls_extinction_coef_esd                   ? 
_refine.ls_extinction_expression                 ? 
_refine.ls_extinction_method                     ? 
_refine.ls_goodness_of_fit_all                   ? 
_refine.ls_goodness_of_fit_all_esd               ? 
_refine.ls_goodness_of_fit_obs                   ? 
_refine.ls_goodness_of_fit_obs_esd               ? 
_refine.ls_hydrogen_treatment                    ? 
_refine.ls_matrix_type                           ? 
_refine.ls_number_constraints                    ? 
_refine.ls_number_parameters                     ? 
_refine.ls_number_reflns_all                     ? 
_refine.ls_number_reflns_obs                     35766 
_refine.ls_number_reflns_R_free                  1788 
_refine.ls_number_reflns_R_work                  ? 
_refine.ls_number_restraints                     ? 
_refine.ls_percent_reflns_obs                    99.38 
_refine.ls_percent_reflns_R_free                 5.00 
_refine.ls_R_factor_all                          ? 
_refine.ls_R_factor_obs                          0.1982 
_refine.ls_R_factor_R_free                       0.2274 
_refine.ls_R_factor_R_free_error                 ? 
_refine.ls_R_factor_R_free_error_details         ? 
_refine.ls_R_factor_R_work                       0.1966 
_refine.ls_R_Fsqd_factor_obs                     ? 
_refine.ls_R_I_factor_obs                        ? 
_refine.ls_redundancy_reflns_all                 ? 
_refine.ls_redundancy_reflns_obs                 ? 
_refine.ls_restrained_S_all                      ? 
_refine.ls_restrained_S_obs                      ? 
_refine.ls_shift_over_esd_max                    ? 
_refine.ls_shift_over_esd_mean                   ? 
_refine.ls_structure_factor_coef                 ? 
_refine.ls_weighting_details                     ? 
_refine.ls_weighting_scheme                      ? 
_refine.ls_wR_factor_all                         ? 
_refine.ls_wR_factor_obs                         ? 
_refine.ls_wR_factor_R_free                      ? 
_refine.ls_wR_factor_R_work                      ? 
_refine.occupancy_max                            ? 
_refine.occupancy_min                            ? 
_refine.solvent_model_details                    'FLAT BULK SOLVENT MODEL' 
_refine.solvent_model_param_bsol                 ? 
_refine.solvent_model_param_ksol                 ? 
_refine.pdbx_R_complete                          ? 
_refine.ls_R_factor_gt                           ? 
_refine.ls_goodness_of_fit_gt                    ? 
_refine.ls_goodness_of_fit_ref                   ? 
_refine.ls_shift_over_su_max                     ? 
_refine.ls_shift_over_su_max_lt                  ? 
_refine.ls_shift_over_su_mean                    ? 
_refine.ls_shift_over_su_mean_lt                 ? 
_refine.pdbx_ls_sigma_I                          ? 
_refine.pdbx_ls_sigma_F                          1.34 
_refine.pdbx_ls_sigma_Fsqd                       ? 
_refine.pdbx_data_cutoff_high_absF               ? 
_refine.pdbx_data_cutoff_high_rms_absF           ? 
_refine.pdbx_data_cutoff_low_absF                ? 
_refine.pdbx_isotropic_thermal_model             ? 
_refine.pdbx_ls_cross_valid_method               'FREE R-VALUE' 
_refine.pdbx_method_to_determine_struct          'MOLECULAR REPLACEMENT' 
_refine.pdbx_starting_model                      4FGF 
_refine.pdbx_stereochemistry_target_values       ML 
_refine.pdbx_R_Free_selection_details            ? 
_refine.pdbx_stereochem_target_val_spec_case     ? 
_refine.pdbx_overall_ESU_R                       ? 
_refine.pdbx_overall_ESU_R_Free                  ? 
_refine.pdbx_solvent_vdw_probe_radii             1.11 
_refine.pdbx_solvent_ion_probe_radii             ? 
_refine.pdbx_solvent_shrinkage_radii             0.90 
_refine.pdbx_real_space_R                        ? 
_refine.pdbx_density_correlation                 ? 
_refine.pdbx_pd_number_of_powder_patterns        ? 
_refine.pdbx_pd_number_of_points                 ? 
_refine.pdbx_pd_meas_number_of_points            ? 
_refine.pdbx_pd_proc_ls_prof_R_factor            ? 
_refine.pdbx_pd_proc_ls_prof_wR_factor           ? 
_refine.pdbx_pd_Marquardt_correlation_coeff      ? 
_refine.pdbx_pd_Fsqrd_R_factor                   ? 
_refine.pdbx_pd_ls_matrix_band_width             ? 
_refine.pdbx_overall_phase_error                 28.36 
_refine.pdbx_overall_SU_R_free_Cruickshank_DPI   ? 
_refine.pdbx_overall_SU_R_free_Blow_DPI          ? 
_refine.pdbx_overall_SU_R_Blow_DPI               ? 
_refine.pdbx_TLS_residual_ADP_flag               ? 
_refine.pdbx_diffrn_id                           1 
_refine.overall_SU_B                             ? 
_refine.overall_SU_ML                            0.19 
_refine.overall_SU_R_Cruickshank_DPI             ? 
_refine.overall_SU_R_free                        ? 
_refine.overall_FOM_free_R_set                   ? 
_refine.overall_FOM_work_R_set                   ? 
_refine.pdbx_average_fsc_overall                 ? 
_refine.pdbx_average_fsc_work                    ? 
_refine.pdbx_average_fsc_free                    ? 
# 
_refine_hist.pdbx_refine_id                   'X-RAY DIFFRACTION' 
_refine_hist.cycle_id                         LAST 
_refine_hist.pdbx_number_atoms_protein        1090 
_refine_hist.pdbx_number_atoms_nucleic_acid   0 
_refine_hist.pdbx_number_atoms_ligand         0 
_refine_hist.number_atoms_solvent             128 
_refine_hist.number_atoms_total               1218 
_refine_hist.d_res_high                       1.310 
_refine_hist.d_res_low                        33.148 
# 
loop_
_refine_ls_restr.pdbx_refine_id 
_refine_ls_restr.criterion 
_refine_ls_restr.dev_ideal 
_refine_ls_restr.dev_ideal_target 
_refine_ls_restr.number 
_refine_ls_restr.rejects 
_refine_ls_restr.type 
_refine_ls_restr.weight 
_refine_ls_restr.pdbx_restraint_function 
'X-RAY DIFFRACTION' ? 0.005 ? 1188 ? f_bond_d           ? ? 
'X-RAY DIFFRACTION' ? 0.799 ? 1609 ? f_angle_d          ? ? 
'X-RAY DIFFRACTION' ? 7.308 ? 727  ? f_dihedral_angle_d ? ? 
'X-RAY DIFFRACTION' ? 0.082 ? 162  ? f_chiral_restr     ? ? 
'X-RAY DIFFRACTION' ? 0.007 ? 212  ? f_plane_restr      ? ? 
# 
loop_
_refine_ls_shell.pdbx_refine_id 
_refine_ls_shell.d_res_high 
_refine_ls_shell.d_res_low 
_refine_ls_shell.number_reflns_all 
_refine_ls_shell.number_reflns_obs 
_refine_ls_shell.number_reflns_R_free 
_refine_ls_shell.number_reflns_R_work 
_refine_ls_shell.percent_reflns_obs 
_refine_ls_shell.percent_reflns_R_free 
_refine_ls_shell.R_factor_all 
_refine_ls_shell.R_factor_obs 
_refine_ls_shell.R_factor_R_free_error 
_refine_ls_shell.R_factor_R_work 
_refine_ls_shell.redundancy_reflns_all 
_refine_ls_shell.redundancy_reflns_obs 
_refine_ls_shell.wR_factor_all 
_refine_ls_shell.wR_factor_obs 
_refine_ls_shell.wR_factor_R_free 
_refine_ls_shell.wR_factor_R_work 
_refine_ls_shell.pdbx_R_complete 
_refine_ls_shell.pdbx_total_number_of_bins_used 
_refine_ls_shell.pdbx_phase_error 
_refine_ls_shell.pdbx_fsc_work 
_refine_ls_shell.pdbx_fsc_free 
_refine_ls_shell.R_factor_R_free 
'X-RAY DIFFRACTION' 1.3100 1.3454 . . 134 2551 98.00  . . . . 0.3713 . . . . . . . . . . . 0.3911 
'X-RAY DIFFRACTION' 1.3454 1.3850 . . 136 2583 99.00  . . . . 0.3486 . . . . . . . . . . . 0.3639 
'X-RAY DIFFRACTION' 1.3850 1.4297 . . 137 2606 99.00  . . . . 0.3105 . . . . . . . . . . . 0.3597 
'X-RAY DIFFRACTION' 1.4297 1.4808 . . 135 2562 99.00  . . . . 0.2781 . . . . . . . . . . . 0.3203 
'X-RAY DIFFRACTION' 1.4808 1.5401 . . 136 2569 99.00  . . . . 0.2569 . . . . . . . . . . . 0.2663 
'X-RAY DIFFRACTION' 1.5401 1.6102 . . 137 2636 100.00 . . . . 0.2305 . . . . . . . . . . . 0.2684 
'X-RAY DIFFRACTION' 1.6102 1.6951 . . 136 2585 100.00 . . . . 0.2157 . . . . . . . . . . . 0.2235 
'X-RAY DIFFRACTION' 1.6951 1.8013 . . 140 2651 100.00 . . . . 0.2168 . . . . . . . . . . . 0.2420 
'X-RAY DIFFRACTION' 1.8013 1.9403 . . 137 2607 100.00 . . . . 0.2099 . . . . . . . . . . . 0.2309 
'X-RAY DIFFRACTION' 1.9403 2.1356 . . 139 2643 100.00 . . . . 0.2106 . . . . . . . . . . . 0.2811 
'X-RAY DIFFRACTION' 2.1356 2.4445 . . 138 2625 100.00 . . . . 0.2067 . . . . . . . . . . . 0.2371 
'X-RAY DIFFRACTION' 2.4445 3.0795 . . 139 2642 100.00 . . . . 0.1971 . . . . . . . . . . . 0.2285 
'X-RAY DIFFRACTION' 3.0795 33.148 . . 144 2718 100.00 . . . . 0.1564 . . . . . . . . . . . 0.1816 
# 
_struct.entry_id                     8OM6 
_struct.title                        'Crystal structure of FGF2-STAB, a stable variant of human fibroblast growth factor 2' 
_struct.pdbx_model_details           ? 
_struct.pdbx_formula_weight          ? 
_struct.pdbx_formula_weight_method   ? 
_struct.pdbx_model_type_details      ? 
_struct.pdbx_CASP_flag               N 
# 
_struct_keywords.entry_id        8OM6 
_struct_keywords.text            'HORMONE/GROWTH FACTOR, MITOGEN, CYTOKINE' 
_struct_keywords.pdbx_keywords   CYTOKINE 
# 
loop_
_struct_asym.id 
_struct_asym.pdbx_blank_PDB_chainid_flag 
_struct_asym.pdbx_modified 
_struct_asym.entity_id 
_struct_asym.details 
A N N 1 ? 
B N N 2 ? 
# 
_struct_ref.id                         1 
_struct_ref.db_name                    UNP 
_struct_ref.db_code                    FGF2_HUMAN 
_struct_ref.pdbx_db_accession          P09038 
_struct_ref.pdbx_db_isoform            ? 
_struct_ref.entity_id                  1 
_struct_ref.pdbx_seq_one_letter_code   
;MAAGSITTLPALPEDGGSGAFPPGHFKDPKRLYCKNGGFFLRIHPDGRVDGVREKSDPHIKLQLQAEERGVVSIKGVCAN
RYLAMKEDGRLLASKCVTDECFFFERLESNNYNTYRSRKYTSWYVALKRTGQYKLGSKTGPGQKAILFLPMSAKS
;
_struct_ref.pdbx_align_begin           134 
# 
_struct_ref_seq.align_id                      1 
_struct_ref_seq.ref_id                        1 
_struct_ref_seq.pdbx_PDB_id_code              8OM6 
_struct_ref_seq.pdbx_strand_id                A 
_struct_ref_seq.seq_align_beg                 21 
_struct_ref_seq.pdbx_seq_align_beg_ins_code   ? 
_struct_ref_seq.seq_align_end                 175 
_struct_ref_seq.pdbx_seq_align_end_ins_code   ? 
_struct_ref_seq.pdbx_db_accession             P09038 
_struct_ref_seq.db_align_beg                  134 
_struct_ref_seq.pdbx_db_align_beg_ins_code    ? 
_struct_ref_seq.db_align_end                  288 
_struct_ref_seq.pdbx_db_align_end_ins_code    ? 
_struct_ref_seq.pdbx_auth_seq_align_beg       1 
_struct_ref_seq.pdbx_auth_seq_align_end       155 
# 
loop_
_struct_ref_seq_dif.align_id 
_struct_ref_seq_dif.pdbx_pdb_id_code 
_struct_ref_seq_dif.mon_id 
_struct_ref_seq_dif.pdbx_pdb_strand_id 
_struct_ref_seq_dif.seq_num 
_struct_ref_seq_dif.pdbx_pdb_ins_code 
_struct_ref_seq_dif.pdbx_seq_db_name 
_struct_ref_seq_dif.pdbx_seq_db_accession_code 
_struct_ref_seq_dif.db_mon_id 
_struct_ref_seq_dif.pdbx_seq_db_seq_num 
_struct_ref_seq_dif.details 
_struct_ref_seq_dif.pdbx_auth_seq_num 
_struct_ref_seq_dif.pdbx_ordinal 
1 8OM6 MET A 1   ? UNP P09038 ?   ?   'initiating methionine' -19 1  
1 8OM6 GLY A 2   ? UNP P09038 ?   ?   'expression tag'        -18 2  
1 8OM6 SER A 3   ? UNP P09038 ?   ?   'expression tag'        -17 3  
1 8OM6 SER A 4   ? UNP P09038 ?   ?   'expression tag'        -16 4  
1 8OM6 HIS A 5   ? UNP P09038 ?   ?   'expression tag'        -15 5  
1 8OM6 HIS A 6   ? UNP P09038 ?   ?   'expression tag'        -14 6  
1 8OM6 HIS A 7   ? UNP P09038 ?   ?   'expression tag'        -13 7  
1 8OM6 HIS A 8   ? UNP P09038 ?   ?   'expression tag'        -12 8  
1 8OM6 HIS A 9   ? UNP P09038 ?   ?   'expression tag'        -11 9  
1 8OM6 HIS A 10  ? UNP P09038 ?   ?   'expression tag'        -10 10 
1 8OM6 SER A 11  ? UNP P09038 ?   ?   'expression tag'        -9  11 
1 8OM6 SER A 12  ? UNP P09038 ?   ?   'expression tag'        -8  12 
1 8OM6 GLY A 13  ? UNP P09038 ?   ?   'expression tag'        -7  13 
1 8OM6 LEU A 14  ? UNP P09038 ?   ?   'expression tag'        -6  14 
1 8OM6 VAL A 15  ? UNP P09038 ?   ?   'expression tag'        -5  15 
1 8OM6 PRO A 16  ? UNP P09038 ?   ?   'expression tag'        -4  16 
1 8OM6 ARG A 17  ? UNP P09038 ?   ?   'expression tag'        -3  17 
1 8OM6 GLY A 18  ? UNP P09038 ?   ?   'expression tag'        -2  18 
1 8OM6 SER A 19  ? UNP P09038 ?   ?   'expression tag'        -1  19 
1 8OM6 HIS A 20  ? UNP P09038 ?   ?   'expression tag'        0   20 
1 8OM6 LEU A 51  ? UNP P09038 ARG 164 conflict                31  21 
1 8OM6 THR A 72  ? UNP P09038 VAL 185 conflict                52  22 
1 8OM6 ASP A 74  ? UNP P09038 GLU 187 conflict                54  23 
1 8OM6 PHE A 79  ? UNP P09038 HIS 192 conflict                59  24 
1 8OM6 TYR A 112 ? UNP P09038 LEU 225 conflict                92  25 
1 8OM6 ILE A 114 ? UNP P09038 SER 227 conflict                94  26 
1 8OM6 ASN A 116 ? UNP P09038 CYS 229 conflict                96  27 
1 8OM6 GLU A 129 ? UNP P09038 SER 242 conflict                109 28 
1 8OM6 PRO A 141 ? UNP P09038 THR 254 conflict                121 29 
# 
_pdbx_struct_assembly.id                   1 
_pdbx_struct_assembly.details              author_defined_assembly 
_pdbx_struct_assembly.method_details       ? 
_pdbx_struct_assembly.oligomeric_details   monomeric 
_pdbx_struct_assembly.oligomeric_count     1 
# 
loop_
_pdbx_struct_assembly_prop.biol_id 
_pdbx_struct_assembly_prop.type 
_pdbx_struct_assembly_prop.value 
_pdbx_struct_assembly_prop.details 
1 'ABSA (A^2)' 0    ? 
1 MORE         0    ? 
1 'SSA (A^2)'  7100 ? 
# 
_pdbx_struct_assembly_gen.assembly_id       1 
_pdbx_struct_assembly_gen.oper_expression   1 
_pdbx_struct_assembly_gen.asym_id_list      A,B 
# 
_pdbx_struct_assembly_auth_evidence.id                     1 
_pdbx_struct_assembly_auth_evidence.assembly_id            1 
_pdbx_struct_assembly_auth_evidence.experimental_support   'gel filtration' 
_pdbx_struct_assembly_auth_evidence.details                ? 
# 
_pdbx_struct_oper_list.id                   1 
_pdbx_struct_oper_list.type                 'identity operation' 
_pdbx_struct_oper_list.name                 1_555 
_pdbx_struct_oper_list.symmetry_operation   x,y,z 
_pdbx_struct_oper_list.matrix[1][1]         1.0000000000 
_pdbx_struct_oper_list.matrix[1][2]         0.0000000000 
_pdbx_struct_oper_list.matrix[1][3]         0.0000000000 
_pdbx_struct_oper_list.vector[1]            0.0000000000 
_pdbx_struct_oper_list.matrix[2][1]         0.0000000000 
_pdbx_struct_oper_list.matrix[2][2]         1.0000000000 
_pdbx_struct_oper_list.matrix[2][3]         0.0000000000 
_pdbx_struct_oper_list.vector[2]            0.0000000000 
_pdbx_struct_oper_list.matrix[3][1]         0.0000000000 
_pdbx_struct_oper_list.matrix[3][2]         0.0000000000 
_pdbx_struct_oper_list.matrix[3][3]         1.0000000000 
_pdbx_struct_oper_list.vector[3]            0.0000000000 
# 
loop_
_struct_conf.conf_type_id 
_struct_conf.id 
_struct_conf.pdbx_PDB_helix_id 
_struct_conf.beg_label_comp_id 
_struct_conf.beg_label_asym_id 
_struct_conf.beg_label_seq_id 
_struct_conf.pdbx_beg_PDB_ins_code 
_struct_conf.end_label_comp_id 
_struct_conf.end_label_asym_id 
_struct_conf.end_label_seq_id 
_struct_conf.pdbx_end_PDB_ins_code 
_struct_conf.beg_auth_comp_id 
_struct_conf.beg_auth_asym_id 
_struct_conf.beg_auth_seq_id 
_struct_conf.end_auth_comp_id 
_struct_conf.end_auth_asym_id 
_struct_conf.end_auth_seq_id 
_struct_conf.pdbx_PDB_helix_class 
_struct_conf.details 
_struct_conf.pdbx_PDB_helix_length 
HELX_P HELX_P1 AA1 ASP A 77  ? ILE A 80  ? ASP A 57  ILE A 60  5 ? 4 
HELX_P HELX_P2 AA2 THR A 118 ? CYS A 121 ? THR A 98  CYS A 101 5 ? 4 
HELX_P HELX_P3 AA3 LEU A 155 ? THR A 159 ? LEU A 135 THR A 139 5 ? 5 
HELX_P HELX_P4 AA4 GLN A 163 ? ILE A 166 ? GLN A 143 ILE A 146 5 ? 4 
# 
_struct_conf_type.id          HELX_P 
_struct_conf_type.criteria    ? 
_struct_conf_type.reference   ? 
# 
_struct_conn.id                            disulf1 
_struct_conn.conn_type_id                  disulf 
_struct_conn.pdbx_leaving_atom_flag        ? 
_struct_conn.pdbx_PDB_id                   ? 
_struct_conn.ptnr1_label_asym_id           A 
_struct_conn.ptnr1_label_comp_id           CYS 
_struct_conn.ptnr1_label_seq_id            98 
_struct_conn.ptnr1_label_atom_id           SG 
_struct_conn.pdbx_ptnr1_label_alt_id       ? 
_struct_conn.pdbx_ptnr1_PDB_ins_code       ? 
_struct_conn.pdbx_ptnr1_standard_comp_id   ? 
_struct_conn.ptnr1_symmetry                1_555 
_struct_conn.ptnr2_label_asym_id           A 
_struct_conn.ptnr2_label_comp_id           CYS 
_struct_conn.ptnr2_label_seq_id            98 
_struct_conn.ptnr2_label_atom_id           SG 
_struct_conn.pdbx_ptnr2_label_alt_id       ? 
_struct_conn.pdbx_ptnr2_PDB_ins_code       ? 
_struct_conn.ptnr1_auth_asym_id            A 
_struct_conn.ptnr1_auth_comp_id            CYS 
_struct_conn.ptnr1_auth_seq_id             78 
_struct_conn.ptnr2_auth_asym_id            A 
_struct_conn.ptnr2_auth_comp_id            CYS 
_struct_conn.ptnr2_auth_seq_id             78 
_struct_conn.ptnr2_symmetry                2_555 
_struct_conn.pdbx_ptnr3_label_atom_id      ? 
_struct_conn.pdbx_ptnr3_label_seq_id       ? 
_struct_conn.pdbx_ptnr3_label_comp_id      ? 
_struct_conn.pdbx_ptnr3_label_asym_id      ? 
_struct_conn.pdbx_ptnr3_label_alt_id       ? 
_struct_conn.pdbx_ptnr3_PDB_ins_code       ? 
_struct_conn.details                       ? 
_struct_conn.pdbx_dist_value               2.450 
_struct_conn.pdbx_value_order              ? 
_struct_conn.pdbx_role                     ? 
# 
_struct_conn_type.id          disulf 
_struct_conn_type.criteria    ? 
_struct_conn_type.reference   ? 
# 
_pdbx_modification_feature.ordinal                            1 
_pdbx_modification_feature.label_comp_id                      CYS 
_pdbx_modification_feature.label_asym_id                      A 
_pdbx_modification_feature.label_seq_id                       98 
_pdbx_modification_feature.label_alt_id                       ? 
_pdbx_modification_feature.modified_residue_label_comp_id     CYS 
_pdbx_modification_feature.modified_residue_label_asym_id     A 
_pdbx_modification_feature.modified_residue_label_seq_id      98 
_pdbx_modification_feature.modified_residue_label_alt_id      ? 
_pdbx_modification_feature.auth_comp_id                       CYS 
_pdbx_modification_feature.auth_asym_id                       A 
_pdbx_modification_feature.auth_seq_id                        78 
_pdbx_modification_feature.PDB_ins_code                       ? 
_pdbx_modification_feature.symmetry                           1_555 
_pdbx_modification_feature.modified_residue_auth_comp_id      CYS 
_pdbx_modification_feature.modified_residue_auth_asym_id      A 
_pdbx_modification_feature.modified_residue_auth_seq_id       78 
_pdbx_modification_feature.modified_residue_PDB_ins_code      ? 
_pdbx_modification_feature.modified_residue_symmetry          2_555 
_pdbx_modification_feature.comp_id_linking_atom               SG 
_pdbx_modification_feature.modified_residue_id_linking_atom   SG 
_pdbx_modification_feature.modified_residue_id                . 
_pdbx_modification_feature.ref_pcm_id                         . 
_pdbx_modification_feature.ref_comp_id                        . 
_pdbx_modification_feature.type                               None 
_pdbx_modification_feature.category                           'Disulfide bridge' 
# 
loop_
_struct_sheet.id 
_struct_sheet.type 
_struct_sheet.number_strands 
_struct_sheet.details 
AA1 ? 4 ? 
AA2 ? 4 ? 
AA3 ? 4 ? 
# 
loop_
_struct_sheet_order.sheet_id 
_struct_sheet_order.range_id_1 
_struct_sheet_order.range_id_2 
_struct_sheet_order.offset 
_struct_sheet_order.sense 
AA1 1 2 ? anti-parallel 
AA1 2 3 ? anti-parallel 
AA1 3 4 ? anti-parallel 
AA2 1 2 ? anti-parallel 
AA2 2 3 ? anti-parallel 
AA2 3 4 ? anti-parallel 
AA3 1 2 ? anti-parallel 
AA3 2 3 ? anti-parallel 
AA3 3 4 ? anti-parallel 
# 
loop_
_struct_sheet_range.sheet_id 
_struct_sheet_range.id 
_struct_sheet_range.beg_label_comp_id 
_struct_sheet_range.beg_label_asym_id 
_struct_sheet_range.beg_label_seq_id 
_struct_sheet_range.pdbx_beg_PDB_ins_code 
_struct_sheet_range.end_label_comp_id 
_struct_sheet_range.end_label_asym_id 
_struct_sheet_range.end_label_seq_id 
_struct_sheet_range.pdbx_end_PDB_ins_code 
_struct_sheet_range.beg_auth_comp_id 
_struct_sheet_range.beg_auth_asym_id 
_struct_sheet_range.beg_auth_seq_id 
_struct_sheet_range.end_auth_comp_id 
_struct_sheet_range.end_auth_asym_id 
_struct_sheet_range.end_auth_seq_id 
AA1 1 VAL A 69  ? THR A 72  ? VAL A 49  THR A 52  
AA1 2 PHE A 59  ? ILE A 63  ? PHE A 39  ILE A 43  
AA1 3 LYS A 50  ? CYS A 54  ? LYS A 30  CYS A 34  
AA1 4 PHE A 168 ? SER A 172 ? PHE A 148 SER A 152 
AA2 1 LEU A 82  ? ALA A 86  ? LEU A 62  ALA A 66  
AA2 2 VAL A 91  ? GLY A 96  ? VAL A 71  GLY A 76  
AA2 3 ARG A 101 ? MET A 105 ? ARG A 81  MET A 85  
AA2 4 LEU A 111 ? ILE A 114 ? LEU A 91  ILE A 94  
AA3 1 LEU A 82  ? ALA A 86  ? LEU A 62  ALA A 66  
AA3 2 VAL A 91  ? GLY A 96  ? VAL A 71  GLY A 76  
AA3 3 PHE A 123 ? LEU A 127 ? PHE A 103 LEU A 107 
AA3 4 ASN A 133 ? SER A 137 ? ASN A 113 SER A 117 
# 
loop_
_pdbx_struct_sheet_hbond.sheet_id 
_pdbx_struct_sheet_hbond.range_id_1 
_pdbx_struct_sheet_hbond.range_id_2 
_pdbx_struct_sheet_hbond.range_1_label_atom_id 
_pdbx_struct_sheet_hbond.range_1_label_comp_id 
_pdbx_struct_sheet_hbond.range_1_label_asym_id 
_pdbx_struct_sheet_hbond.range_1_label_seq_id 
_pdbx_struct_sheet_hbond.range_1_PDB_ins_code 
_pdbx_struct_sheet_hbond.range_1_auth_atom_id 
_pdbx_struct_sheet_hbond.range_1_auth_comp_id 
_pdbx_struct_sheet_hbond.range_1_auth_asym_id 
_pdbx_struct_sheet_hbond.range_1_auth_seq_id 
_pdbx_struct_sheet_hbond.range_2_label_atom_id 
_pdbx_struct_sheet_hbond.range_2_label_comp_id 
_pdbx_struct_sheet_hbond.range_2_label_asym_id 
_pdbx_struct_sheet_hbond.range_2_label_seq_id 
_pdbx_struct_sheet_hbond.range_2_PDB_ins_code 
_pdbx_struct_sheet_hbond.range_2_auth_atom_id 
_pdbx_struct_sheet_hbond.range_2_auth_comp_id 
_pdbx_struct_sheet_hbond.range_2_auth_asym_id 
_pdbx_struct_sheet_hbond.range_2_auth_seq_id 
AA1 1 2 O THR A 72  ? O THR A 52  N PHE A 60  ? N PHE A 40  
AA1 2 3 O PHE A 59  ? O PHE A 39  N CYS A 54  ? N CYS A 34  
AA1 3 4 N TYR A 53  ? N TYR A 33  O LEU A 169 ? O LEU A 149 
AA2 1 2 N GLN A 83  ? N GLN A 63  O LYS A 95  ? O LYS A 75  
AA2 2 3 N ILE A 94  ? N ILE A 74  O LEU A 103 ? O LEU A 83  
AA2 3 4 N TYR A 102 ? N TYR A 82  O ILE A 114 ? O ILE A 94  
AA3 1 2 N GLN A 83  ? N GLN A 63  O LYS A 95  ? O LYS A 75  
AA3 2 3 N VAL A 92  ? N VAL A 72  O PHE A 123 ? O PHE A 103 
AA3 3 4 N PHE A 124 ? N PHE A 104 O ARG A 136 ? O ARG A 116 
# 
_pdbx_entry_details.entry_id                   8OM6 
_pdbx_entry_details.compound_details           ? 
_pdbx_entry_details.source_details             ? 
_pdbx_entry_details.nonpolymer_details         ? 
_pdbx_entry_details.sequence_details           ? 
_pdbx_entry_details.has_ligand_of_interest     ? 
_pdbx_entry_details.has_protein_modification   Y 
# 
loop_
_pdbx_validate_torsion.id 
_pdbx_validate_torsion.PDB_model_num 
_pdbx_validate_torsion.auth_comp_id 
_pdbx_validate_torsion.auth_asym_id 
_pdbx_validate_torsion.auth_seq_id 
_pdbx_validate_torsion.PDB_ins_code 
_pdbx_validate_torsion.label_alt_id 
_pdbx_validate_torsion.phi 
_pdbx_validate_torsion.psi 
1 1 ASP A 50  ? ? -155.53 -156.80 
2 1 GLU A 67  ? ? -103.41 -108.97 
3 1 ASN A 111 ? ? 79.09   -2.91   
# 
loop_
_pdbx_struct_special_symmetry.id 
_pdbx_struct_special_symmetry.PDB_model_num 
_pdbx_struct_special_symmetry.auth_asym_id 
_pdbx_struct_special_symmetry.auth_comp_id 
_pdbx_struct_special_symmetry.auth_seq_id 
_pdbx_struct_special_symmetry.PDB_ins_code 
_pdbx_struct_special_symmetry.label_asym_id 
_pdbx_struct_special_symmetry.label_comp_id 
_pdbx_struct_special_symmetry.label_seq_id 
1 1 A HOH 253 ? B HOH . 
2 1 A HOH 326 ? B HOH . 
# 
_pdbx_distant_solvent_atoms.id                                1 
_pdbx_distant_solvent_atoms.PDB_model_num                     1 
_pdbx_distant_solvent_atoms.auth_atom_id                      O 
_pdbx_distant_solvent_atoms.label_alt_id                      ? 
_pdbx_distant_solvent_atoms.auth_asym_id                      A 
_pdbx_distant_solvent_atoms.auth_comp_id                      HOH 
_pdbx_distant_solvent_atoms.auth_seq_id                       328 
_pdbx_distant_solvent_atoms.PDB_ins_code                      ? 
_pdbx_distant_solvent_atoms.neighbor_macromolecule_distance   6.78 
_pdbx_distant_solvent_atoms.neighbor_ligand_distance          . 
# 
loop_
_pdbx_unobs_or_zero_occ_residues.id 
_pdbx_unobs_or_zero_occ_residues.PDB_model_num 
_pdbx_unobs_or_zero_occ_residues.polymer_flag 
_pdbx_unobs_or_zero_occ_residues.occupancy_flag 
_pdbx_unobs_or_zero_occ_residues.auth_asym_id 
_pdbx_unobs_or_zero_occ_residues.auth_comp_id 
_pdbx_unobs_or_zero_occ_residues.auth_seq_id 
_pdbx_unobs_or_zero_occ_residues.PDB_ins_code 
_pdbx_unobs_or_zero_occ_residues.label_asym_id 
_pdbx_unobs_or_zero_occ_residues.label_comp_id 
_pdbx_unobs_or_zero_occ_residues.label_seq_id 
1  1 Y 1 A MET -19 ? A MET 1   
2  1 Y 1 A GLY -18 ? A GLY 2   
3  1 Y 1 A SER -17 ? A SER 3   
4  1 Y 1 A SER -16 ? A SER 4   
5  1 Y 1 A HIS -15 ? A HIS 5   
6  1 Y 1 A HIS -14 ? A HIS 6   
7  1 Y 1 A HIS -13 ? A HIS 7   
8  1 Y 1 A HIS -12 ? A HIS 8   
9  1 Y 1 A HIS -11 ? A HIS 9   
10 1 Y 1 A HIS -10 ? A HIS 10  
11 1 Y 1 A SER -9  ? A SER 11  
12 1 Y 1 A SER -8  ? A SER 12  
13 1 Y 1 A GLY -7  ? A GLY 13  
14 1 Y 1 A LEU -6  ? A LEU 14  
15 1 Y 1 A VAL -5  ? A VAL 15  
16 1 Y 1 A PRO -4  ? A PRO 16  
17 1 Y 1 A ARG -3  ? A ARG 17  
18 1 Y 1 A GLY -2  ? A GLY 18  
19 1 Y 1 A SER -1  ? A SER 19  
20 1 Y 1 A HIS 0   ? A HIS 20  
21 1 Y 1 A MET 1   ? A MET 21  
22 1 Y 1 A ALA 2   ? A ALA 22  
23 1 Y 1 A ALA 3   ? A ALA 23  
24 1 Y 1 A GLY 4   ? A GLY 24  
25 1 Y 1 A SER 5   ? A SER 25  
26 1 Y 1 A ILE 6   ? A ILE 26  
27 1 Y 1 A THR 7   ? A THR 27  
28 1 Y 1 A THR 8   ? A THR 28  
29 1 Y 1 A LEU 9   ? A LEU 29  
30 1 Y 1 A PRO 10  ? A PRO 30  
31 1 Y 1 A ALA 11  ? A ALA 31  
32 1 Y 1 A LEU 12  ? A LEU 32  
33 1 Y 1 A PRO 13  ? A PRO 33  
34 1 Y 1 A GLU 14  ? A GLU 34  
35 1 Y 1 A ASP 15  ? A ASP 35  
36 1 Y 1 A GLY 16  ? A GLY 36  
37 1 Y 1 A GLY 17  ? A GLY 37  
38 1 Y 1 A SER 18  ? A SER 38  
39 1 Y 1 A GLY 19  ? A GLY 39  
40 1 Y 1 A ALA 20  ? A ALA 40  
41 1 Y 1 A SER 155 ? A SER 175 
# 
loop_
_chem_comp_atom.comp_id 
_chem_comp_atom.atom_id 
_chem_comp_atom.type_symbol 
_chem_comp_atom.pdbx_aromatic_flag 
_chem_comp_atom.pdbx_stereo_config 
_chem_comp_atom.pdbx_ordinal 
ALA N    N N N 1   
ALA CA   C N S 2   
ALA C    C N N 3   
ALA O    O N N 4   
ALA CB   C N N 5   
ALA OXT  O N N 6   
ALA H    H N N 7   
ALA H2   H N N 8   
ALA HA   H N N 9   
ALA HB1  H N N 10  
ALA HB2  H N N 11  
ALA HB3  H N N 12  
ALA HXT  H N N 13  
ARG N    N N N 14  
ARG CA   C N S 15  
ARG C    C N N 16  
ARG O    O N N 17  
ARG CB   C N N 18  
ARG CG   C N N 19  
ARG CD   C N N 20  
ARG NE   N N N 21  
ARG CZ   C N N 22  
ARG NH1  N N N 23  
ARG NH2  N N N 24  
ARG OXT  O N N 25  
ARG H    H N N 26  
ARG H2   H N N 27  
ARG HA   H N N 28  
ARG HB2  H N N 29  
ARG HB3  H N N 30  
ARG HG2  H N N 31  
ARG HG3  H N N 32  
ARG HD2  H N N 33  
ARG HD3  H N N 34  
ARG HE   H N N 35  
ARG HH11 H N N 36  
ARG HH12 H N N 37  
ARG HH21 H N N 38  
ARG HH22 H N N 39  
ARG HXT  H N N 40  
ASN N    N N N 41  
ASN CA   C N S 42  
ASN C    C N N 43  
ASN O    O N N 44  
ASN CB   C N N 45  
ASN CG   C N N 46  
ASN OD1  O N N 47  
ASN ND2  N N N 48  
ASN OXT  O N N 49  
ASN H    H N N 50  
ASN H2   H N N 51  
ASN HA   H N N 52  
ASN HB2  H N N 53  
ASN HB3  H N N 54  
ASN HD21 H N N 55  
ASN HD22 H N N 56  
ASN HXT  H N N 57  
ASP N    N N N 58  
ASP CA   C N S 59  
ASP C    C N N 60  
ASP O    O N N 61  
ASP CB   C N N 62  
ASP CG   C N N 63  
ASP OD1  O N N 64  
ASP OD2  O N N 65  
ASP OXT  O N N 66  
ASP H    H N N 67  
ASP H2   H N N 68  
ASP HA   H N N 69  
ASP HB2  H N N 70  
ASP HB3  H N N 71  
ASP HD2  H N N 72  
ASP HXT  H N N 73  
CYS N    N N N 74  
CYS CA   C N R 75  
CYS C    C N N 76  
CYS O    O N N 77  
CYS CB   C N N 78  
CYS SG   S N N 79  
CYS OXT  O N N 80  
CYS H    H N N 81  
CYS H2   H N N 82  
CYS HA   H N N 83  
CYS HB2  H N N 84  
CYS HB3  H N N 85  
CYS HG   H N N 86  
CYS HXT  H N N 87  
GLN N    N N N 88  
GLN CA   C N S 89  
GLN C    C N N 90  
GLN O    O N N 91  
GLN CB   C N N 92  
GLN CG   C N N 93  
GLN CD   C N N 94  
GLN OE1  O N N 95  
GLN NE2  N N N 96  
GLN OXT  O N N 97  
GLN H    H N N 98  
GLN H2   H N N 99  
GLN HA   H N N 100 
GLN HB2  H N N 101 
GLN HB3  H N N 102 
GLN HG2  H N N 103 
GLN HG3  H N N 104 
GLN HE21 H N N 105 
GLN HE22 H N N 106 
GLN HXT  H N N 107 
GLU N    N N N 108 
GLU CA   C N S 109 
GLU C    C N N 110 
GLU O    O N N 111 
GLU CB   C N N 112 
GLU CG   C N N 113 
GLU CD   C N N 114 
GLU OE1  O N N 115 
GLU OE2  O N N 116 
GLU OXT  O N N 117 
GLU H    H N N 118 
GLU H2   H N N 119 
GLU HA   H N N 120 
GLU HB2  H N N 121 
GLU HB3  H N N 122 
GLU HG2  H N N 123 
GLU HG3  H N N 124 
GLU HE2  H N N 125 
GLU HXT  H N N 126 
GLY N    N N N 127 
GLY CA   C N N 128 
GLY C    C N N 129 
GLY O    O N N 130 
GLY OXT  O N N 131 
GLY H    H N N 132 
GLY H2   H N N 133 
GLY HA2  H N N 134 
GLY HA3  H N N 135 
GLY HXT  H N N 136 
HIS N    N N N 137 
HIS CA   C N S 138 
HIS C    C N N 139 
HIS O    O N N 140 
HIS CB   C N N 141 
HIS CG   C Y N 142 
HIS ND1  N Y N 143 
HIS CD2  C Y N 144 
HIS CE1  C Y N 145 
HIS NE2  N Y N 146 
HIS OXT  O N N 147 
HIS H    H N N 148 
HIS H2   H N N 149 
HIS HA   H N N 150 
HIS HB2  H N N 151 
HIS HB3  H N N 152 
HIS HD1  H N N 153 
HIS HD2  H N N 154 
HIS HE1  H N N 155 
HIS HE2  H N N 156 
HIS HXT  H N N 157 
HOH O    O N N 158 
HOH H1   H N N 159 
HOH H2   H N N 160 
ILE N    N N N 161 
ILE CA   C N S 162 
ILE C    C N N 163 
ILE O    O N N 164 
ILE CB   C N S 165 
ILE CG1  C N N 166 
ILE CG2  C N N 167 
ILE CD1  C N N 168 
ILE OXT  O N N 169 
ILE H    H N N 170 
ILE H2   H N N 171 
ILE HA   H N N 172 
ILE HB   H N N 173 
ILE HG12 H N N 174 
ILE HG13 H N N 175 
ILE HG21 H N N 176 
ILE HG22 H N N 177 
ILE HG23 H N N 178 
ILE HD11 H N N 179 
ILE HD12 H N N 180 
ILE HD13 H N N 181 
ILE HXT  H N N 182 
LEU N    N N N 183 
LEU CA   C N S 184 
LEU C    C N N 185 
LEU O    O N N 186 
LEU CB   C N N 187 
LEU CG   C N N 188 
LEU CD1  C N N 189 
LEU CD2  C N N 190 
LEU OXT  O N N 191 
LEU H    H N N 192 
LEU H2   H N N 193 
LEU HA   H N N 194 
LEU HB2  H N N 195 
LEU HB3  H N N 196 
LEU HG   H N N 197 
LEU HD11 H N N 198 
LEU HD12 H N N 199 
LEU HD13 H N N 200 
LEU HD21 H N N 201 
LEU HD22 H N N 202 
LEU HD23 H N N 203 
LEU HXT  H N N 204 
LYS N    N N N 205 
LYS CA   C N S 206 
LYS C    C N N 207 
LYS O    O N N 208 
LYS CB   C N N 209 
LYS CG   C N N 210 
LYS CD   C N N 211 
LYS CE   C N N 212 
LYS NZ   N N N 213 
LYS OXT  O N N 214 
LYS H    H N N 215 
LYS H2   H N N 216 
LYS HA   H N N 217 
LYS HB2  H N N 218 
LYS HB3  H N N 219 
LYS HG2  H N N 220 
LYS HG3  H N N 221 
LYS HD2  H N N 222 
LYS HD3  H N N 223 
LYS HE2  H N N 224 
LYS HE3  H N N 225 
LYS HZ1  H N N 226 
LYS HZ2  H N N 227 
LYS HZ3  H N N 228 
LYS HXT  H N N 229 
MET N    N N N 230 
MET CA   C N S 231 
MET C    C N N 232 
MET O    O N N 233 
MET CB   C N N 234 
MET CG   C N N 235 
MET SD   S N N 236 
MET CE   C N N 237 
MET OXT  O N N 238 
MET H    H N N 239 
MET H2   H N N 240 
MET HA   H N N 241 
MET HB2  H N N 242 
MET HB3  H N N 243 
MET HG2  H N N 244 
MET HG3  H N N 245 
MET HE1  H N N 246 
MET HE2  H N N 247 
MET HE3  H N N 248 
MET HXT  H N N 249 
PHE N    N N N 250 
PHE CA   C N S 251 
PHE C    C N N 252 
PHE O    O N N 253 
PHE CB   C N N 254 
PHE CG   C Y N 255 
PHE CD1  C Y N 256 
PHE CD2  C Y N 257 
PHE CE1  C Y N 258 
PHE CE2  C Y N 259 
PHE CZ   C Y N 260 
PHE OXT  O N N 261 
PHE H    H N N 262 
PHE H2   H N N 263 
PHE HA   H N N 264 
PHE HB2  H N N 265 
PHE HB3  H N N 266 
PHE HD1  H N N 267 
PHE HD2  H N N 268 
PHE HE1  H N N 269 
PHE HE2  H N N 270 
PHE HZ   H N N 271 
PHE HXT  H N N 272 
PRO N    N N N 273 
PRO CA   C N S 274 
PRO C    C N N 275 
PRO O    O N N 276 
PRO CB   C N N 277 
PRO CG   C N N 278 
PRO CD   C N N 279 
PRO OXT  O N N 280 
PRO H    H N N 281 
PRO HA   H N N 282 
PRO HB2  H N N 283 
PRO HB3  H N N 284 
PRO HG2  H N N 285 
PRO HG3  H N N 286 
PRO HD2  H N N 287 
PRO HD3  H N N 288 
PRO HXT  H N N 289 
SER N    N N N 290 
SER CA   C N S 291 
SER C    C N N 292 
SER O    O N N 293 
SER CB   C N N 294 
SER OG   O N N 295 
SER OXT  O N N 296 
SER H    H N N 297 
SER H2   H N N 298 
SER HA   H N N 299 
SER HB2  H N N 300 
SER HB3  H N N 301 
SER HG   H N N 302 
SER HXT  H N N 303 
THR N    N N N 304 
THR CA   C N S 305 
THR C    C N N 306 
THR O    O N N 307 
THR CB   C N R 308 
THR OG1  O N N 309 
THR CG2  C N N 310 
THR OXT  O N N 311 
THR H    H N N 312 
THR H2   H N N 313 
THR HA   H N N 314 
THR HB   H N N 315 
THR HG1  H N N 316 
THR HG21 H N N 317 
THR HG22 H N N 318 
THR HG23 H N N 319 
THR HXT  H N N 320 
TRP N    N N N 321 
TRP CA   C N S 322 
TRP C    C N N 323 
TRP O    O N N 324 
TRP CB   C N N 325 
TRP CG   C Y N 326 
TRP CD1  C Y N 327 
TRP CD2  C Y N 328 
TRP NE1  N Y N 329 
TRP CE2  C Y N 330 
TRP CE3  C Y N 331 
TRP CZ2  C Y N 332 
TRP CZ3  C Y N 333 
TRP CH2  C Y N 334 
TRP OXT  O N N 335 
TRP H    H N N 336 
TRP H2   H N N 337 
TRP HA   H N N 338 
TRP HB2  H N N 339 
TRP HB3  H N N 340 
TRP HD1  H N N 341 
TRP HE1  H N N 342 
TRP HE3  H N N 343 
TRP HZ2  H N N 344 
TRP HZ3  H N N 345 
TRP HH2  H N N 346 
TRP HXT  H N N 347 
TYR N    N N N 348 
TYR CA   C N S 349 
TYR C    C N N 350 
TYR O    O N N 351 
TYR CB   C N N 352 
TYR CG   C Y N 353 
TYR CD1  C Y N 354 
TYR CD2  C Y N 355 
TYR CE1  C Y N 356 
TYR CE2  C Y N 357 
TYR CZ   C Y N 358 
TYR OH   O N N 359 
TYR OXT  O N N 360 
TYR H    H N N 361 
TYR H2   H N N 362 
TYR HA   H N N 363 
TYR HB2  H N N 364 
TYR HB3  H N N 365 
TYR HD1  H N N 366 
TYR HD2  H N N 367 
TYR HE1  H N N 368 
TYR HE2  H N N 369 
TYR HH   H N N 370 
TYR HXT  H N N 371 
VAL N    N N N 372 
VAL CA   C N S 373 
VAL C    C N N 374 
VAL O    O N N 375 
VAL CB   C N N 376 
VAL CG1  C N N 377 
VAL CG2  C N N 378 
VAL OXT  O N N 379 
VAL H    H N N 380 
VAL H2   H N N 381 
VAL HA   H N N 382 
VAL HB   H N N 383 
VAL HG11 H N N 384 
VAL HG12 H N N 385 
VAL HG13 H N N 386 
VAL HG21 H N N 387 
VAL HG22 H N N 388 
VAL HG23 H N N 389 
VAL HXT  H N N 390 
# 
loop_
_chem_comp_bond.comp_id 
_chem_comp_bond.atom_id_1 
_chem_comp_bond.atom_id_2 
_chem_comp_bond.value_order 
_chem_comp_bond.pdbx_aromatic_flag 
_chem_comp_bond.pdbx_stereo_config 
_chem_comp_bond.pdbx_ordinal 
ALA N   CA   sing N N 1   
ALA N   H    sing N N 2   
ALA N   H2   sing N N 3   
ALA CA  C    sing N N 4   
ALA CA  CB   sing N N 5   
ALA CA  HA   sing N N 6   
ALA C   O    doub N N 7   
ALA C   OXT  sing N N 8   
ALA CB  HB1  sing N N 9   
ALA CB  HB2  sing N N 10  
ALA CB  HB3  sing N N 11  
ALA OXT HXT  sing N N 12  
ARG N   CA   sing N N 13  
ARG N   H    sing N N 14  
ARG N   H2   sing N N 15  
ARG CA  C    sing N N 16  
ARG CA  CB   sing N N 17  
ARG CA  HA   sing N N 18  
ARG C   O    doub N N 19  
ARG C   OXT  sing N N 20  
ARG CB  CG   sing N N 21  
ARG CB  HB2  sing N N 22  
ARG CB  HB3  sing N N 23  
ARG CG  CD   sing N N 24  
ARG CG  HG2  sing N N 25  
ARG CG  HG3  sing N N 26  
ARG CD  NE   sing N N 27  
ARG CD  HD2  sing N N 28  
ARG CD  HD3  sing N N 29  
ARG NE  CZ   sing N N 30  
ARG NE  HE   sing N N 31  
ARG CZ  NH1  sing N N 32  
ARG CZ  NH2  doub N N 33  
ARG NH1 HH11 sing N N 34  
ARG NH1 HH12 sing N N 35  
ARG NH2 HH21 sing N N 36  
ARG NH2 HH22 sing N N 37  
ARG OXT HXT  sing N N 38  
ASN N   CA   sing N N 39  
ASN N   H    sing N N 40  
ASN N   H2   sing N N 41  
ASN CA  C    sing N N 42  
ASN CA  CB   sing N N 43  
ASN CA  HA   sing N N 44  
ASN C   O    doub N N 45  
ASN C   OXT  sing N N 46  
ASN CB  CG   sing N N 47  
ASN CB  HB2  sing N N 48  
ASN CB  HB3  sing N N 49  
ASN CG  OD1  doub N N 50  
ASN CG  ND2  sing N N 51  
ASN ND2 HD21 sing N N 52  
ASN ND2 HD22 sing N N 53  
ASN OXT HXT  sing N N 54  
ASP N   CA   sing N N 55  
ASP N   H    sing N N 56  
ASP N   H2   sing N N 57  
ASP CA  C    sing N N 58  
ASP CA  CB   sing N N 59  
ASP CA  HA   sing N N 60  
ASP C   O    doub N N 61  
ASP C   OXT  sing N N 62  
ASP CB  CG   sing N N 63  
ASP CB  HB2  sing N N 64  
ASP CB  HB3  sing N N 65  
ASP CG  OD1  doub N N 66  
ASP CG  OD2  sing N N 67  
ASP OD2 HD2  sing N N 68  
ASP OXT HXT  sing N N 69  
CYS N   CA   sing N N 70  
CYS N   H    sing N N 71  
CYS N   H2   sing N N 72  
CYS CA  C    sing N N 73  
CYS CA  CB   sing N N 74  
CYS CA  HA   sing N N 75  
CYS C   O    doub N N 76  
CYS C   OXT  sing N N 77  
CYS CB  SG   sing N N 78  
CYS CB  HB2  sing N N 79  
CYS CB  HB3  sing N N 80  
CYS SG  HG   sing N N 81  
CYS OXT HXT  sing N N 82  
GLN N   CA   sing N N 83  
GLN N   H    sing N N 84  
GLN N   H2   sing N N 85  
GLN CA  C    sing N N 86  
GLN CA  CB   sing N N 87  
GLN CA  HA   sing N N 88  
GLN C   O    doub N N 89  
GLN C   OXT  sing N N 90  
GLN CB  CG   sing N N 91  
GLN CB  HB2  sing N N 92  
GLN CB  HB3  sing N N 93  
GLN CG  CD   sing N N 94  
GLN CG  HG2  sing N N 95  
GLN CG  HG3  sing N N 96  
GLN CD  OE1  doub N N 97  
GLN CD  NE2  sing N N 98  
GLN NE2 HE21 sing N N 99  
GLN NE2 HE22 sing N N 100 
GLN OXT HXT  sing N N 101 
GLU N   CA   sing N N 102 
GLU N   H    sing N N 103 
GLU N   H2   sing N N 104 
GLU CA  C    sing N N 105 
GLU CA  CB   sing N N 106 
GLU CA  HA   sing N N 107 
GLU C   O    doub N N 108 
GLU C   OXT  sing N N 109 
GLU CB  CG   sing N N 110 
GLU CB  HB2  sing N N 111 
GLU CB  HB3  sing N N 112 
GLU CG  CD   sing N N 113 
GLU CG  HG2  sing N N 114 
GLU CG  HG3  sing N N 115 
GLU CD  OE1  doub N N 116 
GLU CD  OE2  sing N N 117 
GLU OE2 HE2  sing N N 118 
GLU OXT HXT  sing N N 119 
GLY N   CA   sing N N 120 
GLY N   H    sing N N 121 
GLY N   H2   sing N N 122 
GLY CA  C    sing N N 123 
GLY CA  HA2  sing N N 124 
GLY CA  HA3  sing N N 125 
GLY C   O    doub N N 126 
GLY C   OXT  sing N N 127 
GLY OXT HXT  sing N N 128 
HIS N   CA   sing N N 129 
HIS N   H    sing N N 130 
HIS N   H2   sing N N 131 
HIS CA  C    sing N N 132 
HIS CA  CB   sing N N 133 
HIS CA  HA   sing N N 134 
HIS C   O    doub N N 135 
HIS C   OXT  sing N N 136 
HIS CB  CG   sing N N 137 
HIS CB  HB2  sing N N 138 
HIS CB  HB3  sing N N 139 
HIS CG  ND1  sing Y N 140 
HIS CG  CD2  doub Y N 141 
HIS ND1 CE1  doub Y N 142 
HIS ND1 HD1  sing N N 143 
HIS CD2 NE2  sing Y N 144 
HIS CD2 HD2  sing N N 145 
HIS CE1 NE2  sing Y N 146 
HIS CE1 HE1  sing N N 147 
HIS NE2 HE2  sing N N 148 
HIS OXT HXT  sing N N 149 
HOH O   H1   sing N N 150 
HOH O   H2   sing N N 151 
ILE N   CA   sing N N 152 
ILE N   H    sing N N 153 
ILE N   H2   sing N N 154 
ILE CA  C    sing N N 155 
ILE CA  CB   sing N N 156 
ILE CA  HA   sing N N 157 
ILE C   O    doub N N 158 
ILE C   OXT  sing N N 159 
ILE CB  CG1  sing N N 160 
ILE CB  CG2  sing N N 161 
ILE CB  HB   sing N N 162 
ILE CG1 CD1  sing N N 163 
ILE CG1 HG12 sing N N 164 
ILE CG1 HG13 sing N N 165 
ILE CG2 HG21 sing N N 166 
ILE CG2 HG22 sing N N 167 
ILE CG2 HG23 sing N N 168 
ILE CD1 HD11 sing N N 169 
ILE CD1 HD12 sing N N 170 
ILE CD1 HD13 sing N N 171 
ILE OXT HXT  sing N N 172 
LEU N   CA   sing N N 173 
LEU N   H    sing N N 174 
LEU N   H2   sing N N 175 
LEU CA  C    sing N N 176 
LEU CA  CB   sing N N 177 
LEU CA  HA   sing N N 178 
LEU C   O    doub N N 179 
LEU C   OXT  sing N N 180 
LEU CB  CG   sing N N 181 
LEU CB  HB2  sing N N 182 
LEU CB  HB3  sing N N 183 
LEU CG  CD1  sing N N 184 
LEU CG  CD2  sing N N 185 
LEU CG  HG   sing N N 186 
LEU CD1 HD11 sing N N 187 
LEU CD1 HD12 sing N N 188 
LEU CD1 HD13 sing N N 189 
LEU CD2 HD21 sing N N 190 
LEU CD2 HD22 sing N N 191 
LEU CD2 HD23 sing N N 192 
LEU OXT HXT  sing N N 193 
LYS N   CA   sing N N 194 
LYS N   H    sing N N 195 
LYS N   H2   sing N N 196 
LYS CA  C    sing N N 197 
LYS CA  CB   sing N N 198 
LYS CA  HA   sing N N 199 
LYS C   O    doub N N 200 
LYS C   OXT  sing N N 201 
LYS CB  CG   sing N N 202 
LYS CB  HB2  sing N N 203 
LYS CB  HB3  sing N N 204 
LYS CG  CD   sing N N 205 
LYS CG  HG2  sing N N 206 
LYS CG  HG3  sing N N 207 
LYS CD  CE   sing N N 208 
LYS CD  HD2  sing N N 209 
LYS CD  HD3  sing N N 210 
LYS CE  NZ   sing N N 211 
LYS CE  HE2  sing N N 212 
LYS CE  HE3  sing N N 213 
LYS NZ  HZ1  sing N N 214 
LYS NZ  HZ2  sing N N 215 
LYS NZ  HZ3  sing N N 216 
LYS OXT HXT  sing N N 217 
MET N   CA   sing N N 218 
MET N   H    sing N N 219 
MET N   H2   sing N N 220 
MET CA  C    sing N N 221 
MET CA  CB   sing N N 222 
MET CA  HA   sing N N 223 
MET C   O    doub N N 224 
MET C   OXT  sing N N 225 
MET CB  CG   sing N N 226 
MET CB  HB2  sing N N 227 
MET CB  HB3  sing N N 228 
MET CG  SD   sing N N 229 
MET CG  HG2  sing N N 230 
MET CG  HG3  sing N N 231 
MET SD  CE   sing N N 232 
MET CE  HE1  sing N N 233 
MET CE  HE2  sing N N 234 
MET CE  HE3  sing N N 235 
MET OXT HXT  sing N N 236 
PHE N   CA   sing N N 237 
PHE N   H    sing N N 238 
PHE N   H2   sing N N 239 
PHE CA  C    sing N N 240 
PHE CA  CB   sing N N 241 
PHE CA  HA   sing N N 242 
PHE C   O    doub N N 243 
PHE C   OXT  sing N N 244 
PHE CB  CG   sing N N 245 
PHE CB  HB2  sing N N 246 
PHE CB  HB3  sing N N 247 
PHE CG  CD1  doub Y N 248 
PHE CG  CD2  sing Y N 249 
PHE CD1 CE1  sing Y N 250 
PHE CD1 HD1  sing N N 251 
PHE CD2 CE2  doub Y N 252 
PHE CD2 HD2  sing N N 253 
PHE CE1 CZ   doub Y N 254 
PHE CE1 HE1  sing N N 255 
PHE CE2 CZ   sing Y N 256 
PHE CE2 HE2  sing N N 257 
PHE CZ  HZ   sing N N 258 
PHE OXT HXT  sing N N 259 
PRO N   CA   sing N N 260 
PRO N   CD   sing N N 261 
PRO N   H    sing N N 262 
PRO CA  C    sing N N 263 
PRO CA  CB   sing N N 264 
PRO CA  HA   sing N N 265 
PRO C   O    doub N N 266 
PRO C   OXT  sing N N 267 
PRO CB  CG   sing N N 268 
PRO CB  HB2  sing N N 269 
PRO CB  HB3  sing N N 270 
PRO CG  CD   sing N N 271 
PRO CG  HG2  sing N N 272 
PRO CG  HG3  sing N N 273 
PRO CD  HD2  sing N N 274 
PRO CD  HD3  sing N N 275 
PRO OXT HXT  sing N N 276 
SER N   CA   sing N N 277 
SER N   H    sing N N 278 
SER N   H2   sing N N 279 
SER CA  C    sing N N 280 
SER CA  CB   sing N N 281 
SER CA  HA   sing N N 282 
SER C   O    doub N N 283 
SER C   OXT  sing N N 284 
SER CB  OG   sing N N 285 
SER CB  HB2  sing N N 286 
SER CB  HB3  sing N N 287 
SER OG  HG   sing N N 288 
SER OXT HXT  sing N N 289 
THR N   CA   sing N N 290 
THR N   H    sing N N 291 
THR N   H2   sing N N 292 
THR CA  C    sing N N 293 
THR CA  CB   sing N N 294 
THR CA  HA   sing N N 295 
THR C   O    doub N N 296 
THR C   OXT  sing N N 297 
THR CB  OG1  sing N N 298 
THR CB  CG2  sing N N 299 
THR CB  HB   sing N N 300 
THR OG1 HG1  sing N N 301 
THR CG2 HG21 sing N N 302 
THR CG2 HG22 sing N N 303 
THR CG2 HG23 sing N N 304 
THR OXT HXT  sing N N 305 
TRP N   CA   sing N N 306 
TRP N   H    sing N N 307 
TRP N   H2   sing N N 308 
TRP CA  C    sing N N 309 
TRP CA  CB   sing N N 310 
TRP CA  HA   sing N N 311 
TRP C   O    doub N N 312 
TRP C   OXT  sing N N 313 
TRP CB  CG   sing N N 314 
TRP CB  HB2  sing N N 315 
TRP CB  HB3  sing N N 316 
TRP CG  CD1  doub Y N 317 
TRP CG  CD2  sing Y N 318 
TRP CD1 NE1  sing Y N 319 
TRP CD1 HD1  sing N N 320 
TRP CD2 CE2  doub Y N 321 
TRP CD2 CE3  sing Y N 322 
TRP NE1 CE2  sing Y N 323 
TRP NE1 HE1  sing N N 324 
TRP CE2 CZ2  sing Y N 325 
TRP CE3 CZ3  doub Y N 326 
TRP CE3 HE3  sing N N 327 
TRP CZ2 CH2  doub Y N 328 
TRP CZ2 HZ2  sing N N 329 
TRP CZ3 CH2  sing Y N 330 
TRP CZ3 HZ3  sing N N 331 
TRP CH2 HH2  sing N N 332 
TRP OXT HXT  sing N N 333 
TYR N   CA   sing N N 334 
TYR N   H    sing N N 335 
TYR N   H2   sing N N 336 
TYR CA  C    sing N N 337 
TYR CA  CB   sing N N 338 
TYR CA  HA   sing N N 339 
TYR C   O    doub N N 340 
TYR C   OXT  sing N N 341 
TYR CB  CG   sing N N 342 
TYR CB  HB2  sing N N 343 
TYR CB  HB3  sing N N 344 
TYR CG  CD1  doub Y N 345 
TYR CG  CD2  sing Y N 346 
TYR CD1 CE1  sing Y N 347 
TYR CD1 HD1  sing N N 348 
TYR CD2 CE2  doub Y N 349 
TYR CD2 HD2  sing N N 350 
TYR CE1 CZ   doub Y N 351 
TYR CE1 HE1  sing N N 352 
TYR CE2 CZ   sing Y N 353 
TYR CE2 HE2  sing N N 354 
TYR CZ  OH   sing N N 355 
TYR OH  HH   sing N N 356 
TYR OXT HXT  sing N N 357 
VAL N   CA   sing N N 358 
VAL N   H    sing N N 359 
VAL N   H2   sing N N 360 
VAL CA  C    sing N N 361 
VAL CA  CB   sing N N 362 
VAL CA  HA   sing N N 363 
VAL C   O    doub N N 364 
VAL C   OXT  sing N N 365 
VAL CB  CG1  sing N N 366 
VAL CB  CG2  sing N N 367 
VAL CB  HB   sing N N 368 
VAL CG1 HG11 sing N N 369 
VAL CG1 HG12 sing N N 370 
VAL CG1 HG13 sing N N 371 
VAL CG2 HG21 sing N N 372 
VAL CG2 HG22 sing N N 373 
VAL CG2 HG23 sing N N 374 
VAL OXT HXT  sing N N 375 
# 
_pdbx_audit_support.funding_organization   'Czech Science Foundation' 
_pdbx_audit_support.country                'Czech Republic' 
_pdbx_audit_support.grant_number           GA22-09853S 
_pdbx_audit_support.ordinal                1 
# 
_pdbx_initial_refinement_model.accession_code   4FGF 
_pdbx_initial_refinement_model.details          ? 
_pdbx_initial_refinement_model.entity_id_list   1 
_pdbx_initial_refinement_model.id               1 
_pdbx_initial_refinement_model.source_name      PDB 
_pdbx_initial_refinement_model.type             'experimental model' 
# 
_atom_sites.entry_id                    8OM6 
_atom_sites.Cartn_transf_matrix[1][1]   ? 
_atom_sites.Cartn_transf_matrix[1][2]   ? 
_atom_sites.Cartn_transf_matrix[1][3]   ? 
_atom_sites.Cartn_transf_matrix[2][1]   ? 
_atom_sites.Cartn_transf_matrix[2][2]   ? 
_atom_sites.Cartn_transf_matrix[2][3]   ? 
_atom_sites.Cartn_transf_matrix[3][1]   ? 
_atom_sites.Cartn_transf_matrix[3][2]   ? 
_atom_sites.Cartn_transf_matrix[3][3]   ? 
_atom_sites.Cartn_transf_vector[1]      ? 
_atom_sites.Cartn_transf_vector[2]      ? 
_atom_sites.Cartn_transf_vector[3]      ? 
_atom_sites.fract_transf_matrix[1][1]   -0.00209611 
_atom_sites.fract_transf_matrix[1][2]   -0.00335938 
_atom_sites.fract_transf_matrix[1][3]   0.00785355 
_atom_sites.fract_transf_matrix[2][1]   -0.02104546 
_atom_sites.fract_transf_matrix[2][2]   0.01500617 
_atom_sites.fract_transf_matrix[2][3]   0.00080192 
_atom_sites.fract_transf_matrix[3][1]   -0.01728605 
_atom_sites.fract_transf_matrix[3][2]   -0.02390597 
_atom_sites.fract_transf_matrix[3][3]   -0.00630435 
_atom_sites.fract_transf_vector[1]      -0.133996 
_atom_sites.fract_transf_vector[2]      -0.482608 
_atom_sites.fract_transf_vector[3]      0.059912 
_atom_sites.solution_primary            ? 
_atom_sites.solution_secondary          ? 
_atom_sites.solution_hydrogens          ? 
_atom_sites.special_details             ? 
# 
loop_
_atom_type.symbol 
C 
N 
O 
S 
# 
loop_
_atom_site.group_PDB 
_atom_site.id 
_atom_site.type_symbol 
_atom_site.label_atom_id 
_atom_site.label_alt_id 
_atom_site.label_comp_id 
_atom_site.label_asym_id 
_atom_site.label_entity_id 
_atom_site.label_seq_id 
_atom_site.pdbx_PDB_ins_code 
_atom_site.Cartn_x 
_atom_site.Cartn_y 
_atom_site.Cartn_z 
_atom_site.occupancy 
_atom_site.B_iso_or_equiv 
_atom_site.pdbx_formal_charge 
_atom_site.auth_seq_id 
_atom_site.auth_comp_id 
_atom_site.auth_asym_id 
_atom_site.auth_atom_id 
_atom_site.pdbx_PDB_model_num 
ATOM   1    N N   . PHE A 1 41  ? 0.336   20.042  20.697  1.00 38.36  ? 21  PHE A N   1 
ATOM   2    C CA  . PHE A 1 41  ? 1.015   19.714  19.446  1.00 40.61  ? 21  PHE A CA  1 
ATOM   3    C C   . PHE A 1 41  ? 0.366   20.416  18.254  1.00 39.05  ? 21  PHE A C   1 
ATOM   4    O O   . PHE A 1 41  ? -0.856  20.569  18.209  1.00 43.68  ? 21  PHE A O   1 
ATOM   5    C CB  . PHE A 1 41  ? 1.027   18.198  19.225  1.00 43.25  ? 21  PHE A CB  1 
ATOM   6    C CG  . PHE A 1 41  ? 2.076   17.474  20.021  1.00 38.59  ? 21  PHE A CG  1 
ATOM   7    C CD1 . PHE A 1 41  ? 3.410   17.538  19.652  1.00 36.94  ? 21  PHE A CD1 1 
ATOM   8    C CD2 . PHE A 1 41  ? 1.730   16.731  21.136  1.00 37.26  ? 21  PHE A CD2 1 
ATOM   9    C CE1 . PHE A 1 41  ? 4.380   16.876  20.376  1.00 38.94  ? 21  PHE A CE1 1 
ATOM   10   C CE2 . PHE A 1 41  ? 2.698   16.068  21.869  1.00 42.64  ? 21  PHE A CE2 1 
ATOM   11   C CZ  . PHE A 1 41  ? 4.028   16.140  21.485  1.00 36.67  ? 21  PHE A CZ  1 
ATOM   12   N N   . PRO A 1 42  ? 1.183   20.841  17.292  1.00 36.63  ? 22  PRO A N   1 
ATOM   13   C CA  . PRO A 1 42  ? 0.659   21.548  16.120  1.00 38.65  ? 22  PRO A CA  1 
ATOM   14   C C   . PRO A 1 42  ? -0.214  20.637  15.276  1.00 43.36  ? 22  PRO A C   1 
ATOM   15   O O   . PRO A 1 42  ? -0.191  19.407  15.443  1.00 35.83  ? 22  PRO A O   1 
ATOM   16   C CB  . PRO A 1 42  ? 1.936   21.946  15.362  1.00 37.39  ? 22  PRO A CB  1 
ATOM   17   C CG  . PRO A 1 42  ? 2.997   21.982  16.412  1.00 34.22  ? 22  PRO A CG  1 
ATOM   18   C CD  . PRO A 1 42  ? 2.655   20.843  17.320  1.00 35.75  ? 22  PRO A CD  1 
ATOM   19   N N   . PRO A 1 43  ? -1.007  21.204  14.363  1.00 43.09  ? 23  PRO A N   1 
ATOM   20   C CA  . PRO A 1 43  ? -1.886  20.374  13.531  1.00 43.37  ? 23  PRO A CA  1 
ATOM   21   C C   . PRO A 1 43  ? -1.096  19.364  12.713  1.00 42.94  ? 23  PRO A C   1 
ATOM   22   O O   . PRO A 1 43  ? 0.032   19.620  12.283  1.00 39.43  ? 23  PRO A O   1 
ATOM   23   C CB  . PRO A 1 43  ? -2.583  21.392  12.622  1.00 42.72  ? 23  PRO A CB  1 
ATOM   24   C CG  . PRO A 1 43  ? -2.474  22.690  13.335  1.00 41.88  ? 23  PRO A CG  1 
ATOM   25   C CD  . PRO A 1 43  ? -1.188  22.643  14.098  1.00 39.35  ? 23  PRO A CD  1 
ATOM   26   N N   . GLY A 1 44  ? -1.710  18.200  12.502  1.00 43.91  ? 24  GLY A N   1 
ATOM   27   C CA  . GLY A 1 44  ? -1.098  17.133  11.742  1.00 34.68  ? 24  GLY A CA  1 
ATOM   28   C C   . GLY A 1 44  ? -0.145  16.249  12.516  1.00 34.60  ? 24  GLY A C   1 
ATOM   29   O O   . GLY A 1 44  ? 0.443   15.336  11.921  1.00 36.98  ? 24  GLY A O   1 
ATOM   30   N N   . HIS A 1 45  ? 0.024   16.484  13.822  1.00 31.87  ? 25  HIS A N   1 
ATOM   31   C CA  . HIS A 1 45  ? 0.987   15.709  14.600  1.00 26.44  ? 25  HIS A CA  1 
ATOM   32   C C   . HIS A 1 45  ? 0.580   14.241  14.681  1.00 33.85  ? 25  HIS A C   1 
ATOM   33   O O   . HIS A 1 45  ? 1.387   13.346  14.408  1.00 33.10  ? 25  HIS A O   1 
ATOM   34   C CB  . HIS A 1 45  ? 1.131   16.300  16.003  1.00 29.56  ? 25  HIS A CB  1 
ATOM   35   C CG  . HIS A 1 45  ? 2.154   15.601  16.841  1.00 27.71  ? 25  HIS A CG  1 
ATOM   36   N ND1 . HIS A 1 45  ? 3.508   15.805  16.690  1.00 28.65  ? 25  HIS A ND1 1 
ATOM   37   C CD2 . HIS A 1 45  ? 2.022   14.685  17.831  1.00 26.14  ? 25  HIS A CD2 1 
ATOM   38   C CE1 . HIS A 1 45  ? 4.168   15.054  17.553  1.00 27.65  ? 25  HIS A CE1 1 
ATOM   39   N NE2 . HIS A 1 45  ? 3.287   14.362  18.258  1.00 28.81  ? 25  HIS A NE2 1 
ATOM   40   N N   . PHE A 1 46  ? -0.665  13.978  15.066  1.00 35.22  ? 26  PHE A N   1 
ATOM   41   C CA  . PHE A 1 46  ? -1.169  12.615  15.168  1.00 33.34  ? 26  PHE A CA  1 
ATOM   42   C C   . PHE A 1 46  ? -1.791  12.206  13.837  1.00 39.54  ? 26  PHE A C   1 
ATOM   43   O O   . PHE A 1 46  ? -2.665  12.902  13.311  1.00 42.59  ? 26  PHE A O   1 
ATOM   44   C CB  . PHE A 1 46  ? -2.180  12.505  16.315  1.00 31.78  ? 26  PHE A CB  1 
ATOM   45   C CG  . PHE A 1 46  ? -1.576  12.750  17.677  1.00 31.00  ? 26  PHE A CG  1 
ATOM   46   C CD1 . PHE A 1 46  ? -0.778  11.787  18.279  1.00 31.41  ? 26  PHE A CD1 1 
ATOM   47   C CD2 . PHE A 1 46  ? -1.786  13.949  18.343  1.00 30.89  ? 26  PHE A CD2 1 
ATOM   48   C CE1 . PHE A 1 46  ? -0.217  12.005  19.530  1.00 31.44  ? 26  PHE A CE1 1 
ATOM   49   C CE2 . PHE A 1 46  ? -1.222  14.176  19.592  1.00 31.20  ? 26  PHE A CE2 1 
ATOM   50   C CZ  . PHE A 1 46  ? -0.433  13.204  20.183  1.00 31.56  ? 26  PHE A CZ  1 
ATOM   51   N N   . LYS A 1 47  ? -1.317  11.092  13.285  1.00 36.67  ? 27  LYS A N   1 
ATOM   52   C CA  . LYS A 1 47  ? -1.752  10.635  11.972  1.00 34.17  ? 27  LYS A CA  1 
ATOM   53   C C   . LYS A 1 47  ? -2.955  9.709   12.103  1.00 37.16  ? 27  LYS A C   1 
ATOM   54   O O   . LYS A 1 47  ? -2.978  8.813   12.951  1.00 35.78  ? 27  LYS A O   1 
ATOM   55   C CB  . LYS A 1 47  ? -0.611  9.905   11.259  1.00 39.99  ? 27  LYS A CB  1 
ATOM   56   C CG  . LYS A 1 47  ? 0.739   10.609  11.343  1.00 38.89  ? 27  LYS A CG  1 
ATOM   57   C CD  . LYS A 1 47  ? 0.676   12.021  10.783  1.00 46.12  ? 27  LYS A CD  1 
ATOM   58   C CE  . LYS A 1 47  ? 2.059   12.519  10.394  1.00 51.98  ? 27  LYS A CE  1 
ATOM   59   N NZ  . LYS A 1 47  ? 2.685   13.353  11.459  1.00 50.98  ? 27  LYS A NZ  1 
ATOM   60   N N   . ASP A 1 48  ? -3.947  9.926   11.245  1.00 35.36  ? 28  ASP A N   1 
ATOM   61   C CA  . ASP A 1 48  ? -5.175  9.139   11.266  1.00 33.17  ? 28  ASP A CA  1 
ATOM   62   C C   . ASP A 1 48  ? -4.960  7.823   10.524  1.00 30.62  ? 28  ASP A C   1 
ATOM   63   O O   . ASP A 1 48  ? -4.628  7.845   9.334   1.00 37.70  ? 28  ASP A O   1 
ATOM   64   C CB  . ASP A 1 48  ? -6.277  9.925   10.572  1.00 38.44  ? 28  ASP A CB  1 
ATOM   65   C CG  . ASP A 1 48  ? -7.605  9.204   10.586  1.00 47.83  ? 28  ASP A CG  1 
ATOM   66   O OD1 . ASP A 1 48  ? -8.037  8.778   11.677  1.00 49.83  ? 28  ASP A OD1 1 
ATOM   67   O OD2 . ASP A 1 48  ? -8.216  9.064   9.504   1.00 55.72  ? 28  ASP A OD2 1 
ATOM   68   N N   . PRO A 1 49  ? -5.138  6.673   11.168  1.00 23.75  ? 29  PRO A N   1 
ATOM   69   C CA  . PRO A 1 49  ? -4.887  5.401   10.480  1.00 27.33  ? 29  PRO A CA  1 
ATOM   70   C C   . PRO A 1 49  ? -6.011  5.024   9.525   1.00 27.20  ? 29  PRO A C   1 
ATOM   71   O O   . PRO A 1 49  ? -7.162  5.442   9.667   1.00 26.82  ? 29  PRO A O   1 
ATOM   72   C CB  . PRO A 1 49  ? -4.784  4.390   11.628  1.00 28.40  ? 29  PRO A CB  1 
ATOM   73   C CG  . PRO A 1 49  ? -5.581  5.008   12.741  1.00 31.43  ? 29  PRO A CG  1 
ATOM   74   C CD  . PRO A 1 49  ? -5.388  6.489   12.608  1.00 28.68  ? 29  PRO A CD  1 
ATOM   75   N N   . LYS A 1 50  ? -5.651  4.208   8.532   1.00 21.12  ? 30  LYS A N   1 
ATOM   76   C CA  . LYS A 1 50  ? -6.593  3.767   7.516   1.00 21.83  ? 30  LYS A CA  1 
ATOM   77   C C   . LYS A 1 50  ? -6.328  2.306   7.191   1.00 17.89  ? 30  LYS A C   1 
ATOM   78   O O   . LYS A 1 50  ? -5.267  1.764   7.494   1.00 19.69  ? 30  LYS A O   1 
ATOM   79   C CB  . LYS A 1 50  ? -6.461  4.588   6.223   1.00 25.43  ? 30  LYS A CB  1 
ATOM   80   C CG  . LYS A 1 50  ? -6.853  6.047   6.378   1.00 32.26  ? 30  LYS A CG  1 
ATOM   81   C CD  . LYS A 1 50  ? -8.281  6.282   5.918   1.00 37.66  ? 30  LYS A CD  1 
ATOM   82   C CE  . LYS A 1 50  ? -8.516  7.748   5.583   1.00 46.57  ? 30  LYS A CE  1 
ATOM   83   N NZ  . LYS A 1 50  ? -7.606  8.651   6.348   1.00 50.74  ? 30  LYS A NZ  1 
ATOM   84   N N   . LEU A 1 51  ? -7.321  1.662   6.582   1.00 18.25  ? 31  LEU A N   1 
ATOM   85   C CA  . LEU A 1 51  ? -7.153  0.340   5.992   1.00 17.80  ? 31  LEU A CA  1 
ATOM   86   C C   . LEU A 1 51  ? -7.150  0.504   4.481   1.00 19.15  ? 31  LEU A C   1 
ATOM   87   O O   . LEU A 1 51  ? -7.749  1.447   3.956   1.00 19.64  ? 31  LEU A O   1 
ATOM   88   C CB  . LEU A 1 51  ? -8.294  -0.611  6.377   1.00 19.08  ? 31  LEU A CB  1 
ATOM   89   C CG  . LEU A 1 51  ? -8.724  -0.639  7.843   1.00 18.80  ? 31  LEU A CG  1 
ATOM   90   C CD1 . LEU A 1 51  ? -9.894  -1.606  8.026   1.00 22.44  ? 31  LEU A CD1 1 
ATOM   91   C CD2 . LEU A 1 51  ? -7.561  -1.004  8.714   1.00 20.70  ? 31  LEU A CD2 1 
ATOM   92   N N   . LEU A 1 52  ? -6.466  -0.405  3.784   1.00 16.82  ? 32  LEU A N   1 
ATOM   93   C CA  . LEU A 1 52  ? -6.513  -0.446  2.319   1.00 17.95  ? 32  LEU A CA  1 
ATOM   94   C C   . LEU A 1 52  ? -7.086  -1.793  1.893   1.00 17.07  ? 32  LEU A C   1 
ATOM   95   O O   . LEU A 1 52  ? -6.414  -2.825  2.022   1.00 17.19  ? 32  LEU A O   1 
ATOM   96   C CB  . LEU A 1 52  ? -5.141  -0.196  1.676   1.00 16.60  ? 32  LEU A CB  1 
ATOM   97   C CG  . LEU A 1 52  ? -4.660  1.256   1.644   1.00 15.70  ? 32  LEU A CG  1 
ATOM   98   C CD1 . LEU A 1 52  ? -3.269  1.345   1.022   1.00 17.76  ? 32  LEU A CD1 1 
ATOM   99   C CD2 . LEU A 1 52  ? -5.630  2.164   0.910   1.00 20.69  ? 32  LEU A CD2 1 
ATOM   100  N N   . TYR A 1 53  ? -8.300  -1.772  1.340   1.00 16.67  ? 33  TYR A N   1 
ATOM   101  C CA  . TYR A 1 53  ? -9.034  -2.982  0.981   1.00 17.12  ? 33  TYR A CA  1 
ATOM   102  C C   . TYR A 1 53  ? -8.848  -3.263  -0.505  1.00 17.20  ? 33  TYR A C   1 
ATOM   103  O O   . TYR A 1 53  ? -9.277  -2.466  -1.354  1.00 16.93  ? 33  TYR A O   1 
ATOM   104  C CB  . TYR A 1 53  ? -10.516 -2.776  1.304   1.00 18.77  ? 33  TYR A CB  1 
ATOM   105  C CG  . TYR A 1 53  ? -11.443 -3.884  0.829   1.00 18.58  ? 33  TYR A CG  1 
ATOM   106  C CD1 . TYR A 1 53  ? -11.679 -5.005  1.620   1.00 19.97  ? 33  TYR A CD1 1 
ATOM   107  C CD2 . TYR A 1 53  ? -12.097 -3.791  -0.391  1.00 20.99  ? 33  TYR A CD2 1 
ATOM   108  C CE1 . TYR A 1 53  ? -12.543 -6.013  1.195   1.00 22.66  ? 33  TYR A CE1 1 
ATOM   109  C CE2 . TYR A 1 53  ? -12.953 -4.794  -0.827  1.00 23.31  ? 33  TYR A CE2 1 
ATOM   110  C CZ  . TYR A 1 53  ? -13.168 -5.894  -0.029  1.00 23.26  ? 33  TYR A CZ  1 
ATOM   111  O OH  . TYR A 1 53  ? -14.026 -6.887  -0.462  1.00 24.35  ? 33  TYR A OH  1 
ATOM   112  N N   . CYS A 1 54  ? -8.201  -4.388  -0.816  1.00 17.20  ? 34  CYS A N   1 
ATOM   113  C CA  . CYS A 1 54  ? -7.969  -4.765  -2.204  1.00 19.54  ? 34  CYS A CA  1 
ATOM   114  C C   . CYS A 1 54  ? -9.199  -5.437  -2.790  1.00 20.48  ? 34  CYS A C   1 
ATOM   115  O O   . CYS A 1 54  ? -9.701  -6.429  -2.241  1.00 22.32  ? 34  CYS A O   1 
ATOM   116  C CB  . CYS A 1 54  ? -6.782  -5.706  -2.327  1.00 17.62  ? 34  CYS A CB  1 
ATOM   117  S SG  . CYS A 1 54  ? -6.341  -6.035  -4.032  1.00 19.27  ? 34  CYS A SG  1 
ATOM   118  N N   . LYS A 1 55  ? -9.669  -4.911  -3.918  1.00 21.82  ? 35  LYS A N   1 
ATOM   119  C CA  . LYS A 1 55  ? -10.845 -5.477  -4.564  1.00 22.37  ? 35  LYS A CA  1 
ATOM   120  C C   . LYS A 1 55  ? -10.621 -6.909  -5.021  1.00 21.90  ? 35  LYS A C   1 
ATOM   121  O O   . LYS A 1 55  ? -11.591 -7.671  -5.125  1.00 25.30  ? 35  LYS A O   1 
ATOM   122  C CB  . LYS A 1 55  ? -11.237 -4.598  -5.748  1.00 24.83  ? 35  LYS A CB  1 
ATOM   123  C CG  . LYS A 1 55  ? -12.669 -4.809  -6.229  1.00 30.82  ? 35  LYS A CG  1 
ATOM   124  C CD  . LYS A 1 55  ? -13.032 -3.763  -7.252  1.00 29.61  ? 35  LYS A CD  1 
ATOM   125  C CE  . LYS A 1 55  ? -14.483 -3.328  -7.125  1.00 40.84  ? 35  LYS A CE  1 
ATOM   126  N NZ  . LYS A 1 55  ? -15.413 -4.490  -7.020  1.00 45.76  ? 35  LYS A NZ  1 
ATOM   127  N N   . ASN A 1 56  ? -9.372  -7.315  -5.248  1.00 22.95  ? 36  ASN A N   1 
ATOM   128  C CA  . ASN A 1 56  ? -9.054  -8.620  -5.835  1.00 22.58  ? 36  ASN A CA  1 
ATOM   129  C C   . ASN A 1 56  ? -9.017  -9.678  -4.731  1.00 24.81  ? 36  ASN A C   1 
ATOM   130  O O   . ASN A 1 56  ? -7.967  -10.041 -4.201  1.00 29.87  ? 36  ASN A O   1 
ATOM   131  C CB  . ASN A 1 56  ? -7.735  -8.528  -6.596  1.00 23.57  ? 36  ASN A CB  1 
ATOM   132  C CG  . ASN A 1 56  ? -7.490  -9.717  -7.498  1.00 25.56  ? 36  ASN A CG  1 
ATOM   133  O OD1 . ASN A 1 56  ? -8.431  -10.294 -8.066  1.00 26.23  ? 36  ASN A OD1 1 
ATOM   134  N ND2 . ASN A 1 56  ? -6.221  -10.086 -7.654  1.00 20.92  ? 36  ASN A ND2 1 
ATOM   135  N N   . GLY A 1 57  ? -10.200 -10.191 -4.390  1.00 24.40  ? 37  GLY A N   1 
ATOM   136  C CA  . GLY A 1 57  ? -10.343 -11.166 -3.328  1.00 27.03  ? 37  GLY A CA  1 
ATOM   137  C C   . GLY A 1 57  ? -10.801 -10.601 -2.003  1.00 24.45  ? 37  GLY A C   1 
ATOM   138  O O   . GLY A 1 57  ? -11.158 -11.380 -1.106  1.00 25.04  ? 37  GLY A O   1 
ATOM   139  N N   . GLY A 1 58  ? -10.797 -9.278  -1.845  1.00 22.97  ? 38  GLY A N   1 
ATOM   140  C CA  . GLY A 1 58  ? -11.282 -8.652  -0.636  1.00 22.42  ? 38  GLY A CA  1 
ATOM   141  C C   . GLY A 1 58  ? -10.352 -8.827  0.542   1.00 23.98  ? 38  GLY A C   1 
ATOM   142  O O   . GLY A 1 58  ? -10.762 -9.308  1.602   1.00 27.37  ? 38  GLY A O   1 
ATOM   143  N N   . PHE A 1 59  ? -9.091  -8.439  0.376   1.00 20.60  ? 39  PHE A N   1 
ATOM   144  C CA  . PHE A 1 59  ? -8.078  -8.538  1.411   1.00 22.01  ? 39  PHE A CA  1 
ATOM   145  C C   . PHE A 1 59  ? -7.643  -7.145  1.827   1.00 18.45  ? 39  PHE A C   1 
ATOM   146  O O   . PHE A 1 59  ? -7.456  -6.263  0.979   1.00 21.36  ? 39  PHE A O   1 
ATOM   147  C CB  . PHE A 1 59  ? -6.828  -9.262  0.911   1.00 24.08  ? 39  PHE A CB  1 
ATOM   148  C CG  . PHE A 1 59  ? -7.066  -10.682 0.506   1.00 27.59  ? 39  PHE A CG  1 
ATOM   149  C CD1 . PHE A 1 59  ? -7.003  -11.699 1.441   1.00 27.88  ? 39  PHE A CD1 1 
ATOM   150  C CD2 . PHE A 1 59  ? -7.330  -10.998 -0.816  1.00 27.58  ? 39  PHE A CD2 1 
ATOM   151  C CE1 . PHE A 1 59  ? -7.225  -13.018 1.063   1.00 28.92  ? 39  PHE A CE1 1 
ATOM   152  C CE2 . PHE A 1 59  ? -7.549  -12.312 -1.199  1.00 34.31  ? 39  PHE A CE2 1 
ATOM   153  C CZ  . PHE A 1 59  ? -7.494  -13.320 -0.259  1.00 28.64  ? 39  PHE A CZ  1 
ATOM   154  N N   . PHE A 1 60  ? -7.433  -6.965  3.117   1.00 19.08  ? 40  PHE A N   1 
ATOM   155  C CA  . PHE A 1 60  ? -6.786  -5.756  3.603   1.00 17.10  ? 40  PHE A CA  1 
ATOM   156  C C   . PHE A 1 60  ? -5.284  -5.918  3.487   1.00 20.30  ? 40  PHE A C   1 
ATOM   157  O O   . PHE A 1 60  ? -4.733  -6.969  3.826   1.00 21.39  ? 40  PHE A O   1 
ATOM   158  C CB  . PHE A 1 60  ? -7.161  -5.550  5.068   1.00 19.09  ? 40  PHE A CB  1 
ATOM   159  C CG  . PHE A 1 60  ? -8.623  -5.336  5.281   1.00 20.31  ? 40  PHE A CG  1 
ATOM   160  C CD1 . PHE A 1 60  ? -9.224  -4.149  4.905   1.00 21.84  ? 40  PHE A CD1 1 
ATOM   161  C CD2 . PHE A 1 60  ? -9.411  -6.338  5.844   1.00 25.06  ? 40  PHE A CD2 1 
ATOM   162  C CE1 . PHE A 1 60  ? -10.579 -3.951  5.086   1.00 23.71  ? 40  PHE A CE1 1 
ATOM   163  C CE2 . PHE A 1 60  ? -10.764 -6.139  6.025   1.00 25.82  ? 40  PHE A CE2 1 
ATOM   164  C CZ  . PHE A 1 60  ? -11.348 -4.953  5.650   1.00 24.74  ? 40  PHE A CZ  1 
ATOM   165  N N   . LEU A 1 61  ? -4.616  -4.876  2.985   1.00 18.24  ? 41  LEU A N   1 
ATOM   166  C CA  . LEU A 1 61  ? -3.167  -4.894  2.893   1.00 16.84  ? 41  LEU A CA  1 
ATOM   167  C C   . LEU A 1 61  ? -2.565  -4.977  4.290   1.00 16.42  ? 41  LEU A C   1 
ATOM   168  O O   . LEU A 1 61  ? -2.964  -4.240  5.198   1.00 17.81  ? 41  LEU A O   1 
ATOM   169  C CB  . LEU A 1 61  ? -2.700  -3.627  2.169   1.00 17.16  ? 41  LEU A CB  1 
ATOM   170  C CG  . LEU A 1 61  ? -1.221  -3.563  1.802   1.00 16.61  ? 41  LEU A CG  1 
ATOM   171  C CD1 . LEU A 1 61  ? -0.856  -4.637  0.815   1.00 20.05  ? 41  LEU A CD1 1 
ATOM   172  C CD2 . LEU A 1 61  ? -0.897  -2.192  1.197   1.00 21.16  ? 41  LEU A CD2 1 
ATOM   173  N N   . ARG A 1 62  ? -1.583  -5.855  4.451   1.00 19.21  ? 42  ARG A N   1 
ATOM   174  C CA  . ARG A 1 62  ? -1.020  -6.169  5.758   1.00 18.63  ? 42  ARG A CA  1 
ATOM   175  C C   . ARG A 1 62  ? 0.494   -6.059  5.691   1.00 19.08  ? 42  ARG A C   1 
ATOM   176  O O   . ARG A 1 62  ? 1.117   -6.610  4.776   1.00 21.44  ? 42  ARG A O   1 
ATOM   177  C CB  . ARG A 1 62  ? -1.377  -7.608  6.151   1.00 20.78  ? 42  ARG A CB  1 
ATOM   178  C CG  . ARG A 1 62  ? -0.738  -8.051  7.480   1.00 19.43  ? 42  ARG A CG  1 
ATOM   179  C CD  . ARG A 1 62  ? -1.416  -9.273  8.080   1.00 22.55  ? 42  ARG A CD  1 
ATOM   180  N NE  . ARG A 1 62  ? -1.198  -10.458 7.262   1.00 24.37  ? 42  ARG A NE  1 
ATOM   181  C CZ  . ARG A 1 62  ? -1.624  -11.674 7.574   1.00 30.69  ? 42  ARG A CZ  1 
ATOM   182  N NH1 . ARG A 1 62  ? -2.303  -11.869 8.699   1.00 30.14  ? 42  ARG A NH1 1 
ATOM   183  N NH2 . ARG A 1 62  ? -1.370  -12.689 6.763   1.00 28.58  ? 42  ARG A NH2 1 
ATOM   184  N N   . ILE A 1 63  ? 1.087   -5.364  6.658   1.00 19.48  ? 43  ILE A N   1 
ATOM   185  C CA  . ILE A 1 63  ? 2.527   -5.166  6.732   1.00 19.35  ? 43  ILE A CA  1 
ATOM   186  C C   . ILE A 1 63  ? 3.022   -5.805  8.029   1.00 20.87  ? 43  ILE A C   1 
ATOM   187  O O   . ILE A 1 63  ? 2.669   -5.354  9.130   1.00 22.30  ? 43  ILE A O   1 
ATOM   188  C CB  . ILE A 1 63  ? 2.884   -3.679  6.660   1.00 17.35  ? 43  ILE A CB  1 
ATOM   189  C CG1 . ILE A 1 63  ? 2.436   -3.106  5.305   1.00 20.85  ? 43  ILE A CG1 1 
ATOM   190  C CG2 . ILE A 1 63  ? 4.367   -3.475  6.872   1.00 20.84  ? 43  ILE A CG2 1 
ATOM   191  C CD1 . ILE A 1 63  ? 2.795   -1.662  5.118   1.00 20.22  ? 43  ILE A CD1 1 
ATOM   192  N N   . HIS A 1 64  ? 3.830   -6.862  7.908   1.00 21.87  ? 44  HIS A N   1 
ATOM   193  C CA  . HIS A 1 64  ? 4.257   -7.656  9.056   1.00 23.22  ? 44  HIS A CA  1 
ATOM   194  C C   . HIS A 1 64  ? 5.497   -7.053  9.699   1.00 27.32  ? 44  HIS A C   1 
ATOM   195  O O   . HIS A 1 64  ? 6.275   -6.358  9.039   1.00 25.94  ? 44  HIS A O   1 
ATOM   196  C CB  . HIS A 1 64  ? 4.597   -9.077  8.606   1.00 25.38  ? 44  HIS A CB  1 
ATOM   197  C CG  . HIS A 1 64  ? 3.412   -9.876  8.168   1.00 28.13  ? 44  HIS A CG  1 
ATOM   198  N ND1 . HIS A 1 64  ? 2.635   -10.597 9.047   1.00 30.04  ? 44  HIS A ND1 1 
ATOM   199  C CD2 . HIS A 1 64  ? 2.876   -10.074 6.940   1.00 26.04  ? 44  HIS A CD2 1 
ATOM   200  C CE1 . HIS A 1 64  ? 1.666   -11.200 8.379   1.00 31.34  ? 44  HIS A CE1 1 
ATOM   201  N NE2 . HIS A 1 64  ? 1.790   -10.898 7.099   1.00 34.00  ? 44  HIS A NE2 1 
ATOM   202  N N   . PRO A 1 65  ? 5.723   -7.329  10.993  1.00 29.89  ? 45  PRO A N   1 
ATOM   203  C CA  . PRO A 1 65  ? 6.937   -6.817  11.657  1.00 27.15  ? 45  PRO A CA  1 
ATOM   204  C C   . PRO A 1 65  ? 8.244   -7.206  10.981  1.00 26.96  ? 45  PRO A C   1 
ATOM   205  O O   . PRO A 1 65  ? 9.219   -6.450  11.078  1.00 32.37  ? 45  PRO A O   1 
ATOM   206  C CB  . PRO A 1 65  ? 6.843   -7.396  13.081  1.00 26.20  ? 45  PRO A CB  1 
ATOM   207  C CG  . PRO A 1 65  ? 5.415   -7.676  13.293  1.00 30.40  ? 45  PRO A CG  1 
ATOM   208  C CD  . PRO A 1 65  ? 4.793   -7.961  11.945  1.00 31.02  ? 45  PRO A CD  1 
ATOM   209  N N   . ASP A 1 66  ? 8.307   -8.354  10.305  1.00 31.15  ? 46  ASP A N   1 
ATOM   210  C CA  . ASP A 1 66  ? 9.537   -8.763  9.633   1.00 32.22  ? 46  ASP A CA  1 
ATOM   211  C C   . ASP A 1 66  ? 9.696   -8.173  8.234   1.00 33.17  ? 46  ASP A C   1 
ATOM   212  O O   . ASP A 1 66  ? 10.711  -8.439  7.581   1.00 35.81  ? 46  ASP A O   1 
ATOM   213  C CB  . ASP A 1 66  ? 9.667   -10.293 9.589   1.00 35.13  ? 46  ASP A CB  1 
ATOM   214  C CG  . ASP A 1 66  ? 8.588   -10.960 8.750   1.00 43.34  ? 46  ASP A CG  1 
ATOM   215  O OD1 . ASP A 1 66  ? 7.737   -10.260 8.160   1.00 34.71  ? 46  ASP A OD1 1 
ATOM   216  O OD2 . ASP A 1 66  ? 8.594   -12.206 8.680   1.00 42.76  ? 46  ASP A OD2 1 
ATOM   217  N N   . GLY A 1 67  ? 8.727   -7.391  7.757   1.00 31.29  ? 47  GLY A N   1 
ATOM   218  C CA  . GLY A 1 67  ? 8.830   -6.745  6.465   1.00 29.25  ? 47  GLY A CA  1 
ATOM   219  C C   . GLY A 1 67  ? 8.032   -7.400  5.362   1.00 29.74  ? 47  GLY A C   1 
ATOM   220  O O   . GLY A 1 67  ? 7.959   -6.842  4.260   1.00 26.80  ? 47  GLY A O   1 
ATOM   221  N N   . ARG A 1 68  ? 7.436   -8.559  5.616   1.00 26.03  ? 48  ARG A N   1 
ATOM   222  C CA  . ARG A 1 68  ? 6.614   -9.207  4.605   1.00 24.92  ? 48  ARG A CA  1 
ATOM   223  C C   . ARG A 1 68  ? 5.319   -8.431  4.399   1.00 24.62  ? 48  ARG A C   1 
ATOM   224  O O   . ARG A 1 68  ? 4.750   -7.867  5.341   1.00 22.56  ? 48  ARG A O   1 
ATOM   225  C CB  . ARG A 1 68  ? 6.292   -10.641 5.022   1.00 32.41  ? 48  ARG A CB  1 
ATOM   226  C CG  . ARG A 1 68  ? 7.455   -11.615 4.864   1.00 34.18  ? 48  ARG A CG  1 
ATOM   227  C CD  . ARG A 1 68  ? 7.091   -12.996 5.386   1.00 39.37  ? 48  ARG A CD  1 
ATOM   228  N NE  . ARG A 1 68  ? 6.644   -12.950 6.774   1.00 43.43  ? 48  ARG A NE  1 
ATOM   229  C CZ  . ARG A 1 68  ? 5.409   -13.243 7.167   1.00 40.81  ? 48  ARG A CZ  1 
ATOM   230  N NH1 . ARG A 1 68  ? 4.498   -13.603 6.272   1.00 44.10  ? 48  ARG A NH1 1 
ATOM   231  N NH2 . ARG A 1 68  ? 5.087   -13.172 8.452   1.00 43.79  ? 48  ARG A NH2 1 
ATOM   232  N N   . VAL A 1 69  ? 4.856   -8.410  3.152   1.00 20.92  ? 49  VAL A N   1 
ATOM   233  C CA  . VAL A 1 69  ? 3.625   -7.736  2.763   1.00 19.69  ? 49  VAL A CA  1 
ATOM   234  C C   . VAL A 1 69  ? 2.702   -8.770  2.136   1.00 22.04  ? 49  VAL A C   1 
ATOM   235  O O   . VAL A 1 69  ? 3.122   -9.512  1.238   1.00 24.11  ? 49  VAL A O   1 
ATOM   236  C CB  . VAL A 1 69  ? 3.905   -6.593  1.771   1.00 20.45  ? 49  VAL A CB  1 
ATOM   237  C CG1 . VAL A 1 69  ? 2.608   -5.921  1.386   1.00 19.51  ? 49  VAL A CG1 1 
ATOM   238  C CG2 . VAL A 1 69  ? 4.872   -5.590  2.382   1.00 20.25  ? 49  VAL A CG2 1 
ATOM   239  N N   . ASP A 1 70  ? 1.453   -8.806  2.588   1.00 20.15  ? 50  ASP A N   1 
ATOM   240  C CA  . ASP A 1 70  ? 0.433   -9.687  2.028   1.00 23.03  ? 50  ASP A CA  1 
ATOM   241  C C   . ASP A 1 70  ? -0.943  -9.080  2.311   1.00 20.98  ? 50  ASP A C   1 
ATOM   242  O O   . ASP A 1 70  ? -1.062  -7.875  2.533   1.00 20.13  ? 50  ASP A O   1 
ATOM   243  C CB  . ASP A 1 70  ? 0.602   -11.124 2.554   1.00 21.65  ? 50  ASP A CB  1 
ATOM   244  C CG  . ASP A 1 70  ? 0.341   -11.252 4.054   1.00 26.60  ? 50  ASP A CG  1 
ATOM   245  O OD1 . ASP A 1 70  ? -0.013  -10.265 4.737   1.00 24.99  ? 50  ASP A OD1 1 
ATOM   246  O OD2 . ASP A 1 70  ? 0.499   -12.382 4.564   1.00 34.09  ? 50  ASP A OD2 1 
ATOM   247  N N   . GLY A 1 71  ? -1.975  -9.925  2.315   1.00 21.12  ? 51  GLY A N   1 
ATOM   248  C CA  . GLY A 1 71  ? -3.316  -9.469  2.619   1.00 20.89  ? 51  GLY A CA  1 
ATOM   249  C C   . GLY A 1 71  ? -4.007  -10.451 3.548   1.00 22.22  ? 51  GLY A C   1 
ATOM   250  O O   . GLY A 1 71  ? -3.638  -11.628 3.625   1.00 27.61  ? 51  GLY A O   1 
ATOM   251  N N   . THR A 1 72  ? -5.019  -9.949  4.259   1.00 22.33  ? 52  THR A N   1 
ATOM   252  C CA  . THR A 1 72  ? -5.844  -10.787 5.130   1.00 22.12  ? 52  THR A CA  1 
ATOM   253  C C   . THR A 1 72  ? -7.265  -10.245 5.153   1.00 23.10  ? 52  THR A C   1 
ATOM   254  O O   . THR A 1 72  ? -7.491  -9.046  4.964   1.00 24.10  ? 52  THR A O   1 
ATOM   255  C CB  . THR A 1 72  ? -5.306  -10.835 6.563   1.00 22.09  ? 52  THR A CB  1 
ATOM   256  O OG1 . THR A 1 72  ? -6.170  -11.646 7.388   1.00 24.60  ? 52  THR A OG1 1 
ATOM   257  C CG2 . THR A 1 72  ? -5.256  -9.452  7.152   1.00 22.72  ? 52  THR A CG2 1 
ATOM   258  N N   . ARG A 1 73  ? -8.230  -11.138 5.394   1.00 23.21  ? 53  ARG A N   1 
ATOM   259  C CA  . ARG A 1 73  ? -9.628  -10.747 5.547   1.00 24.02  ? 53  ARG A CA  1 
ATOM   260  C C   . ARG A 1 73  ? -10.017 -10.456 6.987   1.00 23.99  ? 53  ARG A C   1 
ATOM   261  O O   . ARG A 1 73  ? -11.168 -10.085 7.238   1.00 33.61  ? 53  ARG A O   1 
ATOM   262  C CB  . ARG A 1 73  ? -10.554 -11.837 5.002   1.00 26.00  ? 53  ARG A CB  1 
ATOM   263  C CG  . ARG A 1 73  ? -10.323 -12.145 3.546   1.00 27.09  ? 53  ARG A CG  1 
ATOM   264  C CD  . ARG A 1 73  ? -11.585 -12.644 2.881   1.00 27.82  ? 53  ARG A CD  1 
ATOM   265  N NE  . ARG A 1 73  ? -11.336 -12.883 1.466   1.00 25.94  ? 53  ARG A NE  1 
ATOM   266  C CZ  . ARG A 1 73  ? -10.963 -14.054 0.960   1.00 31.12  ? 53  ARG A CZ  1 
ATOM   267  N NH1 . ARG A 1 73  ? -10.828 -15.114 1.751   1.00 32.20  ? 53  ARG A NH1 1 
ATOM   268  N NH2 . ARG A 1 73  ? -10.741 -14.166 -0.343  1.00 30.13  ? 53  ARG A NH2 1 
ATOM   269  N N   . ASP A 1 74  ? -9.108  -10.618 7.934   1.00 24.88  ? 54  ASP A N   1 
ATOM   270  C CA  . ASP A 1 74  ? -9.423  -10.372 9.337   1.00 27.01  ? 54  ASP A CA  1 
ATOM   271  C C   . ASP A 1 74  ? -9.227  -8.885  9.617   1.00 28.69  ? 54  ASP A C   1 
ATOM   272  O O   . ASP A 1 74  ? -8.092  -8.412  9.723   1.00 26.72  ? 54  ASP A O   1 
ATOM   273  C CB  . ASP A 1 74  ? -8.537  -11.228 10.236  1.00 28.81  ? 54  ASP A CB  1 
ATOM   274  C CG  . ASP A 1 74  ? -8.845  -11.045 11.712  1.00 26.52  ? 54  ASP A CG  1 
ATOM   275  O OD1 . ASP A 1 74  ? -9.752  -10.251 12.050  1.00 28.79  ? 54  ASP A OD1 1 
ATOM   276  O OD2 . ASP A 1 74  ? -8.161  -11.684 12.529  1.00 33.29  ? 54  ASP A OD2 1 
ATOM   277  N N   . LYS A 1 75  ? -10.340 -8.158  9.762   1.00 29.90  ? 55  LYS A N   1 
ATOM   278  C CA  . LYS A 1 75  ? -10.302 -6.726  10.041  1.00 25.05  ? 55  LYS A CA  1 
ATOM   279  C C   . LYS A 1 75  ? -9.714  -6.409  11.411  1.00 33.05  ? 55  LYS A C   1 
ATOM   280  O O   . LYS A 1 75  ? -9.336  -5.259  11.658  1.00 29.91  ? 55  LYS A O   1 
ATOM   281  C CB  . LYS A 1 75  ? -11.705 -6.132  9.891   1.00 32.09  ? 55  LYS A CB  1 
ATOM   282  C CG  . LYS A 1 75  ? -11.742 -4.725  9.329   1.00 33.59  ? 55  LYS A CG  1 
ATOM   283  C CD  . LYS A 1 75  ? -13.153 -4.329  8.917   1.00 32.85  ? 55  LYS A CD  1 
ATOM   284  C CE  . LYS A 1 75  ? -13.279 -2.819  8.791   1.00 34.76  ? 55  LYS A CE  1 
ATOM   285  N NZ  . LYS A 1 75  ? -14.632 -2.397  8.343   1.00 35.72  ? 55  LYS A NZ  1 
ATOM   286  N N   A SER A 1 76  ? -9.634  -7.396  12.300  0.42 27.68  ? 56  SER A N   1 
ATOM   287  N N   B SER A 1 76  ? -9.635  -7.391  12.303  0.58 27.62  ? 56  SER A N   1 
ATOM   288  C CA  A SER A 1 76  ? -9.049  -7.220  13.621  0.42 29.81  ? 56  SER A CA  1 
ATOM   289  C CA  B SER A 1 76  ? -9.044  -7.199  13.620  0.58 29.84  ? 56  SER A CA  1 
ATOM   290  C C   A SER A 1 76  ? -7.537  -7.395  13.635  0.42 26.99  ? 56  SER A C   1 
ATOM   291  C C   B SER A 1 76  ? -7.541  -7.448  13.646  0.58 26.91  ? 56  SER A C   1 
ATOM   292  O O   A SER A 1 76  ? -6.919  -7.196  14.685  0.42 28.66  ? 56  SER A O   1 
ATOM   293  O O   B SER A 1 76  ? -6.933  -7.356  14.715  0.58 28.91  ? 56  SER A O   1 
ATOM   294  C CB  A SER A 1 76  ? -9.681  -8.198  14.617  0.42 29.34  ? 56  SER A CB  1 
ATOM   295  C CB  B SER A 1 76  ? -9.732  -8.104  14.647  0.58 29.35  ? 56  SER A CB  1 
ATOM   296  O OG  A SER A 1 76  ? -11.085 -8.028  14.679  0.42 30.75  ? 56  SER A OG  1 
ATOM   297  O OG  B SER A 1 76  ? -9.437  -9.464  14.387  0.58 28.66  ? 56  SER A OG  1 
ATOM   298  N N   . ASP A 1 77  ? -6.927  -7.751  12.509  1.00 24.84  ? 57  ASP A N   1 
ATOM   299  C CA  . ASP A 1 77  ? -5.488  -7.990  12.492  1.00 25.73  ? 57  ASP A CA  1 
ATOM   300  C C   . ASP A 1 77  ? -4.755  -6.681  12.779  1.00 26.30  ? 57  ASP A C   1 
ATOM   301  O O   . ASP A 1 77  ? -5.005  -5.674  12.105  1.00 23.45  ? 57  ASP A O   1 
ATOM   302  C CB  . ASP A 1 77  ? -5.091  -8.549  11.124  1.00 25.26  ? 57  ASP A CB  1 
ATOM   303  C CG  . ASP A 1 77  ? -3.675  -9.093  11.094  1.00 23.46  ? 57  ASP A CG  1 
ATOM   304  O OD1 . ASP A 1 77  ? -2.735  -8.339  11.411  1.00 26.22  ? 57  ASP A OD1 1 
ATOM   305  O OD2 . ASP A 1 77  ? -3.496  -10.274 10.717  1.00 28.06  ? 57  ASP A OD2 1 
ATOM   306  N N   . PRO A 1 78  ? -3.870  -6.637  13.777  1.00 20.04  ? 58  PRO A N   1 
ATOM   307  C CA  . PRO A 1 78  ? -3.222  -5.363  14.118  1.00 20.67  ? 58  PRO A CA  1 
ATOM   308  C C   . PRO A 1 78  ? -2.358  -4.830  13.005  1.00 22.60  ? 58  PRO A C   1 
ATOM   309  O O   . PRO A 1 78  ? -2.089  -3.624  12.969  1.00 22.48  ? 58  PRO A O   1 
ATOM   310  C CB  . PRO A 1 78  ? -2.398  -5.703  15.372  1.00 23.99  ? 58  PRO A CB  1 
ATOM   311  C CG  . PRO A 1 78  ? -2.220  -7.192  15.312  1.00 28.94  ? 58  PRO A CG  1 
ATOM   312  C CD  . PRO A 1 78  ? -3.494  -7.712  14.717  1.00 24.72  ? 58  PRO A CD  1 
ATOM   313  N N   . PHE A 1 79  ? -1.924  -5.687  12.093  1.00 22.74  ? 59  PHE A N   1 
ATOM   314  C CA  . PHE A 1 79  ? -0.941  -5.301  11.092  1.00 19.96  ? 59  PHE A CA  1 
ATOM   315  C C   . PHE A 1 79  ? -1.549  -4.730  9.820   1.00 17.66  ? 59  PHE A C   1 
ATOM   316  O O   . PHE A 1 79  ? -0.806  -4.465  8.868   1.00 21.78  ? 59  PHE A O   1 
ATOM   317  C CB  . PHE A 1 79  ? -0.013  -6.480  10.808  1.00 20.72  ? 59  PHE A CB  1 
ATOM   318  C CG  . PHE A 1 79  ? 0.717   -6.952  12.040  1.00 24.31  ? 59  PHE A CG  1 
ATOM   319  C CD1 . PHE A 1 79  ? 1.578   -6.097  12.702  1.00 28.71  ? 59  PHE A CD1 1 
ATOM   320  C CD2 . PHE A 1 79  ? 0.500   -8.217  12.562  1.00 29.19  ? 59  PHE A CD2 1 
ATOM   321  C CE1 . PHE A 1 79  ? 2.231   -6.498  13.861  1.00 29.15  ? 59  PHE A CE1 1 
ATOM   322  C CE2 . PHE A 1 79  ? 1.160   -8.631  13.714  1.00 28.83  ? 59  PHE A CE2 1 
ATOM   323  C CZ  . PHE A 1 79  ? 2.025   -7.771  14.360  1.00 28.97  ? 59  PHE A CZ  1 
ATOM   324  N N   . ILE A 1 80  ? -2.867  -4.515  9.777   1.00 16.78  ? 60  ILE A N   1 
ATOM   325  C CA  . ILE A 1 80  ? -3.501  -3.880  8.621   1.00 17.03  ? 60  ILE A CA  1 
ATOM   326  C C   . ILE A 1 80  ? -3.770  -2.400  8.831   1.00 18.61  ? 60  ILE A C   1 
ATOM   327  O O   . ILE A 1 80  ? -4.254  -1.731  7.903   1.00 18.06  ? 60  ILE A O   1 
ATOM   328  C CB  . ILE A 1 80  ? -4.795  -4.591  8.186   1.00 17.84  ? 60  ILE A CB  1 
ATOM   329  C CG1 . ILE A 1 80  ? -5.866  -4.433  9.270   1.00 19.19  ? 60  ILE A CG1 1 
ATOM   330  C CG2 . ILE A 1 80  ? -4.549  -6.044  7.868   1.00 19.60  ? 60  ILE A CG2 1 
ATOM   331  C CD1 . ILE A 1 80  ? -7.241  -4.827  8.797   1.00 20.57  ? 60  ILE A CD1 1 
ATOM   332  N N   . LYS A 1 81  ? -3.465  -1.861  10.012  1.00 17.71  ? 61  LYS A N   1 
ATOM   333  C CA  . LYS A 1 81  ? -3.643  -0.436  10.260  1.00 18.40  ? 61  LYS A CA  1 
ATOM   334  C C   . LYS A 1 81  ? -2.473  0.326   9.646   1.00 19.24  ? 61  LYS A C   1 
ATOM   335  O O   . LYS A 1 81  ? -1.317  0.110   10.022  1.00 19.01  ? 61  LYS A O   1 
ATOM   336  C CB  . LYS A 1 81  ? -3.743  -0.169  11.761  1.00 20.37  ? 61  LYS A CB  1 
ATOM   337  C CG  . LYS A 1 81  ? -4.844  -0.967  12.458  1.00 26.60  ? 61  LYS A CG  1 
ATOM   338  C CD  . LYS A 1 81  ? -5.649  -0.107  13.426  1.00 30.41  ? 61  LYS A CD  1 
ATOM   339  C CE  . LYS A 1 81  ? -6.860  -0.866  13.953  1.00 30.66  ? 61  LYS A CE  1 
ATOM   340  N NZ  . LYS A 1 81  ? -7.731  -0.013  14.805  1.00 31.03  ? 61  LYS A NZ  1 
ATOM   341  N N   . LEU A 1 82  ? -2.775  1.205   8.696   1.00 18.49  ? 62  LEU A N   1 
ATOM   342  C CA  . LEU A 1 82  ? -1.767  1.902   7.907   1.00 15.11  ? 62  LEU A CA  1 
ATOM   343  C C   . LEU A 1 82  ? -1.870  3.405   8.114   1.00 19.86  ? 62  LEU A C   1 
ATOM   344  O O   . LEU A 1 82  ? -2.928  3.942   8.443   1.00 24.15  ? 62  LEU A O   1 
ATOM   345  C CB  . LEU A 1 82  ? -1.941  1.617   6.406   1.00 15.38  ? 62  LEU A CB  1 
ATOM   346  C CG  . LEU A 1 82  ? -2.130  0.151   6.039   1.00 17.11  ? 62  LEU A CG  1 
ATOM   347  C CD1 . LEU A 1 82  ? -2.402  0.021   4.539   1.00 17.39  ? 62  LEU A CD1 1 
ATOM   348  C CD2 . LEU A 1 82  ? -0.916  -0.626  6.419   1.00 18.82  ? 62  LEU A CD2 1 
ATOM   349  N N   . GLN A 1 83  ? -0.754  4.096   7.898   1.00 17.44  ? 63  GLN A N   1 
ATOM   350  C CA  . GLN A 1 83  ? -0.751  5.549   7.787   1.00 19.35  ? 63  GLN A CA  1 
ATOM   351  C C   . GLN A 1 83  ? -0.415  5.913   6.351   1.00 19.38  ? 63  GLN A C   1 
ATOM   352  O O   . GLN A 1 83  ? 0.643   5.522   5.845   1.00 22.21  ? 63  GLN A O   1 
ATOM   353  C CB  . GLN A 1 83  ? 0.296   6.168   8.706   1.00 23.96  ? 63  GLN A CB  1 
ATOM   354  C CG  . GLN A 1 83  ? -0.109  6.183   10.147  1.00 26.85  ? 63  GLN A CG  1 
ATOM   355  C CD  . GLN A 1 83  ? 1.031   6.591   11.047  1.00 32.42  ? 63  GLN A CD  1 
ATOM   356  O OE1 . GLN A 1 83  ? 2.114   6.943   10.578  1.00 35.22  ? 63  GLN A OE1 1 
ATOM   357  N NE2 . GLN A 1 83  ? 0.796   6.548   12.349  1.00 31.91  ? 63  GLN A NE2 1 
ATOM   358  N N   A LEU A 1 84  ? -1.327  6.621   5.696   0.51 20.85  ? 64  LEU A N   1 
ATOM   359  N N   B LEU A 1 84  ? -1.297  6.673   5.706   0.49 20.87  ? 64  LEU A N   1 
ATOM   360  C CA  A LEU A 1 84  ? -1.112  7.122   4.341   0.51 20.72  ? 64  LEU A CA  1 
ATOM   361  C CA  B LEU A 1 84  ? -1.111  7.106   4.315   0.49 20.72  ? 64  LEU A CA  1 
ATOM   362  C C   A LEU A 1 84  ? -0.757  8.591   4.483   0.51 24.88  ? 64  LEU A C   1 
ATOM   363  C C   B LEU A 1 84  ? -0.772  8.594   4.328   0.49 24.67  ? 64  LEU A C   1 
ATOM   364  O O   A LEU A 1 84  ? -1.624  9.431   4.736   0.51 29.66  ? 64  LEU A O   1 
ATOM   365  O O   B LEU A 1 84  ? -1.658  9.450   4.304   0.49 29.42  ? 64  LEU A O   1 
ATOM   366  C CB  A LEU A 1 84  ? -2.360  6.937   3.489   0.51 23.01  ? 64  LEU A CB  1 
ATOM   367  C CB  B LEU A 1 84  ? -2.359  6.811   3.482   0.49 23.07  ? 64  LEU A CB  1 
ATOM   368  C CG  A LEU A 1 84  ? -2.380  5.653   2.666   0.51 21.10  ? 64  LEU A CG  1 
ATOM   369  C CG  B LEU A 1 84  ? -3.021  5.445   3.707   0.49 22.84  ? 64  LEU A CG  1 
ATOM   370  C CD1 A LEU A 1 84  ? -2.708  4.464   3.553   0.51 23.96  ? 64  LEU A CD1 1 
ATOM   371  C CD1 B LEU A 1 84  ? -4.309  5.329   2.906   0.49 24.69  ? 64  LEU A CD1 1 
ATOM   372  C CD2 A LEU A 1 84  ? -3.375  5.776   1.521   0.51 24.33  ? 64  LEU A CD2 1 
ATOM   373  C CD2 B LEU A 1 84  ? -2.059  4.316   3.356   0.49 23.74  ? 64  LEU A CD2 1 
ATOM   374  N N   . GLN A 1 85  ? 0.526   8.895   4.350   1.00 24.13  ? 65  GLN A N   1 
ATOM   375  C CA  . GLN A 1 85  ? 1.025   10.246  4.556   1.00 25.75  ? 65  GLN A CA  1 
ATOM   376  C C   . GLN A 1 85  ? 1.193   10.929  3.209   1.00 24.79  ? 65  GLN A C   1 
ATOM   377  O O   . GLN A 1 85  ? 1.895   10.417  2.330   1.00 25.18  ? 65  GLN A O   1 
ATOM   378  C CB  . GLN A 1 85  ? 2.368   10.194  5.278   1.00 26.90  ? 65  GLN A CB  1 
ATOM   379  C CG  . GLN A 1 85  ? 3.020   11.549  5.476   1.00 37.51  ? 65  GLN A CG  1 
ATOM   380  C CD  . GLN A 1 85  ? 3.032   11.975  6.925   1.00 47.23  ? 65  GLN A CD  1 
ATOM   381  O OE1 . GLN A 1 85  ? 3.308   11.171  7.817   1.00 49.12  ? 65  GLN A OE1 1 
ATOM   382  N NE2 . GLN A 1 85  ? 2.730   13.245  7.171   1.00 53.12  ? 65  GLN A NE2 1 
ATOM   383  N N   . ALA A 1 86  ? 0.557   12.086  3.049   1.00 28.83  ? 66  ALA A N   1 
ATOM   384  C CA  . ALA A 1 86  ? 0.762   12.881  1.851   1.00 31.68  ? 66  ALA A CA  1 
ATOM   385  C C   . ALA A 1 86  ? 2.192   13.400  1.832   1.00 31.41  ? 66  ALA A C   1 
ATOM   386  O O   . ALA A 1 86  ? 2.661   14.004  2.801   1.00 34.67  ? 66  ALA A O   1 
ATOM   387  C CB  . ALA A 1 86  ? -0.220  14.049  1.811   1.00 34.10  ? 66  ALA A CB  1 
ATOM   388  N N   . GLU A 1 87  ? 2.893   13.139  0.735   1.00 29.59  ? 67  GLU A N   1 
ATOM   389  C CA  . GLU A 1 87  ? 4.235   13.668  0.554   1.00 34.07  ? 67  GLU A CA  1 
ATOM   390  C C   . GLU A 1 87  ? 4.134   14.836  -0.423  1.00 30.68  ? 67  GLU A C   1 
ATOM   391  O O   . GLU A 1 87  ? 3.579   15.880  -0.069  1.00 42.35  ? 67  GLU A O   1 
ATOM   392  C CB  . GLU A 1 87  ? 5.197   12.553  0.126   1.00 31.73  ? 67  GLU A CB  1 
ATOM   393  C CG  . GLU A 1 87  ? 5.080   11.281  0.992   1.00 32.35  ? 67  GLU A CG  1 
ATOM   394  C CD  . GLU A 1 87  ? 5.821   11.376  2.330   1.00 32.75  ? 67  GLU A CD  1 
ATOM   395  O OE1 . GLU A 1 87  ? 6.692   12.259  2.473   1.00 36.15  ? 67  GLU A OE1 1 
ATOM   396  O OE2 . GLU A 1 87  ? 5.547   10.562  3.241   1.00 29.32  ? 67  GLU A OE2 1 
ATOM   397  N N   . GLU A 1 88  ? 4.623   14.691  -1.647  1.00 37.30  ? 68  GLU A N   1 
ATOM   398  C CA  . GLU A 1 88  ? 4.315   15.737  -2.610  1.00 34.39  ? 68  GLU A CA  1 
ATOM   399  C C   . GLU A 1 88  ? 2.900   15.538  -3.160  1.00 39.26  ? 68  GLU A C   1 
ATOM   400  O O   . GLU A 1 88  ? 2.247   14.525  -2.910  1.00 35.56  ? 68  GLU A O   1 
ATOM   401  C CB  . GLU A 1 88  ? 5.372   15.812  -3.715  1.00 39.11  ? 68  GLU A CB  1 
ATOM   402  C CG  . GLU A 1 88  ? 5.619   14.520  -4.473  1.00 43.40  ? 68  GLU A CG  1 
ATOM   403  C CD  . GLU A 1 88  ? 5.869   14.754  -5.959  1.00 53.01  ? 68  GLU A CD  1 
ATOM   404  O OE1 . GLU A 1 88  ? 5.520   15.847  -6.458  1.00 61.25  ? 68  GLU A OE1 1 
ATOM   405  O OE2 . GLU A 1 88  ? 6.414   13.848  -6.634  1.00 45.82  ? 68  GLU A OE2 1 
ATOM   406  N N   . ARG A 1 89  ? 2.419   16.531  -3.905  1.00 30.81  ? 69  ARG A N   1 
ATOM   407  C CA  . ARG A 1 89  ? 1.041   16.509  -4.389  1.00 27.80  ? 69  ARG A CA  1 
ATOM   408  C C   . ARG A 1 89  ? 0.765   15.239  -5.185  1.00 34.07  ? 69  ARG A C   1 
ATOM   409  O O   . ARG A 1 89  ? 1.459   14.941  -6.160  1.00 33.47  ? 69  ARG A O   1 
ATOM   410  C CB  . ARG A 1 89  ? 0.762   17.733  -5.257  1.00 35.97  ? 69  ARG A CB  1 
ATOM   411  C CG  . ARG A 1 89  ? -0.553  17.620  -6.008  1.00 37.23  ? 69  ARG A CG  1 
ATOM   412  C CD  . ARG A 1 89  ? -0.916  18.886  -6.767  1.00 38.26  ? 69  ARG A CD  1 
ATOM   413  N NE  . ARG A 1 89  ? -2.340  18.899  -7.086  1.00 38.42  ? 69  ARG A NE  1 
ATOM   414  C CZ  . ARG A 1 89  ? -3.279  19.392  -6.284  1.00 49.86  ? 69  ARG A CZ  1 
ATOM   415  N NH1 . ARG A 1 89  ? -2.942  19.922  -5.116  1.00 58.53  ? 69  ARG A NH1 1 
ATOM   416  N NH2 . ARG A 1 89  ? -4.554  19.355  -6.650  1.00 45.85  ? 69  ARG A NH2 1 
ATOM   417  N N   . GLY A 1 90  ? -0.256  14.493  -4.766  1.00 32.58  ? 70  GLY A N   1 
ATOM   418  C CA  . GLY A 1 90  ? -0.640  13.271  -5.445  1.00 31.93  ? 70  GLY A CA  1 
ATOM   419  C C   . GLY A 1 90  ? 0.216   12.066  -5.135  1.00 22.49  ? 70  GLY A C   1 
ATOM   420  O O   . GLY A 1 90  ? 0.045   11.023  -5.781  1.00 23.54  ? 70  GLY A O   1 
ATOM   421  N N   . VAL A 1 91  ? 1.135   12.180  -4.186  1.00 23.81  ? 71  VAL A N   1 
ATOM   422  C CA  . VAL A 1 91  ? 2.070   11.126  -3.821  1.00 22.70  ? 71  VAL A CA  1 
ATOM   423  C C   . VAL A 1 91  ? 1.900   10.836  -2.338  1.00 23.80  ? 71  VAL A C   1 
ATOM   424  O O   . VAL A 1 91  ? 1.677   11.753  -1.540  1.00 24.21  ? 71  VAL A O   1 
ATOM   425  C CB  . VAL A 1 91  ? 3.514   11.574  -4.134  1.00 22.46  ? 71  VAL A CB  1 
ATOM   426  C CG1 . VAL A 1 91  ? 4.533   10.562  -3.659  1.00 22.61  ? 71  VAL A CG1 1 
ATOM   427  C CG2 . VAL A 1 91  ? 3.665   11.827  -5.637  1.00 22.95  ? 71  VAL A CG2 1 
ATOM   428  N N   . VAL A 1 92  ? 1.976   9.557   -1.970  1.00 20.33  ? 72  VAL A N   1 
ATOM   429  C CA  . VAL A 1 92  ? 1.892   9.148   -0.577  1.00 19.23  ? 72  VAL A CA  1 
ATOM   430  C C   . VAL A 1 92  ? 3.029   8.193   -0.257  1.00 17.10  ? 72  VAL A C   1 
ATOM   431  O O   . VAL A 1 92  ? 3.648   7.597   -1.144  1.00 19.51  ? 72  VAL A O   1 
ATOM   432  C CB  . VAL A 1 92  ? 0.550   8.458   -0.232  1.00 18.55  ? 72  VAL A CB  1 
ATOM   433  C CG1 . VAL A 1 92  ? -0.633  9.384   -0.506  1.00 23.19  ? 72  VAL A CG1 1 
ATOM   434  C CG2 . VAL A 1 92  ? 0.424   7.121   -0.985  1.00 19.54  ? 72  VAL A CG2 1 
ATOM   435  N N   . SER A 1 93  ? 3.290   8.045   1.037   1.00 17.32  ? 73  SER A N   1 
ATOM   436  C CA  . SER A 1 93  ? 3.949   6.868   1.568   1.00 17.35  ? 73  SER A CA  1 
ATOM   437  C C   . SER A 1 93  ? 2.923   6.100   2.390   1.00 18.69  ? 73  SER A C   1 
ATOM   438  O O   . SER A 1 93  ? 1.895   6.654   2.790   1.00 19.58  ? 73  SER A O   1 
ATOM   439  C CB  . SER A 1 93  ? 5.140   7.243   2.453   1.00 20.60  ? 73  SER A CB  1 
ATOM   440  O OG  . SER A 1 93  ? 4.723   8.062   3.532   1.00 23.57  ? 73  SER A OG  1 
ATOM   441  N N   . ILE A 1 94  ? 3.199   4.816   2.593   1.00 17.74  ? 74  ILE A N   1 
ATOM   442  C CA  . ILE A 1 94  ? 2.259   3.885   3.224   1.00 19.28  ? 74  ILE A CA  1 
ATOM   443  C C   . ILE A 1 94  ? 3.017   3.155   4.322   1.00 19.61  ? 74  ILE A C   1 
ATOM   444  O O   . ILE A 1 94  ? 3.882   2.316   4.040   1.00 20.08  ? 74  ILE A O   1 
ATOM   445  C CB  . ILE A 1 94  ? 1.669   2.897   2.208   1.00 18.13  ? 74  ILE A CB  1 
ATOM   446  C CG1 . ILE A 1 94  ? 0.853   3.637   1.139   1.00 19.80  ? 74  ILE A CG1 1 
ATOM   447  C CG2 . ILE A 1 94  ? 0.773   1.869   2.898   1.00 18.74  ? 74  ILE A CG2 1 
ATOM   448  C CD1 . ILE A 1 94  ? 0.472   2.770   -0.068  1.00 22.69  ? 74  ILE A CD1 1 
ATOM   449  N N   . LYS A 1 95  ? 2.686   3.448   5.573   1.00 17.44  ? 75  LYS A N   1 
ATOM   450  C CA  . LYS A 1 95  ? 3.406   2.899   6.718   1.00 19.92  ? 75  LYS A CA  1 
ATOM   451  C C   . LYS A 1 95  ? 2.516   1.939   7.500   1.00 18.97  ? 75  LYS A C   1 
ATOM   452  O O   . LYS A 1 95  ? 1.358   2.252   7.785   1.00 19.00  ? 75  LYS A O   1 
ATOM   453  C CB  . LYS A 1 95  ? 3.895   4.015   7.640   1.00 23.55  ? 75  LYS A CB  1 
ATOM   454  C CG  . LYS A 1 95  ? 4.892   3.535   8.668   1.00 25.73  ? 75  LYS A CG  1 
ATOM   455  C CD  . LYS A 1 95  ? 5.233   4.623   9.664   1.00 30.13  ? 75  LYS A CD  1 
ATOM   456  C CE  . LYS A 1 95  ? 6.433   4.218   10.479  1.00 36.23  ? 75  LYS A CE  1 
ATOM   457  N NZ  . LYS A 1 95  ? 6.731   5.226   11.525  1.00 36.39  ? 75  LYS A NZ  1 
ATOM   458  N N   . GLY A 1 96  ? 3.045   0.760   7.805   1.00 18.71  ? 76  GLY A N   1 
ATOM   459  C CA  . GLY A 1 96  ? 2.387   -0.148  8.733   1.00 17.03  ? 76  GLY A CA  1 
ATOM   460  C C   . GLY A 1 96  ? 2.573   0.331   10.160  1.00 21.68  ? 76  GLY A C   1 
ATOM   461  O O   . GLY A 1 96  ? 3.710   0.431   10.624  1.00 21.83  ? 76  GLY A O   1 
ATOM   462  N N   . VAL A 1 97  ? 1.475   0.698   10.824  1.00 19.31  ? 77  VAL A N   1 
ATOM   463  C CA  . VAL A 1 97  ? 1.572   1.299   12.161  1.00 19.47  ? 77  VAL A CA  1 
ATOM   464  C C   . VAL A 1 97  ? 2.267   0.354   13.142  1.00 21.70  ? 77  VAL A C   1 
ATOM   465  O O   . VAL A 1 97  ? 3.236   0.735   13.816  1.00 21.79  ? 77  VAL A O   1 
ATOM   466  C CB  . VAL A 1 97  ? 0.182   1.730   12.666  1.00 20.81  ? 77  VAL A CB  1 
ATOM   467  C CG1 . VAL A 1 97  ? 0.248   2.154   14.150  1.00 23.37  ? 77  VAL A CG1 1 
ATOM   468  C CG2 . VAL A 1 97  ? -0.382  2.862   11.813  1.00 23.31  ? 77  VAL A CG2 1 
ATOM   469  N N   . CYS A 1 98  ? 1.799   -0.890  13.212  1.00 21.50  ? 78  CYS A N   1 
ATOM   470  C CA  . CYS A 1 98  ? 2.309   -1.811  14.228  1.00 20.45  ? 78  CYS A CA  1 
ATOM   471  C C   . CYS A 1 98  ? 3.679   -2.363  13.853  1.00 28.10  ? 78  CYS A C   1 
ATOM   472  O O   . CYS A 1 98  ? 4.541   -2.538  14.723  1.00 31.48  ? 78  CYS A O   1 
ATOM   473  C CB  . CYS A 1 98  ? 1.306   -2.937  14.459  1.00 24.61  ? 78  CYS A CB  1 
ATOM   474  S SG  . CYS A 1 98  ? -0.241  -2.357  15.223  1.00 27.67  ? 78  CYS A SG  1 
ATOM   475  N N   . ALA A 1 99  ? 3.901   -2.646  12.566  1.00 25.74  ? 79  ALA A N   1 
ATOM   476  C CA  . ALA A 1 99  ? 5.212   -3.104  12.130  1.00 23.99  ? 79  ALA A CA  1 
ATOM   477  C C   . ALA A 1 99  ? 6.257   -2.003  12.180  1.00 21.62  ? 79  ALA A C   1 
ATOM   478  O O   . ALA A 1 99  ? 7.456   -2.304  12.193  1.00 30.08  ? 79  ALA A O   1 
ATOM   479  C CB  . ALA A 1 99  ? 5.122   -3.628  10.690  1.00 24.29  ? 79  ALA A CB  1 
ATOM   480  N N   . ASN A 1 100 ? 5.834   -0.736  12.163  1.00 23.71  ? 80  ASN A N   1 
ATOM   481  C CA  . ASN A 1 100 ? 6.721   0.420   12.067  1.00 25.83  ? 80  ASN A CA  1 
ATOM   482  C C   . ASN A 1 100 ? 7.657   0.328   10.857  1.00 30.87  ? 80  ASN A C   1 
ATOM   483  O O   . ASN A 1 100 ? 8.862   0.562   10.950  1.00 32.61  ? 80  ASN A O   1 
ATOM   484  C CB  . ASN A 1 100 ? 7.487   0.668   13.373  1.00 32.42  ? 80  ASN A CB  1 
ATOM   485  C CG  . ASN A 1 100 ? 7.988   2.092   13.488  1.00 43.70  ? 80  ASN A CG  1 
ATOM   486  O OD1 . ASN A 1 100 ? 7.240   3.045   13.272  1.00 47.04  ? 80  ASN A OD1 1 
ATOM   487  N ND2 . ASN A 1 100 ? 9.265   2.246   13.826  1.00 51.54  ? 80  ASN A ND2 1 
ATOM   488  N N   . ARG A 1 101 ? 7.082   0.000   9.697   1.00 25.69  ? 81  ARG A N   1 
ATOM   489  C CA  . ARG A 1 101 ? 7.836   -0.147  8.457   1.00 24.49  ? 81  ARG A CA  1 
ATOM   490  C C   . ARG A 1 101 ? 7.046   0.460   7.304   1.00 22.40  ? 81  ARG A C   1 
ATOM   491  O O   . ARG A 1 101 ? 5.810   0.427   7.292   1.00 21.98  ? 81  ARG A O   1 
ATOM   492  C CB  . ARG A 1 101 ? 8.117   -1.620  8.141   1.00 23.70  ? 81  ARG A CB  1 
ATOM   493  C CG  . ARG A 1 101 ? 9.199   -2.272  9.004   1.00 25.11  ? 81  ARG A CG  1 
ATOM   494  C CD  . ARG A 1 101 ? 9.246   -3.766  8.752   1.00 29.61  ? 81  ARG A CD  1 
ATOM   495  N NE  . ARG A 1 101 ? 10.325  -4.424  9.484   1.00 36.61  ? 81  ARG A NE  1 
ATOM   496  C CZ  . ARG A 1 101 ? 11.488  -4.778  8.947   1.00 40.94  ? 81  ARG A CZ  1 
ATOM   497  N NH1 . ARG A 1 101 ? 12.408  -5.377  9.693   1.00 44.32  ? 81  ARG A NH1 1 
ATOM   498  N NH2 . ARG A 1 101 ? 11.737  -4.534  7.668   1.00 37.27  ? 81  ARG A NH2 1 
ATOM   499  N N   . TYR A 1 102 ? 7.778   0.980   6.318   1.00 22.94  ? 82  TYR A N   1 
ATOM   500  C CA  . TYR A 1 102 ? 7.214   1.635   5.140   1.00 21.37  ? 82  TYR A CA  1 
ATOM   501  C C   . TYR A 1 102 ? 7.130   0.658   3.974   1.00 22.06  ? 82  TYR A C   1 
ATOM   502  O O   . TYR A 1 102 ? 8.089   -0.069  3.692   1.00 24.78  ? 82  TYR A O   1 
ATOM   503  C CB  . TYR A 1 102 ? 8.084   2.824   4.730   1.00 25.57  ? 82  TYR A CB  1 
ATOM   504  C CG  . TYR A 1 102 ? 7.963   3.989   5.676   1.00 25.53  ? 82  TYR A CG  1 
ATOM   505  C CD1 . TYR A 1 102 ? 8.760   4.063   6.812   1.00 29.67  ? 82  TYR A CD1 1 
ATOM   506  C CD2 . TYR A 1 102 ? 7.041   5.001   5.453   1.00 26.98  ? 82  TYR A CD2 1 
ATOM   507  C CE1 . TYR A 1 102 ? 8.646   5.122   7.699   1.00 30.46  ? 82  TYR A CE1 1 
ATOM   508  C CE2 . TYR A 1 102 ? 6.917   6.066   6.339   1.00 30.04  ? 82  TYR A CE2 1 
ATOM   509  C CZ  . TYR A 1 102 ? 7.725   6.116   7.455   1.00 34.04  ? 82  TYR A CZ  1 
ATOM   510  O OH  . TYR A 1 102 ? 7.615   7.164   8.340   1.00 41.17  ? 82  TYR A OH  1 
ATOM   511  N N   . LEU A 1 103 ? 5.986   0.652   3.299   1.00 19.56  ? 83  LEU A N   1 
ATOM   512  C CA  . LEU A 1 103 ? 5.847   -0.139  2.081   1.00 19.92  ? 83  LEU A CA  1 
ATOM   513  C C   . LEU A 1 103 ? 6.818   0.359   1.013   1.00 20.08  ? 83  LEU A C   1 
ATOM   514  O O   . LEU A 1 103 ? 6.917   1.563   0.756   1.00 18.90  ? 83  LEU A O   1 
ATOM   515  C CB  . LEU A 1 103 ? 4.418   0.003   1.564   1.00 19.49  ? 83  LEU A CB  1 
ATOM   516  C CG  . LEU A 1 103 ? 4.041   -0.863  0.360   1.00 19.71  ? 83  LEU A CG  1 
ATOM   517  C CD1 . LEU A 1 103 ? 4.143   -2.328  0.708   1.00 22.23  ? 83  LEU A CD1 1 
ATOM   518  C CD2 . LEU A 1 103 ? 2.644   -0.514  -0.128  1.00 22.22  ? 83  LEU A CD2 1 
ATOM   519  N N   . ALA A 1 104 ? 7.532   -0.574  0.386   1.00 19.25  ? 84  ALA A N   1 
ATOM   520  C CA  . ALA A 1 104 ? 8.439   -0.226  -0.702  1.00 19.08  ? 84  ALA A CA  1 
ATOM   521  C C   . ALA A 1 104 ? 8.302   -1.237  -1.824  1.00 19.05  ? 84  ALA A C   1 
ATOM   522  O O   . ALA A 1 104 ? 7.980   -2.406  -1.603  1.00 23.02  ? 84  ALA A O   1 
ATOM   523  C CB  . ALA A 1 104 ? 9.897   -0.258  -0.232  1.00 23.23  ? 84  ALA A CB  1 
ATOM   524  N N   . MET A 1 105 ? 8.558   -0.782  -3.037  1.00 19.24  ? 85  MET A N   1 
ATOM   525  C CA  A MET A 1 105 ? 8.617   -1.641  -4.214  0.43 22.62  ? 85  MET A CA  1 
ATOM   526  C CA  B MET A 1 105 ? 8.641   -1.685  -4.168  0.57 22.70  ? 85  MET A CA  1 
ATOM   527  C C   . MET A 1 105 ? 10.074  -1.700  -4.660  1.00 20.09  ? 85  MET A C   1 
ATOM   528  O O   . MET A 1 105 ? 10.652  -0.656  -4.969  1.00 21.05  ? 85  MET A O   1 
ATOM   529  C CB  A MET A 1 105 ? 7.733   -1.041  -5.311  0.43 22.19  ? 85  MET A CB  1 
ATOM   530  C CB  B MET A 1 105 ? 7.677   -1.346  -5.294  0.57 21.95  ? 85  MET A CB  1 
ATOM   531  C CG  A MET A 1 105 ? 7.987   -1.547  -6.713  0.43 21.98  ? 85  MET A CG  1 
ATOM   532  C CG  B MET A 1 105 ? 7.720   -2.420  -6.353  0.57 18.22  ? 85  MET A CG  1 
ATOM   533  S SD  A MET A 1 105 ? 7.203   -3.141  -6.946  0.43 19.70  ? 85  MET A SD  1 
ATOM   534  S SD  B MET A 1 105 ? 6.705   -1.984  -7.738  0.57 20.64  ? 85  MET A SD  1 
ATOM   535  C CE  A MET A 1 105 ? 5.458   -2.735  -6.873  0.43 20.55  ? 85  MET A CE  1 
ATOM   536  C CE  B MET A 1 105 ? 5.088   -1.912  -6.963  0.57 20.21  ? 85  MET A CE  1 
ATOM   537  N N   . LYS A 1 106 ? 10.653  -2.895  -4.680  1.00 20.28  ? 86  LYS A N   1 
ATOM   538  C CA  . LYS A 1 106 ? 12.037  -3.120  -5.073  1.00 21.99  ? 86  LYS A CA  1 
ATOM   539  C C   . LYS A 1 106 ? 12.170  -3.081  -6.594  1.00 21.60  ? 86  LYS A C   1 
ATOM   540  O O   . LYS A 1 106 ? 11.197  -3.243  -7.334  1.00 19.77  ? 86  LYS A O   1 
ATOM   541  C CB  . LYS A 1 106 ? 12.493  -4.504  -4.602  1.00 25.65  ? 86  LYS A CB  1 
ATOM   542  C CG  . LYS A 1 106 ? 13.031  -4.572  -3.200  1.00 41.64  ? 86  LYS A CG  1 
ATOM   543  C CD  . LYS A 1 106 ? 13.280  -6.021  -2.774  1.00 41.74  ? 86  LYS A CD  1 
ATOM   544  C CE  . LYS A 1 106 ? 12.114  -6.553  -1.941  1.00 43.37  ? 86  LYS A CE  1 
ATOM   545  N NZ  . LYS A 1 106 ? 12.196  -7.995  -1.563  1.00 47.06  ? 86  LYS A NZ  1 
ATOM   546  N N   A GLU A 1 107 ? 13.407  -2.883  -7.059  0.50 22.27  ? 87  GLU A N   1 
ATOM   547  N N   B GLU A 1 107 ? 13.416  -2.910  -7.050  0.50 22.25  ? 87  GLU A N   1 
ATOM   548  C CA  A GLU A 1 107 ? 13.664  -2.782  -8.496  0.50 23.52  ? 87  GLU A CA  1 
ATOM   549  C CA  B GLU A 1 107 ? 13.695  -2.794  -8.481  0.50 23.54  ? 87  GLU A CA  1 
ATOM   550  C C   A GLU A 1 107 ? 13.376  -4.074  -9.252  0.50 23.67  ? 87  GLU A C   1 
ATOM   551  C C   B GLU A 1 107 ? 13.381  -4.073  -9.249  0.50 23.66  ? 87  GLU A C   1 
ATOM   552  O O   A GLU A 1 107 ? 13.280  -4.041  -10.484 0.50 23.39  ? 87  GLU A O   1 
ATOM   553  O O   B GLU A 1 107 ? 13.271  -4.033  -10.480 0.50 23.41  ? 87  GLU A O   1 
ATOM   554  C CB  A GLU A 1 107 ? 15.097  -2.315  -8.762  0.50 26.19  ? 87  GLU A CB  1 
ATOM   555  C CB  B GLU A 1 107 ? 15.153  -2.384  -8.699  0.50 26.18  ? 87  GLU A CB  1 
ATOM   556  C CG  A GLU A 1 107 ? 16.150  -3.376  -8.517  0.50 27.17  ? 87  GLU A CG  1 
ATOM   557  C CG  B GLU A 1 107 ? 16.132  -3.542  -8.684  0.50 27.18  ? 87  GLU A CG  1 
ATOM   558  C CD  A GLU A 1 107 ? 16.308  -3.698  -7.050  0.50 29.05  ? 87  GLU A CD  1 
ATOM   559  C CD  B GLU A 1 107 ? 16.827  -3.706  -7.348  0.50 28.06  ? 87  GLU A CD  1 
ATOM   560  O OE1 A GLU A 1 107 ? 16.340  -2.747  -6.236  0.50 28.87  ? 87  GLU A OE1 1 
ATOM   561  O OE1 B GLU A 1 107 ? 16.149  -3.586  -6.303  0.50 30.56  ? 87  GLU A OE1 1 
ATOM   562  O OE2 A GLU A 1 107 ? 16.387  -4.899  -6.709  0.50 28.40  ? 87  GLU A OE2 1 
ATOM   563  O OE2 B GLU A 1 107 ? 18.051  -3.959  -7.336  0.50 24.87  ? 87  GLU A OE2 1 
ATOM   564  N N   . ASP A 1 108 ? 13.232  -5.201  -8.562  1.00 22.38  ? 88  ASP A N   1 
ATOM   565  C CA  . ASP A 1 108 ? 12.811  -6.432  -9.204  1.00 22.89  ? 88  ASP A CA  1 
ATOM   566  C C   . ASP A 1 108 ? 11.301  -6.654  -9.132  1.00 22.78  ? 88  ASP A C   1 
ATOM   567  O O   . ASP A 1 108 ? 10.822  -7.696  -9.581  1.00 25.17  ? 88  ASP A O   1 
ATOM   568  C CB  . ASP A 1 108 ? 13.616  -7.638  -8.688  1.00 28.04  ? 88  ASP A CB  1 
ATOM   569  C CG  . ASP A 1 108 ? 13.396  -7.915  -7.210  1.00 34.72  ? 88  ASP A CG  1 
ATOM   570  O OD1 . ASP A 1 108 ? 12.516  -7.282  -6.589  1.00 29.85  ? 88  ASP A OD1 1 
ATOM   571  O OD2 . ASP A 1 108 ? 14.116  -8.781  -6.666  1.00 36.56  ? 88  ASP A OD2 1 
ATOM   572  N N   . GLY A 1 109 ? 10.545  -5.682  -8.606  1.00 19.67  ? 89  GLY A N   1 
ATOM   573  C CA  . GLY A 1 109 ? 9.098   -5.765  -8.548  1.00 18.27  ? 89  GLY A CA  1 
ATOM   574  C C   . GLY A 1 109 ? 8.530   -6.333  -7.259  1.00 19.78  ? 89  GLY A C   1 
ATOM   575  O O   . GLY A 1 109 ? 7.301   -6.374  -7.109  1.00 22.59  ? 89  GLY A O   1 
ATOM   576  N N   . ARG A 1 110 ? 9.371   -6.776  -6.330  1.00 19.22  ? 90  ARG A N   1 
ATOM   577  C CA  . ARG A 1 110 ? 8.883   -7.363  -5.094  1.00 21.09  ? 90  ARG A CA  1 
ATOM   578  C C   . ARG A 1 110 ? 8.394   -6.279  -4.147  1.00 19.86  ? 90  ARG A C   1 
ATOM   579  O O   . ARG A 1 110 ? 8.991   -5.208  -4.035  1.00 20.04  ? 90  ARG A O   1 
ATOM   580  C CB  . ARG A 1 110 ? 10.001  -8.169  -4.436  1.00 25.61  ? 90  ARG A CB  1 
ATOM   581  C CG  . ARG A 1 110 ? 10.356  -9.430  -5.210  1.00 33.44  ? 90  ARG A CG  1 
ATOM   582  C CD  . ARG A 1 110 ? 11.369  -10.286 -4.467  1.00 38.58  ? 90  ARG A CD  1 
ATOM   583  N NE  . ARG A 1 110 ? 12.737  -9.814  -4.657  1.00 39.94  ? 90  ARG A NE  1 
ATOM   584  C CZ  . ARG A 1 110 ? 13.789  -10.286 -3.995  1.00 44.47  ? 90  ARG A CZ  1 
ATOM   585  N NH1 . ARG A 1 110 ? 13.634  -11.250 -3.096  1.00 54.19  ? 90  ARG A NH1 1 
ATOM   586  N NH2 . ARG A 1 110 ? 15.000  -9.797  -4.231  1.00 52.14  ? 90  ARG A NH2 1 
ATOM   587  N N   . LEU A 1 111 ? 7.303   -6.577  -3.453  1.00 21.94  ? 91  LEU A N   1 
ATOM   588  C CA  A LEU A 1 111 ? 6.793   -5.715  -2.399  0.39 24.48  ? 91  LEU A CA  1 
ATOM   589  C CA  B LEU A 1 111 ? 6.797   -5.720  -2.391  0.61 24.48  ? 91  LEU A CA  1 
ATOM   590  C C   . LEU A 1 111 ? 7.412   -6.134  -1.069  1.00 26.59  ? 91  LEU A C   1 
ATOM   591  O O   . LEU A 1 111 ? 7.471   -7.326  -0.748  1.00 26.62  ? 91  LEU A O   1 
ATOM   592  C CB  A LEU A 1 111 ? 5.270   -5.850  -2.338  0.39 27.99  ? 91  LEU A CB  1 
ATOM   593  C CB  B LEU A 1 111 ? 5.292   -5.897  -2.252  0.61 28.26  ? 91  LEU A CB  1 
ATOM   594  C CG  A LEU A 1 111 ? 4.342   -4.666  -2.040  0.39 19.58  ? 91  LEU A CG  1 
ATOM   595  C CG  B LEU A 1 111 ? 4.416   -5.187  -3.254  0.61 20.40  ? 91  LEU A CG  1 
ATOM   596  C CD1 A LEU A 1 111 ? 4.702   -3.419  -2.841  0.39 20.17  ? 91  LEU A CD1 1 
ATOM   597  C CD1 B LEU A 1 111 ? 3.021   -5.059  -2.675  0.61 20.97  ? 91  LEU A CD1 1 
ATOM   598  C CD2 A LEU A 1 111 ? 2.888   -5.065  -2.269  0.39 21.35  ? 91  LEU A CD2 1 
ATOM   599  C CD2 B LEU A 1 111 ? 5.003   -3.825  -3.639  0.61 19.35  ? 91  LEU A CD2 1 
ATOM   600  N N   . TYR A 1 112 ? 7.861   -5.156  -0.299  1.00 24.43  ? 92  TYR A N   1 
ATOM   601  C CA  . TYR A 1 112 ? 8.354   -5.436  1.042   1.00 26.51  ? 92  TYR A CA  1 
ATOM   602  C C   . TYR A 1 112 ? 8.195   -4.170  1.869   1.00 24.88  ? 92  TYR A C   1 
ATOM   603  O O   . TYR A 1 112 ? 7.691   -3.151  1.385   1.00 27.84  ? 92  TYR A O   1 
ATOM   604  C CB  . TYR A 1 112 ? 9.763   -6.037  1.007   1.00 32.71  ? 92  TYR A CB  1 
ATOM   605  C CG  . TYR A 1 112 ? 10.889  -5.065  0.754   1.00 34.55  ? 92  TYR A CG  1 
ATOM   606  C CD1 . TYR A 1 112 ? 10.810  -4.122  -0.265  1.00 39.61  ? 92  TYR A CD1 1 
ATOM   607  C CD2 . TYR A 1 112 ? 12.071  -5.151  1.479   1.00 42.68  ? 92  TYR A CD2 1 
ATOM   608  C CE1 . TYR A 1 112 ? 11.855  -3.252  -0.513  1.00 39.78  ? 92  TYR A CE1 1 
ATOM   609  C CE2 . TYR A 1 112 ? 13.125  -4.294  1.231   1.00 47.90  ? 92  TYR A CE2 1 
ATOM   610  C CZ  . TYR A 1 112 ? 13.012  -3.343  0.235   1.00 48.14  ? 92  TYR A CZ  1 
ATOM   611  O OH  . TYR A 1 112 ? 14.058  -2.481  -0.016  1.00 50.45  ? 92  TYR A OH  1 
ATOM   612  N N   . ALA A 1 113 ? 8.587   -4.245  3.135   1.00 26.20  ? 93  ALA A N   1 
ATOM   613  C CA  . ALA A 1 113 ? 8.470   -3.093  4.012   1.00 26.11  ? 93  ALA A CA  1 
ATOM   614  C C   . ALA A 1 113 ? 9.758   -2.912  4.797   1.00 27.40  ? 93  ALA A C   1 
ATOM   615  O O   . ALA A 1 113 ? 10.297  -3.880  5.343   1.00 28.25  ? 93  ALA A O   1 
ATOM   616  C CB  . ALA A 1 113 ? 7.278   -3.235  4.953   1.00 24.60  ? 93  ALA A CB  1 
ATOM   617  N N   . ILE A 1 114 ? 10.239  -1.674  4.855   1.00 27.10  ? 94  ILE A N   1 
ATOM   618  C CA  . ILE A 1 114 ? 11.541  -1.361  5.430   1.00 27.32  ? 94  ILE A CA  1 
ATOM   619  C C   . ILE A 1 114 ? 11.363  -0.374  6.573   1.00 28.37  ? 94  ILE A C   1 
ATOM   620  O O   . ILE A 1 114 ? 10.400  0.396   6.613   1.00 27.04  ? 94  ILE A O   1 
ATOM   621  C CB  . ILE A 1 114 ? 12.522  -0.819  4.372   1.00 31.21  ? 94  ILE A CB  1 
ATOM   622  C CG1 . ILE A 1 114 ? 11.907  0.359   3.617   1.00 25.94  ? 94  ILE A CG1 1 
ATOM   623  C CG2 . ILE A 1 114 ? 12.886  -1.909  3.402   1.00 35.04  ? 94  ILE A CG2 1 
ATOM   624  C CD1 . ILE A 1 114 ? 12.756  0.854   2.453   1.00 29.74  ? 94  ILE A CD1 1 
ATOM   625  N N   . LYS A 1 115 ? 12.311  -0.401  7.515   1.00 34.23  ? 95  LYS A N   1 
ATOM   626  C CA  . LYS A 1 115 ? 12.173  0.449   8.693   1.00 32.76  ? 95  LYS A CA  1 
ATOM   627  C C   . LYS A 1 115 ? 12.393  1.921   8.365   1.00 28.56  ? 95  LYS A C   1 
ATOM   628  O O   . LYS A 1 115 ? 11.748  2.786   8.968   1.00 34.69  ? 95  LYS A O   1 
ATOM   629  C CB  . LYS A 1 115 ? 13.104  -0.013  9.819   1.00 35.56  ? 95  LYS A CB  1 
ATOM   630  C CG  . LYS A 1 115 ? 12.508  0.171   11.212  1.00 45.29  ? 95  LYS A CG  1 
ATOM   631  C CD  . LYS A 1 115 ? 11.570  -0.981  11.574  1.00 42.65  ? 95  LYS A CD  1 
ATOM   632  C CE  . LYS A 1 115 ? 10.920  -0.779  12.939  1.00 46.62  ? 95  LYS A CE  1 
ATOM   633  N NZ  . LYS A 1 115 ? 11.736  -1.315  14.066  1.00 54.39  ? 95  LYS A NZ  1 
ATOM   634  N N   . ASN A 1 116 ? 13.263  2.226   7.408   1.00 31.75  ? 96  ASN A N   1 
ATOM   635  C CA  . ASN A 1 116 ? 13.614  3.600   7.078   1.00 29.91  ? 96  ASN A CA  1 
ATOM   636  C C   . ASN A 1 116 ? 13.206  3.934   5.648   1.00 32.05  ? 96  ASN A C   1 
ATOM   637  O O   . ASN A 1 116 ? 13.426  3.140   4.728   1.00 33.12  ? 96  ASN A O   1 
ATOM   638  C CB  . ASN A 1 116 ? 15.112  3.838   7.269   1.00 37.43  ? 96  ASN A CB  1 
ATOM   639  C CG  . ASN A 1 116 ? 15.549  3.616   8.699   1.00 42.83  ? 96  ASN A CG  1 
ATOM   640  O OD1 . ASN A 1 116 ? 14.918  4.114   9.634   1.00 38.18  ? 96  ASN A OD1 1 
ATOM   641  N ND2 . ASN A 1 116 ? 16.621  2.856   8.882   1.00 50.27  ? 96  ASN A ND2 1 
ATOM   642  N N   A VAL A 1 117 ? 12.630  5.121   5.463   0.57 29.74  ? 97  VAL A N   1 
ATOM   643  N N   B VAL A 1 117 ? 12.619  5.123   5.471   0.43 29.76  ? 97  VAL A N   1 
ATOM   644  C CA  A VAL A 1 117 ? 12.075  5.499   4.167   0.57 28.65  ? 97  VAL A CA  1 
ATOM   645  C CA  B VAL A 1 117 ? 12.117  5.524   4.162   0.43 28.70  ? 97  VAL A CA  1 
ATOM   646  C C   A VAL A 1 117 ? 13.190  5.699   3.142   0.57 30.49  ? 97  VAL A C   1 
ATOM   647  C C   B VAL A 1 117 ? 13.253  5.606   3.155   0.43 30.46  ? 97  VAL A C   1 
ATOM   648  O O   A VAL A 1 117 ? 14.269  6.223   3.455   0.57 31.74  ? 97  VAL A O   1 
ATOM   649  O O   B VAL A 1 117 ? 14.385  5.985   3.482   0.43 31.70  ? 97  VAL A O   1 
ATOM   650  C CB  A VAL A 1 117 ? 11.177  6.741   4.328   0.57 29.90  ? 97  VAL A CB  1 
ATOM   651  C CB  B VAL A 1 117 ? 11.370  6.867   4.239   0.43 30.12  ? 97  VAL A CB  1 
ATOM   652  C CG1 A VAL A 1 117 ? 11.976  8.035   4.207   0.57 28.48  ? 97  VAL A CG1 1 
ATOM   653  C CG1 B VAL A 1 117 ? 10.120  6.738   5.064   0.43 29.01  ? 97  VAL A CG1 1 
ATOM   654  C CG2 A VAL A 1 117 ? 10.034  6.717   3.334   0.57 30.24  ? 97  VAL A CG2 1 
ATOM   655  C CG2 B VAL A 1 117 ? 12.271  7.954   4.802   0.43 29.43  ? 97  VAL A CG2 1 
ATOM   656  N N   . THR A 1 118 ? 12.945  5.240   1.914   1.00 28.17  ? 98  THR A N   1 
ATOM   657  C CA  . THR A 1 118 ? 13.840  5.420   0.777   1.00 27.14  ? 98  THR A CA  1 
ATOM   658  C C   . THR A 1 118 ? 12.997  5.875   -0.407  1.00 28.44  ? 98  THR A C   1 
ATOM   659  O O   . THR A 1 118 ? 11.768  5.979   -0.313  1.00 25.76  ? 98  THR A O   1 
ATOM   660  C CB  . THR A 1 118 ? 14.550  4.120   0.387   1.00 30.80  ? 98  THR A CB  1 
ATOM   661  O OG1 . THR A 1 118 ? 13.588  3.192   -0.132  1.00 29.33  ? 98  THR A OG1 1 
ATOM   662  C CG2 . THR A 1 118 ? 15.284  3.496   1.572   1.00 29.64  ? 98  THR A CG2 1 
ATOM   663  N N   . ASP A 1 119 ? 13.651  6.109   -1.548  1.00 24.46  ? 99  ASP A N   1 
ATOM   664  C CA  . ASP A 1 119 ? 12.912  6.555   -2.722  1.00 23.57  ? 99  ASP A CA  1 
ATOM   665  C C   . ASP A 1 119 ? 11.970  5.486   -3.265  1.00 23.21  ? 99  ASP A C   1 
ATOM   666  O O   . ASP A 1 119 ? 11.098  5.814   -4.078  1.00 23.25  ? 99  ASP A O   1 
ATOM   667  C CB  . ASP A 1 119 ? 13.844  7.096   -3.819  1.00 31.14  ? 99  ASP A CB  1 
ATOM   668  C CG  . ASP A 1 119 ? 14.955  6.126   -4.195  1.00 38.17  ? 99  ASP A CG  1 
ATOM   669  O OD1 . ASP A 1 119 ? 14.866  4.927   -3.854  1.00 41.43  ? 99  ASP A OD1 1 
ATOM   670  O OD2 . ASP A 1 119 ? 15.928  6.573   -4.846  1.00 46.70  ? 99  ASP A OD2 1 
ATOM   671  N N   . GLU A 1 120 ? 12.124  4.233   -2.837  1.00 22.66  ? 100 GLU A N   1 
ATOM   672  C CA  . GLU A 1 120 ? 11.230  3.158   -3.250  1.00 20.77  ? 100 GLU A CA  1 
ATOM   673  C C   . GLU A 1 120 ? 9.912   3.147   -2.482  1.00 19.11  ? 100 GLU A C   1 
ATOM   674  O O   . GLU A 1 120 ? 9.055   2.301   -2.761  1.00 20.29  ? 100 GLU A O   1 
ATOM   675  C CB  . GLU A 1 120 ? 11.947  1.803   -3.143  1.00 23.44  ? 100 GLU A CB  1 
ATOM   676  C CG  . GLU A 1 120 ? 13.085  1.638   -4.175  1.00 25.41  ? 100 GLU A CG  1 
ATOM   677  C CD  . GLU A 1 120 ? 13.756  0.272   -4.120  1.00 30.35  ? 100 GLU A CD  1 
ATOM   678  O OE1 . GLU A 1 120 ? 13.820  -0.320  -3.027  1.00 33.44  ? 100 GLU A OE1 1 
ATOM   679  O OE2 . GLU A 1 120 ? 14.229  -0.206  -5.178  1.00 30.89  ? 100 GLU A OE2 1 
ATOM   680  N N   . CYS A 1 121 ? 9.725   4.081   -1.556  1.00 20.11  ? 101 CYS A N   1 
ATOM   681  C CA  . CYS A 1 121 ? 8.588   4.104   -0.645  1.00 18.37  ? 101 CYS A CA  1 
ATOM   682  C C   . CYS A 1 121 ? 7.528   5.129   -1.045  1.00 17.56  ? 101 CYS A C   1 
ATOM   683  O O   . CYS A 1 121 ? 6.582   5.356   -0.283  1.00 20.86  ? 101 CYS A O   1 
ATOM   684  C CB  . CYS A 1 121 ? 9.063   4.380   0.787   1.00 21.97  ? 101 CYS A CB  1 
ATOM   685  S SG  . CYS A 1 121 ? 10.165  3.128   1.496   1.00 22.79  ? 101 CYS A SG  1 
ATOM   686  N N   . PHE A 1 122 ? 7.645   5.743   -2.220  1.00 16.55  ? 102 PHE A N   1 
ATOM   687  C CA  . PHE A 1 122 ? 6.727   6.789   -2.650  1.00 16.99  ? 102 PHE A CA  1 
ATOM   688  C C   . PHE A 1 122 ? 5.866   6.322   -3.817  1.00 18.43  ? 102 PHE A C   1 
ATOM   689  O O   . PHE A 1 122 ? 6.384   5.783   -4.802  1.00 18.62  ? 102 PHE A O   1 
ATOM   690  C CB  . PHE A 1 122 ? 7.499   8.074   -2.987  1.00 21.06  ? 102 PHE A CB  1 
ATOM   691  C CG  . PHE A 1 122 ? 8.200   8.662   -1.795  1.00 24.93  ? 102 PHE A CG  1 
ATOM   692  C CD1 . PHE A 1 122 ? 7.555   9.568   -0.974  1.00 28.05  ? 102 PHE A CD1 1 
ATOM   693  C CD2 . PHE A 1 122 ? 9.485   8.261   -1.462  1.00 26.33  ? 102 PHE A CD2 1 
ATOM   694  C CE1 . PHE A 1 122 ? 8.191   10.093  0.148   1.00 35.12  ? 102 PHE A CE1 1 
ATOM   695  C CE2 . PHE A 1 122 ? 10.127  8.776   -0.340  1.00 26.13  ? 102 PHE A CE2 1 
ATOM   696  C CZ  . PHE A 1 122 ? 9.477   9.693   0.463   1.00 32.98  ? 102 PHE A CZ  1 
ATOM   697  N N   . PHE A 1 123 ? 4.562   6.586   -3.729  1.00 16.08  ? 103 PHE A N   1 
ATOM   698  C CA  . PHE A 1 123 ? 3.583   6.075   -4.682  1.00 15.26  ? 103 PHE A CA  1 
ATOM   699  C C   . PHE A 1 123 ? 2.645   7.185   -5.127  1.00 15.63  ? 103 PHE A C   1 
ATOM   700  O O   . PHE A 1 123 ? 2.139   7.948   -4.299  1.00 18.35  ? 103 PHE A O   1 
ATOM   701  C CB  . PHE A 1 123 ? 2.773   4.918   -4.055  1.00 15.78  ? 103 PHE A CB  1 
ATOM   702  C CG  . PHE A 1 123 ? 3.633   3.772   -3.631  1.00 15.79  ? 103 PHE A CG  1 
ATOM   703  C CD1 . PHE A 1 123 ? 3.972   2.787   -4.539  1.00 18.02  ? 103 PHE A CD1 1 
ATOM   704  C CD2 . PHE A 1 123 ? 4.134   3.685   -2.339  1.00 17.34  ? 103 PHE A CD2 1 
ATOM   705  C CE1 . PHE A 1 123 ? 4.791   1.731   -4.174  1.00 17.49  ? 103 PHE A CE1 1 
ATOM   706  C CE2 . PHE A 1 123 ? 4.963   2.630   -1.971  1.00 16.90  ? 103 PHE A CE2 1 
ATOM   707  C CZ  . PHE A 1 123 ? 5.287   1.649   -2.900  1.00 17.70  ? 103 PHE A CZ  1 
ATOM   708  N N   . PHE A 1 124 ? 2.412   7.270   -6.434  1.00 16.34  ? 104 PHE A N   1 
ATOM   709  C CA  . PHE A 1 124 ? 1.318   8.086   -6.945  1.00 18.31  ? 104 PHE A CA  1 
ATOM   710  C C   . PHE A 1 124 ? -0.016  7.469   -6.539  1.00 18.36  ? 104 PHE A C   1 
ATOM   711  O O   . PHE A 1 124 ? -0.282  6.303   -6.844  1.00 18.08  ? 104 PHE A O   1 
ATOM   712  C CB  . PHE A 1 124 ? 1.376   8.119   -8.472  1.00 16.75  ? 104 PHE A CB  1 
ATOM   713  C CG  . PHE A 1 124 ? 2.595   8.803   -9.043  1.00 21.68  ? 104 PHE A CG  1 
ATOM   714  C CD1 . PHE A 1 124 ? 2.755   10.175  -8.937  1.00 24.80  ? 104 PHE A CD1 1 
ATOM   715  C CD2 . PHE A 1 124 ? 3.565   8.068   -9.691  1.00 21.35  ? 104 PHE A CD2 1 
ATOM   716  C CE1 . PHE A 1 124 ? 3.875   10.806  -9.483  1.00 25.60  ? 104 PHE A CE1 1 
ATOM   717  C CE2 . PHE A 1 124 ? 4.688   8.694   -10.239 1.00 22.53  ? 104 PHE A CE2 1 
ATOM   718  C CZ  . PHE A 1 124 ? 4.832   10.058  -10.131 1.00 21.81  ? 104 PHE A CZ  1 
ATOM   719  N N   . GLU A 1 125 ? -0.868  8.255   -5.882  1.00 18.47  ? 105 GLU A N   1 
ATOM   720  C CA  . GLU A 1 125 ? -2.223  7.836   -5.533  1.00 18.32  ? 105 GLU A CA  1 
ATOM   721  C C   . GLU A 1 125 ? -3.200  8.422   -6.551  1.00 21.26  ? 105 GLU A C   1 
ATOM   722  O O   . GLU A 1 125 ? -3.318  9.646   -6.663  1.00 24.96  ? 105 GLU A O   1 
ATOM   723  C CB  . GLU A 1 125 ? -2.566  8.305   -4.120  1.00 20.34  ? 105 GLU A CB  1 
ATOM   724  C CG  . GLU A 1 125 ? -3.966  7.922   -3.657  1.00 20.90  ? 105 GLU A CG  1 
ATOM   725  C CD  . GLU A 1 125 ? -4.281  8.525   -2.299  1.00 22.45  ? 105 GLU A CD  1 
ATOM   726  O OE1 . GLU A 1 125 ? -4.412  9.769   -2.222  1.00 27.88  ? 105 GLU A OE1 1 
ATOM   727  O OE2 . GLU A 1 125 ? -4.375  7.776   -1.300  1.00 23.07  ? 105 GLU A OE2 1 
ATOM   728  N N   . ARG A 1 126 ? -3.903  7.557   -7.282  1.00 18.47  ? 106 ARG A N   1 
ATOM   729  C CA  . ARG A 1 126 ? -4.810  7.963   -8.353  1.00 19.52  ? 106 ARG A CA  1 
ATOM   730  C C   . ARG A 1 126 ? -6.215  7.424   -8.084  1.00 20.46  ? 106 ARG A C   1 
ATOM   731  O O   . ARG A 1 126 ? -6.418  6.205   -8.002  1.00 20.55  ? 106 ARG A O   1 
ATOM   732  C CB  . ARG A 1 126 ? -4.296  7.427   -9.689  1.00 20.90  ? 106 ARG A CB  1 
ATOM   733  C CG  . ARG A 1 126 ? -5.222  7.662   -10.881 1.00 19.76  ? 106 ARG A CG  1 
ATOM   734  C CD  . ARG A 1 126 ? -4.575  7.115   -12.148 1.00 21.13  ? 106 ARG A CD  1 
ATOM   735  N NE  . ARG A 1 126 ? -4.793  5.680   -12.298 1.00 19.23  ? 106 ARG A NE  1 
ATOM   736  C CZ  . ARG A 1 126 ? -3.846  4.818   -12.654 1.00 17.58  ? 106 ARG A CZ  1 
ATOM   737  N NH1 . ARG A 1 126 ? -2.601  5.241   -12.851 1.00 20.64  ? 106 ARG A NH1 1 
ATOM   738  N NH2 . ARG A 1 126 ? -4.135  3.536   -12.780 1.00 19.75  ? 106 ARG A NH2 1 
ATOM   739  N N   . LEU A 1 127 ? -7.195  8.322   -7.986  1.00 19.57  ? 107 LEU A N   1 
ATOM   740  C CA  . LEU A 1 127 ? -8.588  7.904   -7.855  1.00 21.20  ? 107 LEU A CA  1 
ATOM   741  C C   . LEU A 1 127 ? -9.119  7.312   -9.157  1.00 21.56  ? 107 LEU A C   1 
ATOM   742  O O   . LEU A 1 127 ? -8.897  7.858   -10.252 1.00 20.10  ? 107 LEU A O   1 
ATOM   743  C CB  . LEU A 1 127 ? -9.457  9.092   -7.449  1.00 22.19  ? 107 LEU A CB  1 
ATOM   744  C CG  . LEU A 1 127 ? -10.938 8.797   -7.218  1.00 21.30  ? 107 LEU A CG  1 
ATOM   745  C CD1 . LEU A 1 127 ? -11.122 7.882   -6.005  1.00 24.17  ? 107 LEU A CD1 1 
ATOM   746  C CD2 . LEU A 1 127 ? -11.717 10.089  -7.031  1.00 25.27  ? 107 LEU A CD2 1 
ATOM   747  N N   . GLU A 1 128 ? -9.846  6.206   -9.040  1.00 23.43  ? 108 GLU A N   1 
ATOM   748  C CA  . GLU A 1 128 ? -10.355 5.428   -10.159 1.00 23.33  ? 108 GLU A CA  1 
ATOM   749  C C   . GLU A 1 128 ? -11.866 5.563   -10.307 1.00 28.49  ? 108 GLU A C   1 
ATOM   750  O O   . GLU A 1 128 ? -12.566 6.105   -9.442  1.00 28.96  ? 108 GLU A O   1 
ATOM   751  C CB  . GLU A 1 128 ? -10.023 3.942   -9.997  1.00 28.26  ? 108 GLU A CB  1 
ATOM   752  C CG  . GLU A 1 128 ? -8.558  3.628   -9.867  1.00 26.43  ? 108 GLU A CG  1 
ATOM   753  C CD  . GLU A 1 128 ? -7.842  3.676   -11.193 1.00 26.60  ? 108 GLU A CD  1 
ATOM   754  O OE1 . GLU A 1 128 ? -8.427  3.231   -12.205 1.00 31.17  ? 108 GLU A OE1 1 
ATOM   755  O OE2 . GLU A 1 128 ? -6.685  4.139   -11.204 1.00 28.66  ? 108 GLU A OE2 1 
ATOM   756  N N   A GLU A 1 129 ? -12.341 5.003   -11.425 0.48 33.06  ? 109 GLU A N   1 
ATOM   757  N N   B GLU A 1 129 ? -12.365 5.043   -11.433 0.52 33.07  ? 109 GLU A N   1 
ATOM   758  C CA  A GLU A 1 129 ? -13.729 5.140   -11.859 0.48 35.09  ? 109 GLU A CA  1 
ATOM   759  C CA  B GLU A 1 129 ? -13.767 5.226   -11.798 0.52 35.10  ? 109 GLU A CA  1 
ATOM   760  C C   A GLU A 1 129 ? -14.694 4.504   -10.868 0.48 36.86  ? 109 GLU A C   1 
ATOM   761  C C   B GLU A 1 129 ? -14.709 4.521   -10.826 0.52 36.89  ? 109 GLU A C   1 
ATOM   762  O O   A GLU A 1 129 ? -15.801 5.010   -10.656 0.48 38.95  ? 109 GLU A O   1 
ATOM   763  O O   B GLU A 1 129 ? -15.813 5.017   -10.571 0.52 39.00  ? 109 GLU A O   1 
ATOM   764  C CB  A GLU A 1 129 ? -13.867 4.469   -13.227 0.48 35.83  ? 109 GLU A CB  1 
ATOM   765  C CB  B GLU A 1 129 ? -14.000 4.761   -13.240 0.52 35.65  ? 109 GLU A CB  1 
ATOM   766  C CG  A GLU A 1 129 ? -15.043 4.904   -14.075 0.48 31.65  ? 109 GLU A CG  1 
ATOM   767  C CG  B GLU A 1 129 ? -15.449 4.445   -13.585 0.52 35.83  ? 109 GLU A CG  1 
ATOM   768  C CD  A GLU A 1 129 ? -14.995 4.282   -15.459 0.48 37.81  ? 109 GLU A CD  1 
ATOM   769  C CD  B GLU A 1 129 ? -15.835 4.886   -14.982 0.52 35.73  ? 109 GLU A CD  1 
ATOM   770  O OE1 A GLU A 1 129 ? -14.376 3.205   -15.603 0.48 41.89  ? 109 GLU A OE1 1 
ATOM   771  O OE1 B GLU A 1 129 ? -17.004 5.289   -15.172 0.52 34.79  ? 109 GLU A OE1 1 
ATOM   772  O OE2 A GLU A 1 129 ? -15.566 4.868   -16.403 0.48 38.06  ? 109 GLU A OE2 1 
ATOM   773  O OE2 B GLU A 1 129 ? -14.975 4.829   -15.889 0.52 37.05  ? 109 GLU A OE2 1 
ATOM   774  N N   . ASN A 1 130 ? -14.297 3.385   -10.262 1.00 38.64  ? 110 ASN A N   1 
ATOM   775  C CA  . ASN A 1 130 ? -15.146 2.638   -9.343  1.00 39.95  ? 110 ASN A CA  1 
ATOM   776  C C   . ASN A 1 130 ? -14.975 3.057   -7.884  1.00 40.73  ? 110 ASN A C   1 
ATOM   777  O O   . ASN A 1 130 ? -15.366 2.300   -6.987  1.00 41.44  ? 110 ASN A O   1 
ATOM   778  C CB  . ASN A 1 130 ? -14.938 1.129   -9.511  1.00 44.86  ? 110 ASN A CB  1 
ATOM   779  C CG  . ASN A 1 130 ? -13.477 0.724   -9.439  1.00 42.26  ? 110 ASN A CG  1 
ATOM   780  O OD1 . ASN A 1 130 ? -12.611 1.533   -9.114  1.00 31.20  ? 110 ASN A OD1 1 
ATOM   781  N ND2 . ASN A 1 130 ? -13.199 -0.540  -9.738  1.00 45.10  ? 110 ASN A ND2 1 
ATOM   782  N N   . ASN A 1 131 ? -14.410 4.237   -7.631  1.00 39.41  ? 111 ASN A N   1 
ATOM   783  C CA  . ASN A 1 131 ? -14.203 4.850   -6.310  1.00 32.27  ? 111 ASN A CA  1 
ATOM   784  C C   . ASN A 1 131 ? -12.997 4.280   -5.563  1.00 32.99  ? 111 ASN A C   1 
ATOM   785  O O   . ASN A 1 131 ? -12.685 4.758   -4.481  1.00 28.98  ? 111 ASN A O   1 
ATOM   786  C CB  . ASN A 1 131 ? -15.444 4.872   -5.401  1.00 45.93  ? 111 ASN A CB  1 
ATOM   787  C CG  . ASN A 1 131 ? -15.396 5.988   -4.365  1.00 56.62  ? 111 ASN A CG  1 
ATOM   788  O OD1 . ASN A 1 131 ? -14.934 5.790   -3.237  1.00 49.89  ? 111 ASN A OD1 1 
ATOM   789  N ND2 . ASN A 1 131 ? -15.869 7.172   -4.747  1.00 52.85  ? 111 ASN A ND2 1 
ATOM   790  N N   . TYR A 1 132 ? -12.308 3.290   -6.112  1.00 32.99  ? 112 TYR A N   1 
ATOM   791  C CA  . TYR A 1 132 ? -11.084 2.789   -5.516  1.00 24.72  ? 112 TYR A CA  1 
ATOM   792  C C   . TYR A 1 132 ? -9.906  3.682   -5.917  1.00 22.18  ? 112 TYR A C   1 
ATOM   793  O O   . TYR A 1 132 ? -10.016 4.527   -6.810  1.00 22.17  ? 112 TYR A O   1 
ATOM   794  C CB  . TYR A 1 132 ? -10.854 1.358   -5.990  1.00 24.94  ? 112 TYR A CB  1 
ATOM   795  C CG  . TYR A 1 132 ? -11.729 0.331   -5.298  1.00 23.40  ? 112 TYR A CG  1 
ATOM   796  C CD1 . TYR A 1 132 ? -13.117 0.391   -5.373  1.00 30.32  ? 112 TYR A CD1 1 
ATOM   797  C CD2 . TYR A 1 132 ? -11.164 -0.705  -4.576  1.00 22.92  ? 112 TYR A CD2 1 
ATOM   798  C CE1 . TYR A 1 132 ? -13.910 -0.559  -4.732  1.00 29.81  ? 112 TYR A CE1 1 
ATOM   799  C CE2 . TYR A 1 132 ? -11.942 -1.656  -3.948  1.00 24.68  ? 112 TYR A CE2 1 
ATOM   800  C CZ  . TYR A 1 132 ? -13.314 -1.578  -4.018  1.00 27.22  ? 112 TYR A CZ  1 
ATOM   801  O OH  . TYR A 1 132 ? -14.074 -2.538  -3.368  1.00 29.74  ? 112 TYR A OH  1 
ATOM   802  N N   . ASN A 1 133 ? -8.766  3.489   -5.261  1.00 18.40  ? 113 ASN A N   1 
ATOM   803  C CA  . ASN A 1 133 ? -7.511  4.135   -5.628  1.00 16.79  ? 113 ASN A CA  1 
ATOM   804  C C   . ASN A 1 133 ? -6.535  3.112   -6.191  1.00 19.34  ? 113 ASN A C   1 
ATOM   805  O O   . ASN A 1 133 ? -6.666  1.909   -5.966  1.00 18.98  ? 113 ASN A O   1 
ATOM   806  C CB  . ASN A 1 133 ? -6.824  4.757   -4.404  1.00 19.32  ? 113 ASN A CB  1 
ATOM   807  C CG  . ASN A 1 133 ? -7.529  5.979   -3.886  1.00 20.67  ? 113 ASN A CG  1 
ATOM   808  O OD1 . ASN A 1 133 ? -8.328  6.602   -4.591  1.00 26.38  ? 113 ASN A OD1 1 
ATOM   809  N ND2 . ASN A 1 133 ? -7.232  6.340   -2.648  1.00 19.74  ? 113 ASN A ND2 1 
ATOM   810  N N   . THR A 1 134 ? -5.541  3.609   -6.928  1.00 16.65  ? 114 THR A N   1 
ATOM   811  C CA  . THR A 1 134 ? -4.355  2.834   -7.260  1.00 17.54  ? 114 THR A CA  1 
ATOM   812  C C   . THR A 1 134 ? -3.114  3.541   -6.733  1.00 13.93  ? 114 THR A C   1 
ATOM   813  O O   . THR A 1 134 ? -3.105  4.762   -6.525  1.00 15.55  ? 114 THR A O   1 
ATOM   814  C CB  . THR A 1 134 ? -4.219  2.610   -8.761  1.00 16.20  ? 114 THR A CB  1 
ATOM   815  O OG1 . THR A 1 134 ? -4.148  3.885   -9.422  1.00 18.64  ? 114 THR A OG1 1 
ATOM   816  C CG2 . THR A 1 134 ? -5.404  1.845   -9.270  1.00 18.65  ? 114 THR A CG2 1 
ATOM   817  N N   . TYR A 1 135 ? -2.061  2.748   -6.510  1.00 14.21  ? 115 TYR A N   1 
ATOM   818  C CA  . TYR A 1 135 ? -0.795  3.192   -5.931  1.00 13.96  ? 115 TYR A CA  1 
ATOM   819  C C   . TYR A 1 135 ? 0.329   2.754   -6.855  1.00 15.86  ? 115 TYR A C   1 
ATOM   820  O O   . TYR A 1 135 ? 0.669   1.570   -6.931  1.00 15.97  ? 115 TYR A O   1 
ATOM   821  C CB  . TYR A 1 135 ? -0.632  2.634   -4.503  1.00 13.83  ? 115 TYR A CB  1 
ATOM   822  C CG  . TYR A 1 135 ? -1.691  3.236   -3.615  1.00 14.38  ? 115 TYR A CG  1 
ATOM   823  C CD1 . TYR A 1 135 ? -1.509  4.498   -3.046  1.00 16.29  ? 115 TYR A CD1 1 
ATOM   824  C CD2 . TYR A 1 135 ? -2.918  2.592   -3.422  1.00 14.67  ? 115 TYR A CD2 1 
ATOM   825  C CE1 . TYR A 1 135 ? -2.497  5.095   -2.291  1.00 16.47  ? 115 TYR A CE1 1 
ATOM   826  C CE2 . TYR A 1 135 ? -3.911  3.187   -2.658  1.00 15.48  ? 115 TYR A CE2 1 
ATOM   827  C CZ  . TYR A 1 135 ? -3.700  4.437   -2.104  1.00 14.36  ? 115 TYR A CZ  1 
ATOM   828  O OH  . TYR A 1 135 ? -4.702  5.041   -1.373  1.00 18.52  ? 115 TYR A OH  1 
ATOM   829  N N   . ARG A 1 136 ? 0.901   3.717   -7.569  1.00 16.60  ? 116 ARG A N   1 
ATOM   830  C CA  . ARG A 1 136 ? 1.866   3.463   -8.624  1.00 16.00  ? 116 ARG A CA  1 
ATOM   831  C C   . ARG A 1 136 ? 3.238   3.933   -8.165  1.00 14.27  ? 116 ARG A C   1 
ATOM   832  O O   . ARG A 1 136 ? 3.384   5.072   -7.711  1.00 17.78  ? 116 ARG A O   1 
ATOM   833  C CB  . ARG A 1 136 ? 1.440   4.241   -9.877  1.00 17.36  ? 116 ARG A CB  1 
ATOM   834  C CG  . ARG A 1 136 ? 2.293   4.048   -11.135 1.00 16.85  ? 116 ARG A CG  1 
ATOM   835  C CD  . ARG A 1 136 ? 1.600   4.621   -12.384 1.00 19.07  ? 116 ARG A CD  1 
ATOM   836  N NE  . ARG A 1 136 ? 1.358   6.060   -12.285 1.00 17.09  ? 116 ARG A NE  1 
ATOM   837  C CZ  . ARG A 1 136 ? 2.196   6.992   -12.748 1.00 20.67  ? 116 ARG A CZ  1 
ATOM   838  N NH1 . ARG A 1 136 ? 3.340   6.625   -13.314 1.00 22.71  ? 116 ARG A NH1 1 
ATOM   839  N NH2 . ARG A 1 136 ? 1.907   8.288   -12.626 1.00 21.90  ? 116 ARG A NH2 1 
ATOM   840  N N   . SER A 1 137 ? 4.238   3.058   -8.258  1.00 15.37  ? 117 SER A N   1 
ATOM   841  C CA  . SER A 1 137 ? 5.585   3.410   -7.801  1.00 15.52  ? 117 SER A CA  1 
ATOM   842  C C   . SER A 1 137 ? 6.123   4.655   -8.510  1.00 16.69  ? 117 SER A C   1 
ATOM   843  O O   . SER A 1 137 ? 6.140   4.726   -9.747  1.00 18.66  ? 117 SER A O   1 
ATOM   844  C CB  . SER A 1 137 ? 6.528   2.230   -8.042  1.00 18.57  ? 117 SER A CB  1 
ATOM   845  O OG  . SER A 1 137 ? 7.884   2.610   -7.855  1.00 18.93  ? 117 SER A OG  1 
ATOM   846  N N   . ARG A 1 138 ? 6.586   5.642   -7.734  1.00 17.16  ? 118 ARG A N   1 
ATOM   847  C CA  . ARG A 1 138 ? 7.228   6.793   -8.368  1.00 20.20  ? 118 ARG A CA  1 
ATOM   848  C C   . ARG A 1 138 ? 8.587   6.417   -8.939  1.00 20.32  ? 118 ARG A C   1 
ATOM   849  O O   . ARG A 1 138 ? 8.979   6.937   -9.990  1.00 23.01  ? 118 ARG A O   1 
ATOM   850  C CB  . ARG A 1 138 ? 7.345   7.968   -7.393  1.00 21.03  ? 118 ARG A CB  1 
ATOM   851  C CG  . ARG A 1 138 ? 7.847   9.267   -8.057  1.00 22.88  ? 118 ARG A CG  1 
ATOM   852  C CD  . ARG A 1 138 ? 7.807   10.431  -7.070  1.00 28.98  ? 118 ARG A CD  1 
ATOM   853  N NE  . ARG A 1 138 ? 8.762   10.259  -5.980  1.00 24.94  ? 118 ARG A NE  1 
ATOM   854  C CZ  . ARG A 1 138 ? 8.813   11.032  -4.898  1.00 31.88  ? 118 ARG A CZ  1 
ATOM   855  N NH1 . ARG A 1 138 ? 7.958   12.034  -4.752  1.00 31.51  ? 118 ARG A NH1 1 
ATOM   856  N NH2 . ARG A 1 138 ? 9.722   10.804  -3.963  1.00 35.77  ? 118 ARG A NH2 1 
ATOM   857  N N   . LYS A 1 139 ? 9.309   5.516   -8.275  1.00 19.06  ? 119 LYS A N   1 
ATOM   858  C CA  . LYS A 1 139 ? 10.634  5.119   -8.748  1.00 23.37  ? 119 LYS A CA  1 
ATOM   859  C C   . LYS A 1 139 ? 10.547  4.267   -10.012 1.00 21.46  ? 119 LYS A C   1 
ATOM   860  O O   . LYS A 1 139 ? 11.401  4.377   -10.905 1.00 22.75  ? 119 LYS A O   1 
ATOM   861  C CB  . LYS A 1 139 ? 11.361  4.363   -7.636  1.00 25.37  ? 119 LYS A CB  1 
ATOM   862  C CG  . LYS A 1 139 ? 12.849  4.150   -7.872  1.00 31.07  ? 119 LYS A CG  1 
ATOM   863  C CD  . LYS A 1 139 ? 13.622  5.451   -7.724  1.00 34.40  ? 119 LYS A CD  1 
ATOM   864  C CE  . LYS A 1 139 ? 15.118  5.197   -7.764  1.00 41.69  ? 119 LYS A CE  1 
ATOM   865  N NZ  . LYS A 1 139 ? 15.485  4.084   -6.848  1.00 44.85  ? 119 LYS A NZ  1 
ATOM   866  N N   . TYR A 1 140 ? 9.526   3.416   -10.111 1.00 19.51  ? 120 TYR A N   1 
ATOM   867  C CA  . TYR A 1 140 ? 9.353   2.465   -11.209 1.00 19.67  ? 120 TYR A CA  1 
ATOM   868  C C   . TYR A 1 140 ? 7.944   2.680   -11.743 1.00 19.98  ? 120 TYR A C   1 
ATOM   869  O O   . TYR A 1 140 ? 7.013   1.932   -11.405 1.00 18.90  ? 120 TYR A O   1 
ATOM   870  C CB  . TYR A 1 140 ? 9.600   1.024   -10.741 1.00 21.32  ? 120 TYR A CB  1 
ATOM   871  C CG  . TYR A 1 140 ? 10.895  0.905   -9.965  1.00 19.55  ? 120 TYR A CG  1 
ATOM   872  C CD1 . TYR A 1 140 ? 12.118  1.237   -10.559 1.00 23.95  ? 120 TYR A CD1 1 
ATOM   873  C CD2 . TYR A 1 140 ? 10.896  0.510   -8.634  1.00 21.81  ? 120 TYR A CD2 1 
ATOM   874  C CE1 . TYR A 1 140 ? 13.308  1.155   -9.838  1.00 23.62  ? 120 TYR A CE1 1 
ATOM   875  C CE2 . TYR A 1 140 ? 12.080  0.430   -7.909  1.00 23.83  ? 120 TYR A CE2 1 
ATOM   876  C CZ  . TYR A 1 140 ? 13.272  0.751   -8.512  1.00 25.05  ? 120 TYR A CZ  1 
ATOM   877  O OH  . TYR A 1 140 ? 14.432  0.661   -7.768  1.00 31.88  ? 120 TYR A OH  1 
ATOM   878  N N   . PRO A 1 141 ? 7.747   3.698   -12.578 1.00 18.62  ? 121 PRO A N   1 
ATOM   879  C CA  . PRO A 1 141 ? 6.407   4.267   -12.769 1.00 18.67  ? 121 PRO A CA  1 
ATOM   880  C C   . PRO A 1 141 ? 5.465   3.493   -13.680 1.00 17.77  ? 121 PRO A C   1 
ATOM   881  O O   . PRO A 1 141 ? 4.378   4.004   -13.963 1.00 20.84  ? 121 PRO A O   1 
ATOM   882  C CB  . PRO A 1 141 ? 6.681   5.684   -13.295 1.00 21.95  ? 121 PRO A CB  1 
ATOM   883  C CG  . PRO A 1 141 ? 8.048   5.611   -13.894 1.00 25.76  ? 121 PRO A CG  1 
ATOM   884  C CD  . PRO A 1 141 ? 8.806   4.589   -13.088 1.00 19.81  ? 121 PRO A CD  1 
ATOM   885  N N   . SER A 1 142 ? 5.792   2.277   -14.123 1.00 17.61  ? 122 SER A N   1 
ATOM   886  C CA  A SER A 1 142 ? 4.830   1.386   -14.756 0.53 19.96  ? 122 SER A CA  1 
ATOM   887  C CA  B SER A 1 142 ? 4.787   1.424   -14.740 0.47 19.95  ? 122 SER A CA  1 
ATOM   888  C C   . SER A 1 142 ? 4.262   0.355   -13.792 1.00 16.65  ? 122 SER A C   1 
ATOM   889  O O   . SER A 1 142 ? 3.390   -0.422  -14.181 1.00 20.03  ? 122 SER A O   1 
ATOM   890  C CB  A SER A 1 142 ? 5.474   0.651   -15.941 0.53 22.25  ? 122 SER A CB  1 
ATOM   891  C CB  B SER A 1 142 ? 5.320   0.783   -16.026 0.47 22.35  ? 122 SER A CB  1 
ATOM   892  O OG  A SER A 1 142 ? 5.907   1.552   -16.943 0.53 24.71  ? 122 SER A OG  1 
ATOM   893  O OG  B SER A 1 142 ? 6.267   -0.224  -15.737 0.47 19.98  ? 122 SER A OG  1 
ATOM   894  N N   . TRP A 1 143 ? 4.750   0.327   -12.551 1.00 17.88  ? 123 TRP A N   1 
ATOM   895  C CA  . TRP A 1 143 ? 4.465   -0.739  -11.600 1.00 17.48  ? 123 TRP A CA  1 
ATOM   896  C C   . TRP A 1 143 ? 3.557   -0.261  -10.472 1.00 17.28  ? 123 TRP A C   1 
ATOM   897  O O   . TRP A 1 143 ? 3.699   0.862   -9.977  1.00 18.11  ? 123 TRP A O   1 
ATOM   898  C CB  . TRP A 1 143 ? 5.768   -1.262  -11.001 1.00 17.99  ? 123 TRP A CB  1 
ATOM   899  C CG  . TRP A 1 143 ? 6.662   -1.957  -12.009 1.00 19.84  ? 123 TRP A CG  1 
ATOM   900  C CD1 . TRP A 1 143 ? 6.378   -2.237  -13.319 1.00 21.89  ? 123 TRP A CD1 1 
ATOM   901  C CD2 . TRP A 1 143 ? 7.976   -2.466  -11.760 1.00 18.90  ? 123 TRP A CD2 1 
ATOM   902  N NE1 . TRP A 1 143 ? 7.440   -2.899  -13.892 1.00 22.56  ? 123 TRP A NE1 1 
ATOM   903  C CE2 . TRP A 1 143 ? 8.435   -3.040  -12.964 1.00 19.95  ? 123 TRP A CE2 1 
ATOM   904  C CE3 . TRP A 1 143 ? 8.804   -2.498  -10.635 1.00 20.28  ? 123 TRP A CE3 1 
ATOM   905  C CZ2 . TRP A 1 143 ? 9.682   -3.653  -13.069 1.00 20.92  ? 123 TRP A CZ2 1 
ATOM   906  C CZ3 . TRP A 1 143 ? 10.047  -3.092  -10.741 1.00 21.61  ? 123 TRP A CZ3 1 
ATOM   907  C CH2 . TRP A 1 143 ? 10.472  -3.665  -11.950 1.00 22.64  ? 123 TRP A CH2 1 
ATOM   908  N N   . TYR A 1 144 ? 2.642   -1.141  -10.062 1.00 17.10  ? 124 TYR A N   1 
ATOM   909  C CA  . TYR A 1 144 ? 1.634   -0.848  -9.047  1.00 15.77  ? 124 TYR A CA  1 
ATOM   910  C C   . TYR A 1 144 ? 1.759   -1.781  -7.848  1.00 16.67  ? 124 TYR A C   1 
ATOM   911  O O   . TYR A 1 144 ? 2.141   -2.953  -7.986  1.00 16.06  ? 124 TYR A O   1 
ATOM   912  C CB  . TYR A 1 144 ? 0.237   -1.048  -9.603  1.00 16.44  ? 124 TYR A CB  1 
ATOM   913  C CG  . TYR A 1 144 ? -0.142  -0.062  -10.682 1.00 15.87  ? 124 TYR A CG  1 
ATOM   914  C CD1 . TYR A 1 144 ? 0.163   -0.304  -12.024 1.00 17.31  ? 124 TYR A CD1 1 
ATOM   915  C CD2 . TYR A 1 144 ? -0.811  1.115   -10.373 1.00 16.95  ? 124 TYR A CD2 1 
ATOM   916  C CE1 . TYR A 1 144 ? -0.191  0.609   -13.013 1.00 18.70  ? 124 TYR A CE1 1 
ATOM   917  C CE2 . TYR A 1 144 ? -1.174  2.021   -11.355 1.00 18.01  ? 124 TYR A CE2 1 
ATOM   918  C CZ  . TYR A 1 144 ? -0.858  1.761   -12.669 1.00 18.41  ? 124 TYR A CZ  1 
ATOM   919  O OH  . TYR A 1 144 ? -1.210  2.670   -13.644 1.00 22.19  ? 124 TYR A OH  1 
ATOM   920  N N   . VAL A 1 145 ? 1.406   -1.252  -6.667  1.00 14.85  ? 125 VAL A N   1 
ATOM   921  C CA  . VAL A 1 145 ? 1.074   -2.093  -5.519  1.00 14.49  ? 125 VAL A CA  1 
ATOM   922  C C   . VAL A 1 145 ? -0.130  -2.939  -5.892  1.00 13.94  ? 125 VAL A C   1 
ATOM   923  O O   . VAL A 1 145 ? -1.124  -2.425  -6.416  1.00 15.02  ? 125 VAL A O   1 
ATOM   924  C CB  . VAL A 1 145 ? 0.742   -1.203  -4.312  1.00 13.27  ? 125 VAL A CB  1 
ATOM   925  C CG1 . VAL A 1 145 ? 0.337   -2.060  -3.112  1.00 14.93  ? 125 VAL A CG1 1 
ATOM   926  C CG2 . VAL A 1 145 ? 1.915   -0.290  -3.964  1.00 15.90  ? 125 VAL A CG2 1 
ATOM   927  N N   . ALA A 1 146 ? -0.069  -4.233  -5.583  1.00 14.46  ? 126 ALA A N   1 
ATOM   928  C CA  . ALA A 1 146 ? -1.124  -5.128  -6.036  1.00 14.53  ? 126 ALA A CA  1 
ATOM   929  C C   . ALA A 1 146 ? -1.106  -6.421  -5.234  1.00 16.19  ? 126 ALA A C   1 
ATOM   930  O O   . ALA A 1 146 ? -0.046  -6.903  -4.834  1.00 17.08  ? 126 ALA A O   1 
ATOM   931  C CB  . ALA A 1 146 ? -0.937  -5.425  -7.523  1.00 16.82  ? 126 ALA A CB  1 
ATOM   932  N N   . LEU A 1 147 ? -2.300  -6.988  -5.040  1.00 16.65  ? 127 LEU A N   1 
ATOM   933  C CA  . LEU A 1 147 ? -2.461  -8.309  -4.445  1.00 16.63  ? 127 LEU A CA  1 
ATOM   934  C C   . LEU A 1 147 ? -3.135  -9.252  -5.424  1.00 20.36  ? 127 LEU A C   1 
ATOM   935  O O   . LEU A 1 147 ? -4.086  -8.877  -6.114  1.00 20.27  ? 127 LEU A O   1 
ATOM   936  C CB  . LEU A 1 147 ? -3.301  -8.266  -3.155  1.00 19.14  ? 127 LEU A CB  1 
ATOM   937  C CG  . LEU A 1 147 ? -2.756  -7.462  -1.965  1.00 18.11  ? 127 LEU A CG  1 
ATOM   938  C CD1 . LEU A 1 147 ? -3.702  -7.545  -0.763  1.00 18.65  ? 127 LEU A CD1 1 
ATOM   939  C CD2 . LEU A 1 147 ? -1.377  -7.952  -1.590  1.00 20.01  ? 127 LEU A CD2 1 
ATOM   940  N N   . LYS A 1 148 ? -2.648  -10.491 -5.450  1.00 20.35  ? 128 LYS A N   1 
ATOM   941  C CA  . LYS A 1 148 ? -3.340  -11.570 -6.136  1.00 22.90  ? 128 LYS A CA  1 
ATOM   942  C C   . LYS A 1 148 ? -4.534  -12.031 -5.302  1.00 23.28  ? 128 LYS A C   1 
ATOM   943  O O   . LYS A 1 148 ? -4.651  -11.727 -4.113  1.00 24.45  ? 128 LYS A O   1 
ATOM   944  C CB  . LYS A 1 148 ? -2.372  -12.725 -6.383  1.00 23.38  ? 128 LYS A CB  1 
ATOM   945  C CG  . LYS A 1 148 ? -1.227  -12.347 -7.306  1.00 27.41  ? 128 LYS A CG  1 
ATOM   946  C CD  . LYS A 1 148 ? -0.442  -13.560 -7.767  1.00 39.53  ? 128 LYS A CD  1 
ATOM   947  C CE  . LYS A 1 148 ? 0.184   -14.282 -6.595  1.00 36.43  ? 128 LYS A CE  1 
ATOM   948  N NZ  . LYS A 1 148 ? 1.406   -15.028 -7.008  1.00 48.05  ? 128 LYS A NZ  1 
ATOM   949  N N   . ARG A 1 149 ? -5.434  -12.787 -5.935  1.00 25.92  ? 129 ARG A N   1 
ATOM   950  C CA  . ARG A 1 149 ? -6.623  -13.209 -5.203  1.00 26.21  ? 129 ARG A CA  1 
ATOM   951  C C   . ARG A 1 149 ? -6.333  -14.271 -4.149  1.00 26.29  ? 129 ARG A C   1 
ATOM   952  O O   . ARG A 1 149 ? -7.252  -14.659 -3.418  1.00 27.56  ? 129 ARG A O   1 
ATOM   953  C CB  . ARG A 1 149 ? -7.716  -13.659 -6.170  1.00 31.83  ? 129 ARG A CB  1 
ATOM   954  C CG  . ARG A 1 149 ? -7.388  -14.928 -6.903  1.00 31.76  ? 129 ARG A CG  1 
ATOM   955  C CD  . ARG A 1 149 ? -8.516  -15.268 -7.847  1.00 33.62  ? 129 ARG A CD  1 
ATOM   956  N NE  . ARG A 1 149 ? -8.448  -14.464 -9.059  1.00 28.18  ? 129 ARG A NE  1 
ATOM   957  C CZ  . ARG A 1 149 ? -9.452  -14.306 -9.920  1.00 30.22  ? 129 ARG A CZ  1 
ATOM   958  N NH1 . ARG A 1 149 ? -10.621 -14.892 -9.702  1.00 30.13  ? 129 ARG A NH1 1 
ATOM   959  N NH2 . ARG A 1 149 ? -9.285  -13.560 -11.003 1.00 32.75  ? 129 ARG A NH2 1 
ATOM   960  N N   . THR A 1 150 ? -5.087  -14.737 -4.051  1.00 26.95  ? 130 THR A N   1 
ATOM   961  C CA  . THR A 1 150 ? -4.659  -15.587 -2.949  1.00 29.54  ? 130 THR A CA  1 
ATOM   962  C C   . THR A 1 150 ? -4.324  -14.794 -1.696  1.00 33.99  ? 130 THR A C   1 
ATOM   963  O O   . THR A 1 150 ? -4.212  -15.386 -0.615  1.00 33.86  ? 130 THR A O   1 
ATOM   964  C CB  . THR A 1 150 ? -3.416  -16.377 -3.358  1.00 28.59  ? 130 THR A CB  1 
ATOM   965  O OG1 . THR A 1 150 ? -2.354  -15.464 -3.677  1.00 29.40  ? 130 THR A OG1 1 
ATOM   966  C CG2 . THR A 1 150 ? -3.710  -17.250 -4.566  1.00 36.39  ? 130 THR A CG2 1 
ATOM   967  N N   . GLY A 1 151 ? -4.157  -13.481 -1.811  1.00 25.23  ? 131 GLY A N   1 
ATOM   968  C CA  . GLY A 1 151 ? -3.702  -12.665 -0.709  1.00 25.31  ? 131 GLY A CA  1 
ATOM   969  C C   . GLY A 1 151 ? -2.213  -12.401 -0.697  1.00 26.57  ? 131 GLY A C   1 
ATOM   970  O O   . GLY A 1 151 ? -1.741  -11.649 0.167   1.00 26.27  ? 131 GLY A O   1 
ATOM   971  N N   . GLN A 1 152 ? -1.459  -12.998 -1.615  1.00 27.74  ? 132 GLN A N   1 
ATOM   972  C CA  . GLN A 1 152 ? -0.047  -12.688 -1.759  1.00 24.14  ? 132 GLN A CA  1 
ATOM   973  C C   . GLN A 1 152 ? 0.117   -11.539 -2.746  1.00 22.92  ? 132 GLN A C   1 
ATOM   974  O O   . GLN A 1 152 ? -0.718  -11.338 -3.631  1.00 25.15  ? 132 GLN A O   1 
ATOM   975  C CB  . GLN A 1 152 ? 0.726   -13.906 -2.267  1.00 28.16  ? 132 GLN A CB  1 
ATOM   976  C CG  . GLN A 1 152 ? 0.585   -15.140 -1.388  1.00 30.66  ? 132 GLN A CG  1 
ATOM   977  C CD  . GLN A 1 152 ? 1.048   -14.901 0.036   1.00 39.64  ? 132 GLN A CD  1 
ATOM   978  O OE1 . GLN A 1 152 ? 2.158   -14.419 0.267   1.00 44.02  ? 132 GLN A OE1 1 
ATOM   979  N NE2 . GLN A 1 152 ? 0.199   -15.238 1.001   1.00 44.52  ? 132 GLN A NE2 1 
ATOM   980  N N   . TYR A 1 153 ? 1.203   -10.785 -2.587  1.00 23.14  ? 133 TYR A N   1 
ATOM   981  C CA  . TYR A 1 153 ? 1.434   -9.666  -3.487  1.00 20.07  ? 133 TYR A CA  1 
ATOM   982  C C   . TYR A 1 153 ? 1.698   -10.150 -4.905  1.00 22.30  ? 133 TYR A C   1 
ATOM   983  O O   . TYR A 1 153 ? 2.166   -11.271 -5.132  1.00 24.38  ? 133 TYR A O   1 
ATOM   984  C CB  . TYR A 1 153 ? 2.586   -8.777  -2.999  1.00 21.07  ? 133 TYR A CB  1 
ATOM   985  C CG  . TYR A 1 153 ? 3.988   -9.331  -3.158  1.00 24.16  ? 133 TYR A CG  1 
ATOM   986  C CD1 . TYR A 1 153 ? 4.650   -9.266  -4.377  1.00 23.94  ? 133 TYR A CD1 1 
ATOM   987  C CD2 . TYR A 1 153 ? 4.667   -9.880  -2.073  1.00 28.36  ? 133 TYR A CD2 1 
ATOM   988  C CE1 . TYR A 1 153 ? 5.928   -9.760  -4.529  1.00 27.35  ? 133 TYR A CE1 1 
ATOM   989  C CE2 . TYR A 1 153 ? 5.957   -10.375 -2.214  1.00 28.47  ? 133 TYR A CE2 1 
ATOM   990  C CZ  . TYR A 1 153 ? 6.579   -10.313 -3.448  1.00 33.55  ? 133 TYR A CZ  1 
ATOM   991  O OH  . TYR A 1 153 ? 7.858   -10.801 -3.608  1.00 36.02  ? 133 TYR A OH  1 
ATOM   992  N N   . LYS A 1 154 ? 1.392   -9.282  -5.859  1.00 19.47  ? 134 LYS A N   1 
ATOM   993  C CA  . LYS A 1 154 ? 1.642   -9.520  -7.271  1.00 22.27  ? 134 LYS A CA  1 
ATOM   994  C C   . LYS A 1 154 ? 2.886   -8.749  -7.686  1.00 20.47  ? 134 LYS A C   1 
ATOM   995  O O   . LYS A 1 154 ? 3.009   -7.554  -7.400  1.00 20.97  ? 134 LYS A O   1 
ATOM   996  C CB  . LYS A 1 154 ? 0.445   -9.039  -8.087  1.00 24.18  ? 134 LYS A CB  1 
ATOM   997  C CG  . LYS A 1 154 ? 0.515   -9.384  -9.555  1.00 22.89  ? 134 LYS A CG  1 
ATOM   998  C CD  . LYS A 1 154 ? -0.808  -9.104  -10.235 1.00 25.04  ? 134 LYS A CD  1 
ATOM   999  C CE  . LYS A 1 154 ? -0.789  -9.584  -11.675 1.00 29.06  ? 134 LYS A CE  1 
ATOM   1000 N NZ  . LYS A 1 154 ? -2.122  -9.407  -12.314 1.00 34.39  ? 134 LYS A NZ  1 
ATOM   1001 N N   . LEU A 1 155 ? 3.812   -9.435  -8.348  1.00 22.28  ? 135 LEU A N   1 
ATOM   1002 C CA  . LEU A 1 155 ? 5.049   -8.800  -8.775  1.00 23.39  ? 135 LEU A CA  1 
ATOM   1003 C C   . LEU A 1 155 ? 4.751   -7.551  -9.598  1.00 23.67  ? 135 LEU A C   1 
ATOM   1004 O O   . LEU A 1 155 ? 3.891   -7.561  -10.484 1.00 22.64  ? 135 LEU A O   1 
ATOM   1005 C CB  . LEU A 1 155 ? 5.852   -9.797  -9.606  1.00 28.41  ? 135 LEU A CB  1 
ATOM   1006 C CG  . LEU A 1 155 ? 7.349   -9.520  -9.718  1.00 28.47  ? 135 LEU A CG  1 
ATOM   1007 C CD1 . LEU A 1 155 ? 8.044   -9.729  -8.385  1.00 28.98  ? 135 LEU A CD1 1 
ATOM   1008 C CD2 . LEU A 1 155 ? 7.945   -10.419 -10.791 1.00 30.03  ? 135 LEU A CD2 1 
ATOM   1009 N N   . GLY A 1 156 ? 5.472   -6.468  -9.295  1.00 21.40  ? 136 GLY A N   1 
ATOM   1010 C CA  . GLY A 1 156 ? 5.186   -5.188  -9.935  1.00 21.85  ? 136 GLY A CA  1 
ATOM   1011 C C   . GLY A 1 156 ? 5.231   -5.245  -11.451 1.00 23.49  ? 136 GLY A C   1 
ATOM   1012 O O   . GLY A 1 156 ? 4.416   -4.616  -12.128 1.00 24.97  ? 136 GLY A O   1 
ATOM   1013 N N   . SER A 1 157 ? 6.173   -6.016  -12.004 1.00 24.79  ? 137 SER A N   1 
ATOM   1014 C CA  . SER A 1 157 ? 6.318   -6.103  -13.453 1.00 27.93  ? 137 SER A CA  1 
ATOM   1015 C C   . SER A 1 157 ? 5.137   -6.802  -14.114 1.00 26.28  ? 137 SER A C   1 
ATOM   1016 O O   . SER A 1 157 ? 4.972   -6.696  -15.337 1.00 30.21  ? 137 SER A O   1 
ATOM   1017 C CB  . SER A 1 157 ? 7.628   -6.813  -13.806 1.00 28.63  ? 137 SER A CB  1 
ATOM   1018 O OG  . SER A 1 157 ? 7.809   -7.970  -13.004 1.00 31.15  ? 137 SER A OG  1 
ATOM   1019 N N   . LYS A 1 158 ? 4.313   -7.509  -13.341 1.00 24.69  ? 138 LYS A N   1 
ATOM   1020 C CA  . LYS A 1 158 ? 3.123   -8.160  -13.868 1.00 23.61  ? 138 LYS A CA  1 
ATOM   1021 C C   . LYS A 1 158 ? 1.871   -7.303  -13.740 1.00 27.01  ? 138 LYS A C   1 
ATOM   1022 O O   . LYS A 1 158 ? 0.816   -7.698  -14.247 1.00 26.93  ? 138 LYS A O   1 
ATOM   1023 C CB  . LYS A 1 158 ? 2.890   -9.485  -13.146 1.00 26.30  ? 138 LYS A CB  1 
ATOM   1024 C CG  . LYS A 1 158 ? 4.073   -10.442 -13.179 1.00 33.28  ? 138 LYS A CG  1 
ATOM   1025 C CD  . LYS A 1 158 ? 3.655   -11.828 -12.691 1.00 44.44  ? 138 LYS A CD  1 
ATOM   1026 C CE  . LYS A 1 158 ? 2.470   -11.730 -11.731 1.00 47.59  ? 138 LYS A CE  1 
ATOM   1027 N NZ  . LYS A 1 158 ? 1.760   -13.023 -11.489 1.00 49.79  ? 138 LYS A NZ  1 
ATOM   1028 N N   . THR A 1 159 ? 1.955   -6.149  -13.077 1.00 23.12  ? 139 THR A N   1 
ATOM   1029 C CA  . THR A 1 159 ? 0.791   -5.297  -12.897 1.00 21.76  ? 139 THR A CA  1 
ATOM   1030 C C   . THR A 1 159 ? 0.576   -4.404  -14.116 1.00 22.86  ? 139 THR A C   1 
ATOM   1031 O O   . THR A 1 159 ? 1.419   -4.311  -15.013 1.00 23.91  ? 139 THR A O   1 
ATOM   1032 C CB  . THR A 1 159 ? 0.939   -4.433  -11.640 1.00 18.15  ? 139 THR A CB  1 
ATOM   1033 O OG1 . THR A 1 159 ? 2.015   -3.497  -11.793 1.00 18.17  ? 139 THR A OG1 1 
ATOM   1034 C CG2 . THR A 1 159 ? 1.195   -5.311  -10.412 1.00 22.42  ? 139 THR A CG2 1 
ATOM   1035 N N   . GLY A 1 160 ? -0.571  -3.727  -14.121 1.00 21.92  ? 140 GLY A N   1 
ATOM   1036 C CA  . GLY A 1 160 ? -0.972  -2.861  -15.207 1.00 23.83  ? 140 GLY A CA  1 
ATOM   1037 C C   . GLY A 1 160 ? -2.299  -2.183  -14.918 1.00 25.49  ? 140 GLY A C   1 
ATOM   1038 O O   . GLY A 1 160 ? -3.045  -2.595  -14.028 1.00 23.40  ? 140 GLY A O   1 
ATOM   1039 N N   . PRO A 1 161 ? -2.627  -1.143  -15.690 1.00 24.36  ? 141 PRO A N   1 
ATOM   1040 C CA  . PRO A 1 161 ? -3.740  -0.250  -15.308 1.00 27.22  ? 141 PRO A CA  1 
ATOM   1041 C C   . PRO A 1 161 ? -5.130  -0.879  -15.255 1.00 32.04  ? 141 PRO A C   1 
ATOM   1042 O O   . PRO A 1 161 ? -5.989  -0.361  -14.528 1.00 39.49  ? 141 PRO A O   1 
ATOM   1043 C CB  . PRO A 1 161 ? -3.667  0.877   -16.353 1.00 29.79  ? 141 PRO A CB  1 
ATOM   1044 C CG  . PRO A 1 161 ? -2.836  0.331   -17.469 1.00 32.69  ? 141 PRO A CG  1 
ATOM   1045 C CD  . PRO A 1 161 ? -1.865  -0.618  -16.835 1.00 29.77  ? 141 PRO A CD  1 
ATOM   1046 N N   . GLY A 1 162 ? -5.399  -1.954  -15.987 1.00 32.68  ? 142 GLY A N   1 
ATOM   1047 C CA  . GLY A 1 162 ? -6.741  -2.506  -16.026 1.00 31.98  ? 142 GLY A CA  1 
ATOM   1048 C C   . GLY A 1 162 ? -7.061  -3.613  -15.040 1.00 34.13  ? 142 GLY A C   1 
ATOM   1049 O O   . GLY A 1 162 ? -8.149  -4.194  -15.118 1.00 32.30  ? 142 GLY A O   1 
ATOM   1050 N N   . GLN A 1 163 ? -6.169  -3.911  -14.100 1.00 27.41  ? 143 GLN A N   1 
ATOM   1051 C CA  . GLN A 1 163 ? -6.279  -5.118  -13.294 1.00 25.57  ? 143 GLN A CA  1 
ATOM   1052 C C   . GLN A 1 163 ? -7.039  -4.867  -11.998 1.00 23.90  ? 143 GLN A C   1 
ATOM   1053 O O   . GLN A 1 163 ? -6.896  -3.819  -11.361 1.00 25.30  ? 143 GLN A O   1 
ATOM   1054 C CB  . GLN A 1 163 ? -4.884  -5.661  -12.981 1.00 23.22  ? 143 GLN A CB  1 
ATOM   1055 C CG  . GLN A 1 163 ? -4.054  -5.945  -14.229 1.00 27.31  ? 143 GLN A CG  1 
ATOM   1056 C CD  . GLN A 1 163 ? -2.687  -6.520  -13.902 1.00 30.91  ? 143 GLN A CD  1 
ATOM   1057 O OE1 . GLN A 1 163 ? -2.281  -6.549  -12.744 1.00 28.30  ? 143 GLN A OE1 1 
ATOM   1058 N NE2 . GLN A 1 163 ? -1.971  -6.977  -14.923 1.00 27.33  ? 143 GLN A NE2 1 
ATOM   1059 N N   . LYS A 1 164 ? -7.831  -5.859  -11.595 1.00 22.54  ? 144 LYS A N   1 
ATOM   1060 C CA  . LYS A 1 164 ? -8.483  -5.790  -10.297 1.00 23.43  ? 144 LYS A CA  1 
ATOM   1061 C C   . LYS A 1 164 ? -7.453  -5.787  -9.170  1.00 20.83  ? 144 LYS A C   1 
ATOM   1062 O O   . LYS A 1 164 ? -7.710  -5.240  -8.091  1.00 19.60  ? 144 LYS A O   1 
ATOM   1063 C CB  . LYS A 1 164 ? -9.448  -6.973  -10.157 1.00 25.05  ? 144 LYS A CB  1 
ATOM   1064 C CG  . LYS A 1 164 ? -10.450 -6.824  -9.038  1.00 24.62  ? 144 LYS A CG  1 
ATOM   1065 C CD  . LYS A 1 164 ? -11.441 -7.983  -8.996  1.00 31.41  ? 144 LYS A CD  1 
ATOM   1066 C CE  . LYS A 1 164 ? -12.355 -7.966  -10.206 1.00 41.99  ? 144 LYS A CE  1 
ATOM   1067 N NZ  . LYS A 1 164 ? -13.449 -8.970  -10.069 1.00 45.94  ? 144 LYS A NZ  1 
ATOM   1068 N N   . ALA A 1 165 ? -6.283  -6.388  -9.415  1.00 20.53  ? 145 ALA A N   1 
ATOM   1069 C CA  . ALA A 1 165 ? -5.265  -6.548  -8.385  1.00 19.03  ? 145 ALA A CA  1 
ATOM   1070 C C   . ALA A 1 165 ? -4.725  -5.224  -7.870  1.00 17.31  ? 145 ALA A C   1 
ATOM   1071 O O   . ALA A 1 165 ? -4.203  -5.198  -6.749  1.00 18.54  ? 145 ALA A O   1 
ATOM   1072 C CB  . ALA A 1 165 ? -4.100  -7.370  -8.934  1.00 20.26  ? 145 ALA A CB  1 
ATOM   1073 N N   . ILE A 1 166 ? -4.822  -4.140  -8.649  1.00 17.19  ? 146 ILE A N   1 
ATOM   1074 C CA  . ILE A 1 166 ? -4.227  -2.857  -8.268  1.00 16.00  ? 146 ILE A CA  1 
ATOM   1075 C C   . ILE A 1 166 ? -5.208  -1.923  -7.573  1.00 16.10  ? 146 ILE A C   1 
ATOM   1076 O O   . ILE A 1 166 ? -4.828  -0.800  -7.207  1.00 16.70  ? 146 ILE A O   1 
ATOM   1077 C CB  . ILE A 1 166 ? -3.565  -2.161  -9.475  1.00 16.08  ? 146 ILE A CB  1 
ATOM   1078 C CG1 . ILE A 1 166 ? -4.634  -1.595  -10.420 1.00 18.04  ? 146 ILE A CG1 1 
ATOM   1079 C CG2 . ILE A 1 166 ? -2.622  -3.117  -10.169 1.00 19.19  ? 146 ILE A CG2 1 
ATOM   1080 C CD1 . ILE A 1 166 ? -4.073  -0.721  -11.526 1.00 20.41  ? 146 ILE A CD1 1 
ATOM   1081 N N   . LEU A 1 167 ? -6.448  -2.357  -7.340  1.00 17.91  ? 147 LEU A N   1 
ATOM   1082 C CA  . LEU A 1 167 ? -7.490  -1.467  -6.834  1.00 18.23  ? 147 LEU A CA  1 
ATOM   1083 C C   . LEU A 1 167 ? -7.598  -1.601  -5.324  1.00 16.73  ? 147 LEU A C   1 
ATOM   1084 O O   . LEU A 1 167 ? -7.881  -2.697  -4.817  1.00 18.10  ? 147 LEU A O   1 
ATOM   1085 C CB  . LEU A 1 167 ? -8.839  -1.838  -7.435  1.00 19.72  ? 147 LEU A CB  1 
ATOM   1086 C CG  . LEU A 1 167 ? -8.929  -1.637  -8.934  1.00 23.47  ? 147 LEU A CG  1 
ATOM   1087 C CD1 . LEU A 1 167 ? -10.213 -2.276  -9.464  1.00 29.51  ? 147 LEU A CD1 1 
ATOM   1088 C CD2 . LEU A 1 167 ? -8.894  -0.167  -9.231  1.00 22.85  ? 147 LEU A CD2 1 
ATOM   1089 N N   . PHE A 1 168 ? -7.439  -0.481  -4.607  1.00 15.81  ? 148 PHE A N   1 
ATOM   1090 C CA  . PHE A 1 168 ? -7.554  -0.463  -3.152  1.00 14.89  ? 148 PHE A CA  1 
ATOM   1091 C C   . PHE A 1 168 ? -8.497  0.637   -2.691  1.00 18.38  ? 148 PHE A C   1 
ATOM   1092 O O   . PHE A 1 168 ? -8.358  1.793   -3.102  1.00 17.02  ? 148 PHE A O   1 
ATOM   1093 C CB  . PHE A 1 168 ? -6.190  -0.259  -2.474  1.00 15.20  ? 148 PHE A CB  1 
ATOM   1094 C CG  . PHE A 1 168 ? -5.224  -1.378  -2.707  1.00 13.99  ? 148 PHE A CG  1 
ATOM   1095 C CD1 . PHE A 1 168 ? -4.476  -1.429  -3.879  1.00 14.95  ? 148 PHE A CD1 1 
ATOM   1096 C CD2 . PHE A 1 168 ? -5.065  -2.380  -1.750  1.00 15.31  ? 148 PHE A CD2 1 
ATOM   1097 C CE1 . PHE A 1 168 ? -3.583  -2.462  -4.094  1.00 16.08  ? 148 PHE A CE1 1 
ATOM   1098 C CE2 . PHE A 1 168 ? -4.182  -3.418  -1.955  1.00 16.49  ? 148 PHE A CE2 1 
ATOM   1099 C CZ  . PHE A 1 168 ? -3.441  -3.474  -3.137  1.00 15.60  ? 148 PHE A CZ  1 
ATOM   1100 N N   . LEU A 1 169 ? -9.416  0.296   -1.779  1.00 16.98  ? 149 LEU A N   1 
ATOM   1101 C CA  . LEU A 1 169 ? -10.345 1.269   -1.224  1.00 20.31  ? 149 LEU A CA  1 
ATOM   1102 C C   . LEU A 1 169 ? -9.864  1.671   0.161   1.00 18.74  ? 149 LEU A C   1 
ATOM   1103 O O   . LEU A 1 169 ? -9.763  0.798   1.037   1.00 18.68  ? 149 LEU A O   1 
ATOM   1104 C CB  . LEU A 1 169 ? -11.738 0.654   -1.121  1.00 21.62  ? 149 LEU A CB  1 
ATOM   1105 C CG  . LEU A 1 169 ? -12.851 1.571   -0.606  1.00 26.85  ? 149 LEU A CG  1 
ATOM   1106 C CD1 . LEU A 1 169 ? -13.154 2.677   -1.608  1.00 26.85  ? 149 LEU A CD1 1 
ATOM   1107 C CD2 . LEU A 1 169 ? -14.105 0.766   -0.309  1.00 29.53  ? 149 LEU A CD2 1 
ATOM   1108 N N   . PRO A 1 170 ? -9.546  2.942   0.420   1.00 19.47  ? 150 PRO A N   1 
ATOM   1109 C CA  . PRO A 1 170 ? -9.245  3.354   1.797   1.00 22.24  ? 150 PRO A CA  1 
ATOM   1110 C C   . PRO A 1 170 ? -10.499 3.248   2.650   1.00 24.30  ? 150 PRO A C   1 
ATOM   1111 O O   . PRO A 1 170 ? -11.575 3.701   2.253   1.00 24.73  ? 150 PRO A O   1 
ATOM   1112 C CB  . PRO A 1 170 ? -8.795  4.815   1.645   1.00 21.96  ? 150 PRO A CB  1 
ATOM   1113 C CG  . PRO A 1 170 ? -8.396  4.942   0.215   1.00 22.53  ? 150 PRO A CG  1 
ATOM   1114 C CD  . PRO A 1 170 ? -9.304  4.027   -0.545  1.00 19.30  ? 150 PRO A CD  1 
ATOM   1115 N N   . MET A 1 171 ? -10.353 2.647   3.827   1.00 22.43  ? 151 MET A N   1 
ATOM   1116 C CA  . MET A 1 171 ? -11.469 2.445   4.738   1.00 24.72  ? 151 MET A CA  1 
ATOM   1117 C C   . MET A 1 171 ? -11.087 2.928   6.123   1.00 28.26  ? 151 MET A C   1 
ATOM   1118 O O   . MET A 1 171 ? -9.909  3.009   6.479   1.00 24.14  ? 151 MET A O   1 
ATOM   1119 C CB  . MET A 1 171 ? -11.895 0.975   4.809   1.00 23.43  ? 151 MET A CB  1 
ATOM   1120 C CG  . MET A 1 171 ? -12.526 0.467   3.515   1.00 26.85  ? 151 MET A CG  1 
ATOM   1121 S SD  . MET A 1 171 ? -12.980 -1.281  3.556   1.00 29.61  ? 151 MET A SD  1 
ATOM   1122 C CE  . MET A 1 171 ? -13.915 -1.360  5.079   1.00 37.21  ? 151 MET A CE  1 
ATOM   1123 N N   . SER A 1 172 ? -12.113 3.253   6.902   1.00 31.74  ? 152 SER A N   1 
ATOM   1124 C CA  . SER A 1 172 ? -11.893 3.695   8.268   1.00 32.22  ? 152 SER A CA  1 
ATOM   1125 C C   . SER A 1 172 ? -11.342 2.551   9.105   1.00 25.51  ? 152 SER A C   1 
ATOM   1126 O O   . SER A 1 172 ? -11.780 1.399   8.986   1.00 29.54  ? 152 SER A O   1 
ATOM   1127 C CB  . SER A 1 172 ? -13.204 4.196   8.868   1.00 35.90  ? 152 SER A CB  1 
ATOM   1128 O OG  . SER A 1 172 ? -13.045 4.495   10.243  1.00 36.60  ? 152 SER A OG  1 
ATOM   1129 N N   . ALA A 1 173 ? -10.358 2.872   9.940   1.00 29.93  ? 153 ALA A N   1 
ATOM   1130 C CA  . ALA A 1 173 ? -9.785  1.926   10.883  1.00 31.55  ? 153 ALA A CA  1 
ATOM   1131 C C   . ALA A 1 173 ? -10.451 1.996   12.249  1.00 36.46  ? 153 ALA A C   1 
ATOM   1132 O O   . ALA A 1 173 ? -9.923  1.436   13.215  1.00 42.30  ? 153 ALA A O   1 
ATOM   1133 C CB  . ALA A 1 173 ? -8.276  2.151   11.009  1.00 28.76  ? 153 ALA A CB  1 
ATOM   1134 N N   . LYS A 1 174 ? -11.594 2.668   12.350  1.00 38.47  ? 154 LYS A N   1 
ATOM   1135 C CA  . LYS A 1 174 ? -12.302 2.791   13.619  1.00 45.33  ? 154 LYS A CA  1 
ATOM   1136 C C   . LYS A 1 174 ? -13.260 1.620   13.807  1.00 51.82  ? 154 LYS A C   1 
ATOM   1137 O O   . LYS A 1 174 ? -12.834 0.491   14.052  1.00 58.83  ? 154 LYS A O   1 
ATOM   1138 C CB  . LYS A 1 174 ? -13.075 4.112   13.680  1.00 46.10  ? 154 LYS A CB  1 
ATOM   1139 C CG  . LYS A 1 174 ? -12.296 5.343   13.224  1.00 49.90  ? 154 LYS A CG  1 
ATOM   1140 C CD  . LYS A 1 174 ? -10.919 5.432   13.870  1.00 52.84  ? 154 LYS A CD  1 
ATOM   1141 C CE  . LYS A 1 174 ? -10.003 6.364   13.087  1.00 50.83  ? 154 LYS A CE  1 
ATOM   1142 N NZ  . LYS A 1 174 ? -9.284  5.654   11.995  1.00 50.58  ? 154 LYS A NZ  1 
HETATM 1143 O O   . HOH B 2 .   ? -9.813  5.553   9.861   1.00 40.59  ? 201 HOH A O   1 
HETATM 1144 O O   . HOH B 2 .   ? -11.001 5.480   -3.225  1.00 36.42  ? 202 HOH A O   1 
HETATM 1145 O O   . HOH B 2 .   ? -3.401  7.943   7.280   1.00 34.42  ? 203 HOH A O   1 
HETATM 1146 O O   . HOH B 2 .   ? 9.078   -11.804 -1.740  1.00 40.80  ? 204 HOH A O   1 
HETATM 1147 O O   . HOH B 2 .   ? 5.788   8.843   8.252   1.00 42.73  ? 205 HOH A O   1 
HETATM 1148 O O   . HOH B 2 .   ? -16.542 -2.770  -3.703  1.00 38.62  ? 206 HOH A O   1 
HETATM 1149 O O   . HOH B 2 .   ? 18.990  -4.831  -9.564  1.00 24.67  ? 207 HOH A O   1 
HETATM 1150 O O   . HOH B 2 .   ? 3.567   -13.215 -4.200  1.00 33.41  ? 208 HOH A O   1 
HETATM 1151 O O   . HOH B 2 .   ? 2.608   -15.630 -4.809  1.00 40.77  ? 209 HOH A O   1 
HETATM 1152 O O   . HOH B 2 .   ? -1.420  20.925  22.374  1.00 50.90  ? 210 HOH A O   1 
HETATM 1153 O O   . HOH B 2 .   ? -9.008  0.080   17.059  1.00 42.65  ? 211 HOH A O   1 
HETATM 1154 O O   . HOH B 2 .   ? 14.733  0.919   -0.633  1.00 35.71  ? 212 HOH A O   1 
HETATM 1155 O O   . HOH B 2 .   ? 9.275   -4.089  12.752  1.00 38.17  ? 213 HOH A O   1 
HETATM 1156 O O   . HOH B 2 .   ? 15.249  8.642   -6.284  1.00 49.68  ? 214 HOH A O   1 
HETATM 1157 O O   . HOH B 2 .   ? -0.280  -16.887 -4.398  1.00 44.47  ? 215 HOH A O   1 
HETATM 1158 O O   . HOH B 2 .   ? -7.005  -4.084  12.688  1.00 33.38  ? 216 HOH A O   1 
HETATM 1159 O O   . HOH B 2 .   ? -2.363  -15.673 1.351   1.00 41.64  ? 217 HOH A O   1 
HETATM 1160 O O   . HOH B 2 .   ? 16.740  1.766   -8.447  1.00 36.36  ? 218 HOH A O   1 
HETATM 1161 O O   . HOH B 2 .   ? 5.973   -4.704  15.311  1.00 28.40  ? 219 HOH A O   1 
HETATM 1162 O O   . HOH B 2 .   ? -2.307  -0.022  -6.843  1.00 16.86  ? 220 HOH A O   1 
HETATM 1163 O O   . HOH B 2 .   ? 9.205   1.710   -5.716  1.00 25.28  ? 221 HOH A O   1 
HETATM 1164 O O   . HOH B 2 .   ? 8.351   -1.162  -17.121 1.00 30.97  ? 222 HOH A O   1 
HETATM 1165 O O   . HOH B 2 .   ? 5.881   -5.030  -17.225 1.00 42.19  ? 223 HOH A O   1 
HETATM 1166 O O   . HOH B 2 .   ? -14.978 9.494   -5.745  1.00 45.14  ? 224 HOH A O   1 
HETATM 1167 O O   . HOH B 2 .   ? 8.968   4.787   -5.353  1.00 27.56  ? 225 HOH A O   1 
HETATM 1168 O O   . HOH B 2 .   ? 13.952  5.156   -11.235 1.00 29.94  ? 226 HOH A O   1 
HETATM 1169 O O   . HOH B 2 .   ? -14.259 3.518   2.415   1.00 43.15  ? 227 HOH A O   1 
HETATM 1170 O O   . HOH B 2 .   ? 15.628  1.596   4.531   1.00 39.51  ? 228 HOH A O   1 
HETATM 1171 O O   . HOH B 2 .   ? -14.061 0.453   7.902   1.00 37.27  ? 229 HOH A O   1 
HETATM 1172 O O   . HOH B 2 .   ? 5.760   3.803   1.774   1.00 19.98  ? 230 HOH A O   1 
HETATM 1173 O O   . HOH B 2 .   ? 3.661   -2.927  -15.639 1.00 31.55  ? 231 HOH A O   1 
HETATM 1174 O O   . HOH B 2 .   ? 2.678   -11.792 -0.253  1.00 27.11  ? 232 HOH A O   1 
HETATM 1175 O O   . HOH B 2 .   ? -4.818  8.969   1.114   1.00 30.84  ? 233 HOH A O   1 
HETATM 1176 O O   . HOH B 2 .   ? 4.289   3.245   13.572  1.00 32.25  ? 234 HOH A O   1 
HETATM 1177 O O   . HOH B 2 .   ? 9.881   -9.403  -1.165  1.00 42.55  ? 235 HOH A O   1 
HETATM 1178 O O   . HOH B 2 .   ? 10.460  -8.232  -12.360 1.00 28.80  ? 236 HOH A O   1 
HETATM 1179 O O   . HOH B 2 .   ? 6.957   -9.266  1.118   1.00 29.02  ? 237 HOH A O   1 
HETATM 1180 O O   . HOH B 2 .   ? -8.219  -10.516 -10.790 1.00 29.03  ? 238 HOH A O   1 
HETATM 1181 O O   . HOH B 2 .   ? 1.470   0.085   -16.082 1.00 27.55  ? 239 HOH A O   1 
HETATM 1182 O O   . HOH B 2 .   ? -0.339  -1.912  11.614  1.00 21.08  ? 240 HOH A O   1 
HETATM 1183 O O   . HOH B 2 .   ? -5.047  -2.366  5.340   1.00 17.65  ? 241 HOH A O   1 
HETATM 1184 O O   . HOH B 2 .   ? 3.598   12.462  20.236  1.00 32.34  ? 242 HOH A O   1 
HETATM 1185 O O   . HOH B 2 .   ? -1.926  6.256   12.865  1.00 35.67  ? 243 HOH A O   1 
HETATM 1186 O O   . HOH B 2 .   ? -10.837 -11.635 -7.796  1.00 33.57  ? 244 HOH A O   1 
HETATM 1187 O O   . HOH B 2 .   ? -7.918  -1.538  -12.552 1.00 32.35  ? 245 HOH A O   1 
HETATM 1188 O O   . HOH B 2 .   ? -4.076  11.343  -4.480  1.00 34.10  ? 246 HOH A O   1 
HETATM 1189 O O   . HOH B 2 .   ? -3.872  -3.759  -17.439 1.00 38.69  ? 247 HOH A O   1 
HETATM 1190 O O   . HOH B 2 .   ? -5.033  9.179   5.431   1.00 41.46  ? 248 HOH A O   1 
HETATM 1191 O O   . HOH B 2 .   ? -12.430 5.929   0.794   1.00 41.38  ? 249 HOH A O   1 
HETATM 1192 O O   . HOH B 2 .   ? -8.199  10.558  -10.507 1.00 19.94  ? 250 HOH A O   1 
HETATM 1193 O O   . HOH B 2 .   ? -1.530  -11.026 12.583  1.00 42.74  ? 251 HOH A O   1 
HETATM 1194 O O   . HOH B 2 .   ? -1.044  7.123   -11.266 1.00 19.43  ? 252 HOH A O   1 
HETATM 1195 O O   . HOH B 2 .   ? -13.316 -11.090 8.760   0.50 32.50  ? 253 HOH A O   1 
HETATM 1196 O O   . HOH B 2 .   ? 10.724  8.287   -5.486  1.00 31.22  ? 254 HOH A O   1 
HETATM 1197 O O   . HOH B 2 .   ? -18.384 7.123   -13.522 1.00 33.82  ? 255 HOH A O   1 
HETATM 1198 O O   . HOH B 2 .   ? 1.197   13.300  -8.449  1.00 38.43  ? 256 HOH A O   1 
HETATM 1199 O O   . HOH B 2 .   ? 2.705   -5.005  -6.105  1.00 18.34  ? 257 HOH A O   1 
HETATM 1200 O O   . HOH B 2 .   ? 1.991   -2.900  10.390  1.00 23.20  ? 258 HOH A O   1 
HETATM 1201 O O   . HOH B 2 .   ? 7.880   8.954   -11.667 1.00 28.54  ? 259 HOH A O   1 
HETATM 1202 O O   . HOH B 2 .   ? -1.711  5.351   -9.201  1.00 18.39  ? 260 HOH A O   1 
HETATM 1203 O O   . HOH B 2 .   ? -3.433  -2.085  14.965  1.00 30.00  ? 261 HOH A O   1 
HETATM 1204 O O   . HOH B 2 .   ? 3.115   6.955   5.706   1.00 25.02  ? 262 HOH A O   1 
HETATM 1205 O O   . HOH B 2 .   ? -8.078  -13.986 5.653   1.00 38.42  ? 263 HOH A O   1 
HETATM 1206 O O   . HOH B 2 .   ? -3.897  11.916  9.169   1.00 44.45  ? 264 HOH A O   1 
HETATM 1207 O O   . HOH B 2 .   ? -9.741  0.679   -12.534 1.00 36.78  ? 265 HOH A O   1 
HETATM 1208 O O   . HOH B 2 .   ? 4.648   8.696   -14.868 1.00 36.32  ? 266 HOH A O   1 
HETATM 1209 O O   . HOH B 2 .   ? 3.167   -12.574 -8.965  1.00 29.65  ? 267 HOH A O   1 
HETATM 1210 O O   . HOH B 2 .   ? -8.363  8.487   -1.012  1.00 30.70  ? 268 HOH A O   1 
HETATM 1211 O O   . HOH B 2 .   ? 8.137   -4.048  -16.497 1.00 26.56  ? 269 HOH A O   1 
HETATM 1212 O O   . HOH B 2 .   ? 16.045  -10.528 -8.016  1.00 38.63  ? 270 HOH A O   1 
HETATM 1213 O O   . HOH B 2 .   ? -8.353  9.463   -3.878  1.00 38.06  ? 271 HOH A O   1 
HETATM 1214 O O   . HOH B 2 .   ? 3.501   8.088   8.232   1.00 30.36  ? 272 HOH A O   1 
HETATM 1215 O O   . HOH B 2 .   ? -10.208 -14.798 -3.483  1.00 38.07  ? 273 HOH A O   1 
HETATM 1216 O O   . HOH B 2 .   ? -1.798  -14.420 10.120  1.00 45.95  ? 274 HOH A O   1 
HETATM 1217 O O   . HOH B 2 .   ? -1.070  12.886  -1.522  1.00 32.77  ? 275 HOH A O   1 
HETATM 1218 O O   . HOH B 2 .   ? -8.865  -7.796  -13.620 1.00 32.08  ? 276 HOH A O   1 
HETATM 1219 O O   . HOH B 2 .   ? 11.698  -10.531 -9.211  1.00 39.04  ? 277 HOH A O   1 
HETATM 1220 O O   . HOH B 2 .   ? -1.129  11.060  -8.531  1.00 25.91  ? 278 HOH A O   1 
HETATM 1221 O O   . HOH B 2 .   ? -4.453  -14.346 4.619   1.00 46.44  ? 279 HOH A O   1 
HETATM 1222 O O   . HOH B 2 .   ? 0.585   9.543   15.025  1.00 42.31  ? 280 HOH A O   1 
HETATM 1223 O O   . HOH B 2 .   ? 16.583  6.778   -1.238  1.00 38.66  ? 281 HOH A O   1 
HETATM 1224 O O   . HOH B 2 .   ? -0.838  12.878  5.621   1.00 40.81  ? 282 HOH A O   1 
HETATM 1225 O O   . HOH B 2 .   ? 12.291  6.663   8.072   1.00 28.94  ? 283 HOH A O   1 
HETATM 1226 O O   . HOH B 2 .   ? -2.834  16.067  15.484  1.00 36.64  ? 284 HOH A O   1 
HETATM 1227 O O   . HOH B 2 .   ? -13.248 -9.067  9.972   1.00 33.79  ? 285 HOH A O   1 
HETATM 1228 O O   . HOH B 2 .   ? 5.394   -11.603 1.345   1.00 40.49  ? 286 HOH A O   1 
HETATM 1229 O O   . HOH B 2 .   ? -4.126  -10.894 -10.435 1.00 37.33  ? 287 HOH A O   1 
HETATM 1230 O O   . HOH B 2 .   ? -14.622 7.749   -7.719  1.00 35.52  ? 288 HOH A O   1 
HETATM 1231 O O   . HOH B 2 .   ? 15.717  0.406   6.652   1.00 42.65  ? 289 HOH A O   1 
HETATM 1232 O O   . HOH B 2 .   ? 12.036  -6.347  4.446   1.00 44.21  ? 290 HOH A O   1 
HETATM 1233 O O   . HOH B 2 .   ? 10.634  -8.068  13.392  1.00 43.09  ? 291 HOH A O   1 
HETATM 1234 O O   . HOH B 2 .   ? -1.484  10.440  7.760   1.00 38.35  ? 292 HOH A O   1 
HETATM 1235 O O   . HOH B 2 .   ? 14.722  -2.433  6.878   1.00 39.24  ? 293 HOH A O   1 
HETATM 1236 O O   . HOH B 2 .   ? -3.395  10.954  2.032   1.00 41.39  ? 294 HOH A O   1 
HETATM 1237 O O   . HOH B 2 .   ? 5.177   13.912  9.197   1.00 41.98  ? 295 HOH A O   1 
HETATM 1238 O O   . HOH B 2 .   ? -5.368  -12.943 -9.181  1.00 22.54  ? 296 HOH A O   1 
HETATM 1239 O O   . HOH B 2 .   ? -6.039  -8.796  -11.642 1.00 26.24  ? 297 HOH A O   1 
HETATM 1240 O O   . HOH B 2 .   ? -0.458  9.856   -10.943 1.00 23.24  ? 298 HOH A O   1 
HETATM 1241 O O   . HOH B 2 .   ? -3.430  13.820  -4.126  1.00 41.38  ? 299 HOH A O   1 
HETATM 1242 O O   . HOH B 2 .   ? 4.741   -13.586 -1.664  1.00 37.11  ? 300 HOH A O   1 
HETATM 1243 O O   . HOH B 2 .   ? -6.783  -1.229  17.759  1.00 38.63  ? 301 HOH A O   1 
HETATM 1244 O O   . HOH B 2 .   ? 10.402  -8.760  2.792   1.00 47.51  ? 302 HOH A O   1 
HETATM 1245 O O   . HOH B 2 .   ? 4.489   -13.526 2.801   1.00 48.29  ? 303 HOH A O   1 
HETATM 1246 O O   . HOH B 2 .   ? 6.857   13.250  -10.026 1.00 36.25  ? 304 HOH A O   1 
HETATM 1247 O O   . HOH B 2 .   ? 6.450   -11.128 11.282  1.00 40.51  ? 305 HOH A O   1 
HETATM 1248 O O   . HOH B 2 .   ? -6.332  7.890   3.167   1.00 36.50  ? 306 HOH A O   1 
HETATM 1249 O O   . HOH B 2 .   ? 3.687   11.283  -13.169 1.00 38.06  ? 307 HOH A O   1 
HETATM 1250 O O   . HOH B 2 .   ? 10.569  6.343   10.329  1.00 34.02  ? 308 HOH A O   1 
HETATM 1251 O O   . HOH B 2 .   ? -7.829  -14.847 8.006   0.70 36.41  ? 309 HOH A O   1 
HETATM 1252 O O   . HOH B 2 .   ? 6.593   10.985  9.617   1.00 35.17  ? 310 HOH A O   1 
HETATM 1253 O O   . HOH B 2 .   ? -11.643 7.174   -1.787  1.00 41.12  ? 311 HOH A O   1 
HETATM 1254 O O   . HOH B 2 .   ? -5.752  -3.122  15.739  1.00 30.00  ? 312 HOH A O   1 
HETATM 1255 O O   . HOH B 2 .   ? -16.504 8.767   -10.010 1.00 35.05  ? 313 HOH A O   1 
HETATM 1256 O O   . HOH B 2 .   ? -6.585  -7.622  -16.224 1.00 40.79  ? 314 HOH A O   1 
HETATM 1257 O O   . HOH B 2 .   ? -4.109  -15.980 -7.909  1.00 32.26  ? 315 HOH A O   1 
HETATM 1258 O O   . HOH B 2 .   ? -0.468  -18.740 -2.424  1.00 49.08  ? 316 HOH A O   1 
HETATM 1259 O O   . HOH B 2 .   ? -6.640  11.523  -5.040  1.00 42.72  ? 317 HOH A O   1 
HETATM 1260 O O   . HOH B 2 .   ? 6.676   18.218  1.143   1.00 53.86  ? 318 HOH A O   1 
HETATM 1261 O O   . HOH B 2 .   ? 8.640   -4.663  15.420  1.00 36.15  ? 319 HOH A O   1 
HETATM 1262 O O   . HOH B 2 .   ? 5.899   -13.022 -6.584  1.00 49.22  ? 320 HOH A O   1 
HETATM 1263 O O   . HOH B 2 .   ? -5.978  -8.955  -14.245 1.00 41.15  ? 321 HOH A O   1 
HETATM 1264 O O   . HOH B 2 .   ? -3.900  13.738  -0.444  1.00 40.51  ? 322 HOH A O   1 
HETATM 1265 O O   . HOH B 2 .   ? -5.066  0.371   18.320  1.00 34.47  ? 323 HOH A O   1 
HETATM 1266 O O   . HOH B 2 .   ? 9.457   -12.415 -13.616 1.00 36.51  ? 324 HOH A O   1 
HETATM 1267 O O   . HOH B 2 .   ? 9.816   -7.232  15.923  1.00 45.73  ? 325 HOH A O   1 
HETATM 1268 O O   . HOH B 2 .   ? -2.828  0.205   16.273  0.50 28.50  ? 326 HOH A O   1 
HETATM 1269 O O   . HOH B 2 .   ? 16.108  -4.306  13.399  1.00 100.03 ? 327 HOH A O   1 
HETATM 1270 O O   . HOH B 2 .   ? -3.109  22.422  1.185   1.00 65.46  ? 328 HOH A O   1 
# 
